data_1V60
#
_entry.id   1V60
#
_cell.length_a   1.000
_cell.length_b   1.000
_cell.length_c   1.000
_cell.angle_alpha   90.00
_cell.angle_beta   90.00
_cell.angle_gamma   90.00
#
_symmetry.space_group_name_H-M   'P 1'
#
_entity_poly.entity_id   1
_entity_poly.type   'polypeptide(L)'
_entity_poly.pdbx_seq_one_letter_code
;GSSGSSGMATRSCVSRGSAGSAAAGPVEAAIRAKLEQALSPEVLELRNESGGHAVPAGSETHFRVAVVSSRFEGMSPLQR
HRLVHEALSEELAGPVHALAIQAKTPAQWRENPQLDISPPCLG
;
_entity_poly.pdbx_strand_id   A
#
# COMPACT_ATOMS: atom_id res chain seq x y z
N GLY A 1 43.38 1.76 13.58
CA GLY A 1 41.96 1.65 13.27
C GLY A 1 41.37 0.40 13.93
N SER A 2 41.27 0.45 15.25
CA SER A 2 40.73 -0.66 16.01
C SER A 2 39.26 -0.40 16.36
N SER A 3 38.45 -1.44 16.20
CA SER A 3 37.03 -1.33 16.50
C SER A 3 36.81 -1.27 18.00
N GLY A 4 35.59 -0.96 18.38
CA GLY A 4 35.22 -0.86 19.78
C GLY A 4 34.97 0.59 20.18
N SER A 5 36.00 1.41 20.03
CA SER A 5 35.90 2.82 20.37
C SER A 5 34.58 3.39 19.86
N SER A 6 34.11 4.41 20.55
CA SER A 6 32.86 5.06 20.17
C SER A 6 33.15 6.27 19.28
N GLY A 7 32.87 6.10 18.00
CA GLY A 7 33.09 7.16 17.03
C GLY A 7 31.84 8.03 16.88
N MET A 8 31.76 8.69 15.74
CA MET A 8 30.62 9.55 15.45
C MET A 8 30.57 9.93 13.97
N ALA A 9 29.36 10.03 13.45
CA ALA A 9 29.17 10.38 12.05
C ALA A 9 30.04 11.59 11.71
N THR A 10 29.73 12.71 12.36
CA THR A 10 30.47 13.93 12.15
C THR A 10 30.69 14.16 10.65
N ARG A 11 29.64 14.65 10.00
CA ARG A 11 29.70 14.91 8.57
C ARG A 11 28.45 15.66 8.12
N SER A 12 28.67 16.88 7.65
CA SER A 12 27.58 17.72 7.19
C SER A 12 26.97 17.13 5.92
N CYS A 13 25.68 16.81 6.01
CA CYS A 13 24.96 16.23 4.88
C CYS A 13 24.39 17.37 4.04
N VAL A 14 23.51 18.15 4.67
CA VAL A 14 22.89 19.27 4.00
C VAL A 14 22.06 18.75 2.82
N SER A 15 20.75 18.93 2.93
CA SER A 15 19.84 18.49 1.90
C SER A 15 18.40 18.82 2.28
N ARG A 16 17.89 19.90 1.71
CA ARG A 16 16.53 20.33 1.98
C ARG A 16 15.79 20.60 0.68
N GLY A 17 14.46 20.54 0.77
CA GLY A 17 13.63 20.78 -0.40
C GLY A 17 13.05 19.48 -0.94
N SER A 18 13.89 18.74 -1.65
CA SER A 18 13.49 17.46 -2.23
C SER A 18 14.43 16.35 -1.77
N ALA A 19 13.91 15.48 -0.94
CA ALA A 19 14.70 14.37 -0.42
C ALA A 19 13.88 13.08 -0.51
N GLY A 20 14.49 12.06 -1.09
CA GLY A 20 13.83 10.78 -1.24
C GLY A 20 14.76 9.75 -1.90
N SER A 21 15.91 9.56 -1.26
CA SER A 21 16.89 8.61 -1.77
C SER A 21 16.60 7.21 -1.24
N ALA A 22 17.24 6.23 -1.85
CA ALA A 22 17.06 4.85 -1.45
C ALA A 22 15.59 4.45 -1.67
N ALA A 23 15.41 3.18 -2.01
CA ALA A 23 14.07 2.66 -2.26
C ALA A 23 13.28 2.68 -0.95
N ALA A 24 11.97 2.84 -1.09
CA ALA A 24 11.09 2.88 0.07
C ALA A 24 11.57 3.97 1.03
N GLY A 25 10.94 4.01 2.20
CA GLY A 25 11.28 4.99 3.20
C GLY A 25 10.97 4.46 4.61
N PRO A 26 11.02 5.40 5.60
CA PRO A 26 10.74 5.04 6.97
C PRO A 26 9.24 4.83 7.20
N VAL A 27 8.45 5.49 6.36
CA VAL A 27 7.01 5.38 6.47
C VAL A 27 6.56 4.05 5.85
N GLU A 28 6.86 3.90 4.58
CA GLU A 28 6.50 2.67 3.86
C GLU A 28 6.96 1.44 4.64
N ALA A 29 8.26 1.39 4.89
CA ALA A 29 8.84 0.28 5.62
C ALA A 29 7.91 -0.09 6.79
N ALA A 30 7.59 0.92 7.58
CA ALA A 30 6.72 0.71 8.73
C ALA A 30 5.42 0.04 8.27
N ILE A 31 4.77 0.68 7.31
CA ILE A 31 3.53 0.15 6.77
C ILE A 31 3.65 -1.36 6.59
N ARG A 32 4.85 -1.78 6.20
CA ARG A 32 5.10 -3.19 5.98
C ARG A 32 5.52 -3.86 7.30
N ALA A 33 6.66 -3.44 7.81
CA ALA A 33 7.17 -3.98 9.06
C ALA A 33 6.01 -4.17 10.03
N LYS A 34 5.07 -3.25 9.98
CA LYS A 34 3.91 -3.32 10.85
C LYS A 34 3.03 -4.50 10.45
N LEU A 35 2.39 -4.36 9.31
CA LEU A 35 1.52 -5.41 8.80
C LEU A 35 2.26 -6.74 8.86
N GLU A 36 3.58 -6.66 8.85
CA GLU A 36 4.40 -7.85 8.91
C GLU A 36 4.18 -8.59 10.22
N GLN A 37 4.13 -7.83 11.30
CA GLN A 37 3.91 -8.40 12.62
C GLN A 37 2.47 -8.15 13.07
N ALA A 38 1.74 -7.43 12.24
CA ALA A 38 0.35 -7.12 12.56
C ALA A 38 -0.57 -8.05 11.77
N LEU A 39 0.05 -8.87 10.94
CA LEU A 39 -0.69 -9.82 10.12
C LEU A 39 0.18 -11.05 9.86
N SER A 40 1.42 -10.78 9.47
CA SER A 40 2.36 -11.86 9.18
C SER A 40 1.82 -12.73 8.04
N PRO A 41 1.60 -12.07 6.87
CA PRO A 41 1.09 -12.77 5.70
C PRO A 41 2.19 -13.63 5.06
N GLU A 42 1.81 -14.30 3.98
CA GLU A 42 2.74 -15.15 3.27
C GLU A 42 3.49 -14.35 2.20
N VAL A 43 2.88 -13.23 1.81
CA VAL A 43 3.48 -12.36 0.80
C VAL A 43 3.05 -10.91 1.06
N LEU A 44 4.01 -10.14 1.54
CA LEU A 44 3.75 -8.73 1.83
C LEU A 44 4.67 -7.86 0.98
N GLU A 45 4.11 -7.39 -0.14
CA GLU A 45 4.86 -6.54 -1.05
C GLU A 45 4.41 -5.10 -0.91
N LEU A 46 5.39 -4.19 -0.97
CA LEU A 46 5.10 -2.77 -0.86
C LEU A 46 6.15 -1.99 -1.67
N ARG A 47 5.67 -0.95 -2.34
CA ARG A 47 6.54 -0.11 -3.14
C ARG A 47 5.96 1.29 -3.27
N ASN A 48 6.78 2.19 -3.80
CA ASN A 48 6.35 3.57 -3.99
C ASN A 48 5.82 3.75 -5.41
N GLU A 49 4.59 4.20 -5.50
CA GLU A 49 3.96 4.42 -6.79
C GLU A 49 4.22 5.84 -7.27
N SER A 50 3.69 6.81 -6.53
CA SER A 50 3.86 8.21 -6.88
C SER A 50 3.78 8.39 -8.39
N GLY A 51 2.57 8.20 -8.92
CA GLY A 51 2.36 8.34 -10.35
C GLY A 51 0.88 8.56 -10.65
N GLY A 52 0.59 9.72 -11.24
CA GLY A 52 -0.78 10.06 -11.59
C GLY A 52 -0.98 11.57 -11.59
N HIS A 53 -1.40 12.08 -10.45
CA HIS A 53 -1.63 13.51 -10.31
C HIS A 53 -0.38 14.29 -10.71
N ALA A 54 -0.43 15.59 -10.50
CA ALA A 54 0.71 16.45 -10.85
C ALA A 54 1.44 16.85 -9.57
N VAL A 55 2.17 15.90 -9.01
CA VAL A 55 2.92 16.14 -7.78
C VAL A 55 4.39 15.82 -8.03
N PRO A 56 5.27 16.64 -7.38
CA PRO A 56 6.70 16.45 -7.52
C PRO A 56 7.18 15.24 -6.72
N ALA A 57 8.38 14.79 -7.05
CA ALA A 57 8.96 13.64 -6.37
C ALA A 57 9.05 13.93 -4.87
N GLY A 58 8.80 12.89 -4.07
CA GLY A 58 8.85 13.03 -2.63
C GLY A 58 7.48 12.80 -2.01
N SER A 59 6.45 13.09 -2.80
CA SER A 59 5.08 12.92 -2.34
C SER A 59 4.82 11.45 -2.02
N GLU A 60 4.64 11.18 -0.73
CA GLU A 60 4.38 9.82 -0.29
C GLU A 60 2.95 9.70 0.22
N THR A 61 2.02 10.08 -0.63
CA THR A 61 0.60 10.02 -0.29
C THR A 61 -0.04 8.77 -0.90
N HIS A 62 0.37 8.48 -2.12
CA HIS A 62 -0.16 7.32 -2.81
C HIS A 62 0.81 6.14 -2.68
N PHE A 63 0.29 5.03 -2.19
CA PHE A 63 1.09 3.84 -2.01
C PHE A 63 0.31 2.58 -2.38
N ARG A 64 1.05 1.51 -2.62
CA ARG A 64 0.43 0.24 -2.99
C ARG A 64 1.09 -0.91 -2.21
N VAL A 65 0.26 -1.64 -1.49
CA VAL A 65 0.74 -2.77 -0.71
C VAL A 65 0.00 -4.04 -1.13
N ALA A 66 0.71 -5.15 -1.06
CA ALA A 66 0.13 -6.43 -1.44
C ALA A 66 0.28 -7.42 -0.27
N VAL A 67 -0.80 -7.57 0.47
CA VAL A 67 -0.81 -8.46 1.62
C VAL A 67 -1.40 -9.81 1.20
N VAL A 68 -0.76 -10.88 1.66
CA VAL A 68 -1.21 -12.22 1.34
C VAL A 68 -1.32 -13.04 2.64
N SER A 69 -2.48 -12.93 3.27
CA SER A 69 -2.73 -13.65 4.50
C SER A 69 -4.10 -14.34 4.44
N SER A 70 -4.29 -15.28 5.36
CA SER A 70 -5.54 -16.02 5.42
C SER A 70 -6.59 -15.20 6.17
N ARG A 71 -6.11 -14.19 6.87
CA ARG A 71 -7.00 -13.32 7.65
C ARG A 71 -8.20 -12.92 6.80
N PHE A 72 -7.92 -12.60 5.55
CA PHE A 72 -8.97 -12.19 4.63
C PHE A 72 -9.56 -13.39 3.89
N GLU A 73 -9.77 -14.46 4.66
CA GLU A 73 -10.33 -15.68 4.10
C GLU A 73 -11.86 -15.56 3.97
N GLY A 74 -12.28 -15.16 2.78
CA GLY A 74 -13.70 -15.01 2.52
C GLY A 74 -14.29 -13.85 3.34
N MET A 75 -13.53 -12.77 3.40
CA MET A 75 -13.95 -11.60 4.15
C MET A 75 -14.43 -10.49 3.21
N SER A 76 -14.86 -9.38 3.81
CA SER A 76 -15.34 -8.26 3.04
C SER A 76 -14.16 -7.47 2.46
N PRO A 77 -14.45 -6.68 1.40
CA PRO A 77 -13.42 -5.88 0.76
C PRO A 77 -13.08 -4.65 1.61
N LEU A 78 -14.04 -4.23 2.41
CA LEU A 78 -13.85 -3.08 3.28
C LEU A 78 -13.11 -3.51 4.53
N GLN A 79 -13.60 -4.59 5.14
CA GLN A 79 -13.00 -5.12 6.35
C GLN A 79 -11.49 -5.30 6.16
N ARG A 80 -11.14 -5.92 5.05
CA ARG A 80 -9.74 -6.16 4.72
C ARG A 80 -8.92 -4.88 4.98
N HIS A 81 -9.22 -3.87 4.19
CA HIS A 81 -8.52 -2.60 4.30
C HIS A 81 -8.58 -2.11 5.76
N ARG A 82 -9.77 -2.21 6.33
CA ARG A 82 -9.97 -1.79 7.70
C ARG A 82 -8.90 -2.41 8.62
N LEU A 83 -8.76 -3.72 8.49
CA LEU A 83 -7.78 -4.46 9.29
C LEU A 83 -6.45 -3.72 9.24
N VAL A 84 -5.95 -3.53 8.03
CA VAL A 84 -4.68 -2.85 7.84
C VAL A 84 -4.80 -1.42 8.35
N HIS A 85 -5.75 -0.68 7.77
CA HIS A 85 -5.98 0.70 8.16
C HIS A 85 -5.93 0.82 9.69
N GLU A 86 -6.54 -0.16 10.35
CA GLU A 86 -6.58 -0.17 11.80
C GLU A 86 -5.15 -0.18 12.37
N ALA A 87 -4.35 -1.09 11.84
CA ALA A 87 -2.97 -1.20 12.28
C ALA A 87 -2.21 0.07 11.92
N LEU A 88 -2.43 0.53 10.70
CA LEU A 88 -1.78 1.74 10.22
C LEU A 88 -2.83 2.84 10.04
N SER A 89 -3.49 3.16 11.13
CA SER A 89 -4.52 4.20 11.10
C SER A 89 -3.88 5.57 10.95
N GLU A 90 -2.71 5.72 11.57
CA GLU A 90 -1.98 6.97 11.51
C GLU A 90 -1.44 7.21 10.11
N GLU A 91 -1.16 6.11 9.42
CA GLU A 91 -0.63 6.19 8.06
C GLU A 91 -1.67 6.83 7.14
N LEU A 92 -2.86 6.26 7.16
CA LEU A 92 -3.95 6.75 6.33
C LEU A 92 -4.40 8.12 6.85
N ALA A 93 -4.02 8.40 8.09
CA ALA A 93 -4.39 9.66 8.71
C ALA A 93 -3.11 10.46 9.01
N GLY A 94 -2.41 10.80 7.94
CA GLY A 94 -1.19 11.57 8.06
C GLY A 94 -0.45 11.66 6.72
N PRO A 95 0.53 10.75 6.54
CA PRO A 95 1.31 10.71 5.32
C PRO A 95 0.50 10.12 4.16
N VAL A 96 0.07 8.88 4.36
CA VAL A 96 -0.71 8.18 3.35
C VAL A 96 -2.14 8.74 3.36
N HIS A 97 -2.59 9.13 2.18
CA HIS A 97 -3.93 9.67 2.02
C HIS A 97 -4.81 8.67 1.27
N ALA A 98 -4.16 7.86 0.45
CA ALA A 98 -4.87 6.86 -0.34
C ALA A 98 -3.86 5.87 -0.91
N LEU A 99 -3.94 4.64 -0.42
CA LEU A 99 -3.04 3.59 -0.87
C LEU A 99 -3.86 2.35 -1.22
N ALA A 100 -3.62 1.83 -2.41
CA ALA A 100 -4.31 0.66 -2.88
C ALA A 100 -3.77 -0.58 -2.17
N ILE A 101 -4.50 -1.01 -1.14
CA ILE A 101 -4.09 -2.17 -0.38
C ILE A 101 -4.66 -3.43 -1.03
N GLN A 102 -3.76 -4.36 -1.30
CA GLN A 102 -4.14 -5.62 -1.93
C GLN A 102 -4.33 -6.71 -0.86
N ALA A 103 -5.60 -6.99 -0.58
CA ALA A 103 -5.94 -7.99 0.41
C ALA A 103 -6.32 -9.29 -0.31
N LYS A 104 -5.41 -10.26 -0.25
CA LYS A 104 -5.64 -11.54 -0.89
C LYS A 104 -5.41 -12.65 0.14
N THR A 105 -5.53 -13.88 -0.34
CA THR A 105 -5.35 -15.04 0.52
C THR A 105 -4.19 -15.91 0.01
N PRO A 106 -3.71 -16.82 0.89
CA PRO A 106 -2.62 -17.71 0.54
C PRO A 106 -3.10 -18.82 -0.38
N ALA A 107 -4.38 -18.77 -0.71
CA ALA A 107 -4.98 -19.77 -1.58
C ALA A 107 -5.20 -19.16 -2.96
N GLN A 108 -5.54 -17.88 -2.96
CA GLN A 108 -5.79 -17.17 -4.20
C GLN A 108 -4.47 -16.69 -4.81
N TRP A 109 -3.60 -16.19 -3.94
CA TRP A 109 -2.30 -15.70 -4.38
C TRP A 109 -1.66 -16.79 -5.25
N ARG A 110 -1.71 -18.01 -4.74
CA ARG A 110 -1.14 -19.14 -5.45
C ARG A 110 -1.66 -19.19 -6.89
N GLU A 111 -2.93 -18.84 -7.03
CA GLU A 111 -3.55 -18.84 -8.34
C GLU A 111 -2.98 -17.71 -9.20
N ASN A 112 -3.05 -16.51 -8.66
CA ASN A 112 -2.54 -15.34 -9.37
C ASN A 112 -1.70 -14.50 -8.41
N PRO A 113 -0.45 -14.97 -8.17
CA PRO A 113 0.46 -14.27 -7.28
C PRO A 113 1.03 -13.02 -7.96
N GLN A 114 0.60 -12.80 -9.19
CA GLN A 114 1.05 -11.65 -9.95
C GLN A 114 0.22 -10.42 -9.60
N LEU A 115 0.90 -9.42 -9.05
CA LEU A 115 0.22 -8.19 -8.67
C LEU A 115 0.10 -7.27 -9.90
N ASP A 116 -0.42 -6.09 -9.66
CA ASP A 116 -0.61 -5.12 -10.74
C ASP A 116 -0.60 -3.71 -10.14
N ILE A 117 0.59 -3.26 -9.76
CA ILE A 117 0.74 -1.95 -9.18
C ILE A 117 1.36 -1.00 -10.22
N SER A 118 1.80 -1.60 -11.32
CA SER A 118 2.42 -0.84 -12.39
C SER A 118 2.29 -1.59 -13.71
N PRO A 119 2.28 -0.81 -14.82
CA PRO A 119 2.17 -1.39 -16.15
C PRO A 119 3.48 -2.06 -16.57
N PRO A 120 3.40 -2.83 -17.69
CA PRO A 120 4.58 -3.52 -18.21
C PRO A 120 5.51 -2.53 -18.91
N CYS A 121 6.30 -1.84 -18.10
CA CYS A 121 7.24 -0.87 -18.63
C CYS A 121 8.63 -1.16 -18.04
N LEU A 122 9.08 -2.38 -18.29
CA LEU A 122 10.39 -2.80 -17.79
C LEU A 122 11.35 -2.99 -18.97
N GLY A 123 12.61 -3.21 -18.63
CA GLY A 123 13.62 -3.40 -19.64
C GLY A 123 14.81 -4.19 -19.09
N GLY A 1 -29.13 22.55 23.35
CA GLY A 1 -29.04 22.61 21.90
C GLY A 1 -29.05 24.06 21.40
N SER A 2 -30.25 24.51 21.04
CA SER A 2 -30.42 25.86 20.56
C SER A 2 -29.72 26.03 19.21
N SER A 3 -30.42 25.63 18.16
CA SER A 3 -29.87 25.72 16.81
C SER A 3 -28.67 24.79 16.67
N GLY A 4 -28.22 24.63 15.43
CA GLY A 4 -27.09 23.79 15.15
C GLY A 4 -26.21 24.38 14.05
N SER A 5 -25.28 23.56 13.57
CA SER A 5 -24.37 24.00 12.51
C SER A 5 -23.55 22.82 12.00
N SER A 6 -22.85 23.05 10.90
CA SER A 6 -22.02 22.01 10.31
C SER A 6 -20.65 22.59 9.94
N GLY A 7 -19.73 21.68 9.64
CA GLY A 7 -18.38 22.09 9.27
C GLY A 7 -17.90 21.33 8.03
N MET A 8 -16.64 21.54 7.70
CA MET A 8 -16.05 20.88 6.54
C MET A 8 -14.53 20.82 6.67
N ALA A 9 -13.93 19.95 5.87
CA ALA A 9 -12.49 19.77 5.88
C ALA A 9 -11.88 20.55 4.71
N THR A 10 -10.56 20.43 4.59
CA THR A 10 -9.85 21.12 3.54
C THR A 10 -9.00 20.12 2.73
N ARG A 11 -8.63 20.54 1.53
CA ARG A 11 -7.83 19.70 0.67
C ARG A 11 -6.63 20.48 0.13
N SER A 12 -5.64 19.74 -0.34
CA SER A 12 -4.43 20.34 -0.88
C SER A 12 -4.79 21.22 -2.09
N CYS A 13 -3.81 22.01 -2.52
CA CYS A 13 -4.01 22.88 -3.66
C CYS A 13 -2.78 22.78 -4.57
N VAL A 14 -3.01 22.27 -5.76
CA VAL A 14 -1.94 22.11 -6.73
C VAL A 14 -1.07 23.37 -6.73
N SER A 15 0.24 23.15 -6.78
CA SER A 15 1.19 24.25 -6.78
C SER A 15 2.58 23.74 -7.16
N ARG A 16 3.15 24.38 -8.17
CA ARG A 16 4.47 24.01 -8.64
C ARG A 16 4.48 22.54 -9.06
N GLY A 17 5.53 22.17 -9.79
CA GLY A 17 5.67 20.80 -10.26
C GLY A 17 7.08 20.26 -9.95
N SER A 18 7.11 18.97 -9.66
CA SER A 18 8.38 18.32 -9.33
C SER A 18 8.15 16.81 -9.15
N ALA A 19 9.26 16.09 -9.06
CA ALA A 19 9.20 14.66 -8.88
C ALA A 19 10.62 14.12 -8.61
N GLY A 20 10.66 12.95 -7.98
CA GLY A 20 11.93 12.33 -7.66
C GLY A 20 11.75 10.83 -7.43
N SER A 21 12.84 10.09 -7.65
CA SER A 21 12.82 8.65 -7.48
C SER A 21 13.49 8.29 -6.15
N ALA A 22 12.90 7.31 -5.48
CA ALA A 22 13.42 6.85 -4.20
C ALA A 22 13.07 5.37 -4.01
N ALA A 23 13.63 4.79 -2.96
CA ALA A 23 13.39 3.40 -2.66
C ALA A 23 12.72 3.29 -1.29
N ALA A 24 11.39 3.37 -1.31
CA ALA A 24 10.62 3.28 -0.08
C ALA A 24 11.10 4.36 0.90
N GLY A 25 10.67 4.21 2.14
CA GLY A 25 11.04 5.16 3.18
C GLY A 25 10.80 4.56 4.58
N PRO A 26 10.86 5.46 5.59
CA PRO A 26 10.65 5.05 6.97
C PRO A 26 9.18 4.77 7.25
N VAL A 27 8.32 5.44 6.48
CA VAL A 27 6.89 5.28 6.63
C VAL A 27 6.45 4.00 5.93
N GLU A 28 6.71 3.95 4.63
CA GLU A 28 6.35 2.79 3.82
C GLU A 28 6.82 1.51 4.51
N ALA A 29 8.10 1.49 4.86
CA ALA A 29 8.68 0.34 5.52
C ALA A 29 7.83 -0.05 6.73
N ALA A 30 7.45 0.98 7.48
CA ALA A 30 6.62 0.77 8.67
C ALA A 30 5.30 0.13 8.26
N ILE A 31 4.67 0.74 7.26
CA ILE A 31 3.40 0.25 6.77
C ILE A 31 3.48 -1.27 6.59
N ARG A 32 4.65 -1.72 6.18
CA ARG A 32 4.87 -3.14 5.97
C ARG A 32 5.30 -3.81 7.27
N ALA A 33 6.44 -3.37 7.78
CA ALA A 33 6.97 -3.92 9.02
C ALA A 33 5.82 -4.15 10.00
N LYS A 34 4.84 -3.26 9.93
CA LYS A 34 3.68 -3.36 10.80
C LYS A 34 2.85 -4.57 10.41
N LEU A 35 2.20 -4.47 9.26
CA LEU A 35 1.36 -5.55 8.76
C LEU A 35 2.14 -6.87 8.86
N GLU A 36 3.47 -6.74 8.82
CA GLU A 36 4.33 -7.90 8.89
C GLU A 36 4.13 -8.63 10.23
N GLN A 37 4.05 -7.84 11.29
CA GLN A 37 3.86 -8.38 12.62
C GLN A 37 2.42 -8.18 13.09
N ALA A 38 1.65 -7.49 12.25
CA ALA A 38 0.26 -7.21 12.55
C ALA A 38 -0.63 -8.18 11.77
N LEU A 39 0.01 -8.98 10.92
CA LEU A 39 -0.71 -9.94 10.12
C LEU A 39 0.21 -11.14 9.83
N SER A 40 1.43 -10.83 9.44
CA SER A 40 2.40 -11.86 9.14
C SER A 40 1.89 -12.75 8.00
N PRO A 41 1.63 -12.10 6.84
CA PRO A 41 1.13 -12.82 5.67
C PRO A 41 2.25 -13.63 5.01
N GLU A 42 1.89 -14.33 3.95
CA GLU A 42 2.84 -15.16 3.23
C GLU A 42 3.56 -14.32 2.17
N VAL A 43 2.94 -13.21 1.81
CA VAL A 43 3.52 -12.31 0.82
C VAL A 43 3.06 -10.88 1.11
N LEU A 44 4.00 -10.10 1.64
CA LEU A 44 3.71 -8.71 1.97
C LEU A 44 4.60 -7.80 1.14
N GLU A 45 4.12 -7.49 -0.06
CA GLU A 45 4.87 -6.63 -0.96
C GLU A 45 4.43 -5.17 -0.80
N LEU A 46 5.40 -4.28 -0.83
CA LEU A 46 5.13 -2.86 -0.69
C LEU A 46 6.21 -2.06 -1.41
N ARG A 47 5.77 -1.07 -2.18
CA ARG A 47 6.68 -0.22 -2.92
C ARG A 47 6.16 1.22 -2.96
N ASN A 48 7.00 2.09 -3.49
CA ASN A 48 6.63 3.50 -3.60
C ASN A 48 6.15 3.79 -5.03
N GLU A 49 4.92 4.26 -5.12
CA GLU A 49 4.34 4.58 -6.42
C GLU A 49 4.60 6.05 -6.76
N SER A 50 4.01 6.92 -5.95
CA SER A 50 4.17 8.35 -6.16
C SER A 50 4.11 8.67 -7.65
N GLY A 51 2.90 8.72 -8.18
CA GLY A 51 2.69 9.00 -9.59
C GLY A 51 1.21 9.15 -9.92
N GLY A 52 0.87 10.27 -10.52
CA GLY A 52 -0.52 10.54 -10.89
C GLY A 52 -1.18 11.49 -9.90
N HIS A 53 -0.53 12.64 -9.71
CA HIS A 53 -1.05 13.64 -8.79
C HIS A 53 -0.13 14.86 -8.80
N ALA A 54 -0.74 16.04 -8.82
CA ALA A 54 0.01 17.27 -8.82
C ALA A 54 0.62 17.50 -7.43
N VAL A 55 1.59 16.69 -7.11
CA VAL A 55 2.27 16.79 -5.81
C VAL A 55 3.75 17.09 -6.03
N PRO A 56 4.38 17.69 -4.98
CA PRO A 56 5.78 18.03 -5.05
C PRO A 56 6.66 16.78 -4.91
N ALA A 57 7.96 16.99 -5.10
CA ALA A 57 8.91 15.89 -4.99
C ALA A 57 8.81 15.25 -3.60
N GLY A 58 9.56 14.18 -3.42
CA GLY A 58 9.57 13.48 -2.15
C GLY A 58 8.16 13.41 -1.56
N SER A 59 7.25 12.86 -2.35
CA SER A 59 5.87 12.72 -1.91
C SER A 59 5.59 11.28 -1.51
N GLU A 60 5.09 11.12 -0.29
CA GLU A 60 4.77 9.81 0.23
C GLU A 60 3.28 9.72 0.58
N THR A 61 2.46 10.01 -0.42
CA THR A 61 1.01 9.97 -0.23
C THR A 61 0.44 8.67 -0.80
N HIS A 62 0.55 8.54 -2.11
CA HIS A 62 0.05 7.35 -2.79
C HIS A 62 1.02 6.19 -2.56
N PHE A 63 0.44 5.02 -2.33
CA PHE A 63 1.23 3.83 -2.10
C PHE A 63 0.47 2.57 -2.52
N ARG A 64 1.21 1.49 -2.67
CA ARG A 64 0.62 0.22 -3.08
C ARG A 64 1.22 -0.92 -2.26
N VAL A 65 0.35 -1.60 -1.52
CA VAL A 65 0.78 -2.72 -0.70
C VAL A 65 0.05 -3.99 -1.15
N ALA A 66 0.75 -5.11 -1.01
CA ALA A 66 0.18 -6.40 -1.40
C ALA A 66 0.33 -7.38 -0.23
N VAL A 67 -0.77 -7.55 0.49
CA VAL A 67 -0.78 -8.46 1.62
C VAL A 67 -1.36 -9.80 1.19
N VAL A 68 -0.75 -10.86 1.70
CA VAL A 68 -1.18 -12.21 1.37
C VAL A 68 -1.28 -13.04 2.66
N SER A 69 -2.44 -12.95 3.29
CA SER A 69 -2.68 -13.68 4.52
C SER A 69 -4.03 -14.38 4.46
N SER A 70 -4.21 -15.34 5.37
CA SER A 70 -5.46 -16.08 5.43
C SER A 70 -6.49 -15.30 6.24
N ARG A 71 -6.04 -14.19 6.81
CA ARG A 71 -6.92 -13.35 7.60
C ARG A 71 -8.14 -12.94 6.79
N PHE A 72 -7.90 -12.65 5.51
CA PHE A 72 -8.97 -12.24 4.62
C PHE A 72 -9.62 -13.46 3.94
N GLU A 73 -9.74 -14.53 4.72
CA GLU A 73 -10.33 -15.75 4.21
C GLU A 73 -11.84 -15.59 4.07
N GLY A 74 -12.26 -15.20 2.87
CA GLY A 74 -13.67 -15.00 2.59
C GLY A 74 -14.25 -13.88 3.46
N MET A 75 -13.42 -12.88 3.72
CA MET A 75 -13.83 -11.75 4.52
C MET A 75 -14.38 -10.62 3.65
N SER A 76 -14.90 -9.60 4.32
CA SER A 76 -15.46 -8.46 3.61
C SER A 76 -14.34 -7.66 2.94
N PRO A 77 -14.73 -6.92 1.86
CA PRO A 77 -13.78 -6.12 1.12
C PRO A 77 -13.41 -4.85 1.90
N LEU A 78 -14.34 -4.43 2.75
CA LEU A 78 -14.12 -3.24 3.55
C LEU A 78 -13.30 -3.60 4.79
N GLN A 79 -13.70 -4.70 5.42
CA GLN A 79 -13.00 -5.16 6.61
C GLN A 79 -11.51 -5.35 6.33
N ARG A 80 -11.24 -6.09 5.25
CA ARG A 80 -9.86 -6.34 4.86
C ARG A 80 -9.01 -5.08 5.03
N HIS A 81 -9.38 -4.05 4.29
CA HIS A 81 -8.67 -2.79 4.35
C HIS A 81 -8.69 -2.26 5.79
N ARG A 82 -9.85 -2.37 6.42
CA ARG A 82 -10.00 -1.92 7.78
C ARG A 82 -8.92 -2.52 8.68
N LEU A 83 -8.74 -3.83 8.52
CA LEU A 83 -7.74 -4.54 9.31
C LEU A 83 -6.39 -3.84 9.17
N VAL A 84 -6.07 -3.50 7.93
CA VAL A 84 -4.81 -2.83 7.63
C VAL A 84 -4.88 -1.39 8.15
N HIS A 85 -5.94 -0.71 7.77
CA HIS A 85 -6.13 0.67 8.19
C HIS A 85 -6.01 0.77 9.70
N GLU A 86 -6.67 -0.16 10.38
CA GLU A 86 -6.64 -0.19 11.83
C GLU A 86 -5.20 -0.21 12.34
N ALA A 87 -4.38 -1.05 11.71
CA ALA A 87 -2.98 -1.16 12.09
C ALA A 87 -2.23 0.07 11.60
N LEU A 88 -2.56 0.50 10.39
CA LEU A 88 -1.93 1.66 9.81
C LEU A 88 -2.95 2.79 9.67
N SER A 89 -3.48 3.20 10.82
CA SER A 89 -4.47 4.27 10.84
C SER A 89 -3.78 5.63 10.81
N GLU A 90 -2.61 5.67 11.42
CA GLU A 90 -1.84 6.91 11.47
C GLU A 90 -1.07 7.11 10.16
N GLU A 91 -1.07 6.06 9.35
CA GLU A 91 -0.38 6.11 8.07
C GLU A 91 -1.28 6.78 7.02
N LEU A 92 -2.57 6.49 7.11
CA LEU A 92 -3.53 7.04 6.18
C LEU A 92 -4.23 8.23 6.84
N ALA A 93 -3.77 8.56 8.04
CA ALA A 93 -4.35 9.68 8.77
C ALA A 93 -3.27 10.74 9.00
N GLY A 94 -2.46 10.95 7.97
CA GLY A 94 -1.39 11.92 8.05
C GLY A 94 -0.53 11.90 6.79
N PRO A 95 0.33 10.85 6.69
CA PRO A 95 1.21 10.70 5.55
C PRO A 95 0.43 10.21 4.33
N VAL A 96 0.16 8.91 4.32
CA VAL A 96 -0.57 8.30 3.22
C VAL A 96 -1.95 8.96 3.11
N HIS A 97 -2.34 9.23 1.87
CA HIS A 97 -3.62 9.86 1.61
C HIS A 97 -4.54 8.87 0.90
N ALA A 98 -3.92 7.93 0.20
CA ALA A 98 -4.67 6.93 -0.53
C ALA A 98 -3.69 5.91 -1.12
N LEU A 99 -3.81 4.67 -0.63
CA LEU A 99 -2.95 3.60 -1.10
C LEU A 99 -3.81 2.39 -1.46
N ALA A 100 -3.49 1.80 -2.60
CA ALA A 100 -4.23 0.63 -3.07
C ALA A 100 -3.71 -0.61 -2.35
N ILE A 101 -4.47 -1.03 -1.35
CA ILE A 101 -4.10 -2.20 -0.58
C ILE A 101 -4.61 -3.46 -1.29
N GLN A 102 -3.75 -4.48 -1.30
CA GLN A 102 -4.10 -5.73 -1.95
C GLN A 102 -4.34 -6.82 -0.90
N ALA A 103 -5.60 -7.01 -0.56
CA ALA A 103 -5.96 -8.01 0.42
C ALA A 103 -6.32 -9.32 -0.29
N LYS A 104 -5.38 -10.24 -0.27
CA LYS A 104 -5.58 -11.54 -0.90
C LYS A 104 -5.28 -12.64 0.10
N THR A 105 -5.56 -13.87 -0.31
CA THR A 105 -5.34 -15.03 0.55
C THR A 105 -4.19 -15.88 0.00
N PRO A 106 -3.70 -16.79 0.87
CA PRO A 106 -2.60 -17.67 0.49
C PRO A 106 -3.08 -18.77 -0.45
N ALA A 107 -4.38 -18.72 -0.75
CA ALA A 107 -4.97 -19.72 -1.63
C ALA A 107 -5.22 -19.08 -3.01
N GLN A 108 -5.45 -17.78 -2.99
CA GLN A 108 -5.71 -17.05 -4.22
C GLN A 108 -4.38 -16.58 -4.82
N TRP A 109 -3.53 -16.04 -3.97
CA TRP A 109 -2.24 -15.53 -4.41
C TRP A 109 -1.59 -16.62 -5.28
N ARG A 110 -1.82 -17.86 -4.89
CA ARG A 110 -1.27 -18.99 -5.62
C ARG A 110 -1.74 -18.96 -7.08
N GLU A 111 -3.05 -18.81 -7.23
CA GLU A 111 -3.64 -18.77 -8.56
C GLU A 111 -2.99 -17.67 -9.40
N ASN A 112 -3.04 -16.45 -8.87
CA ASN A 112 -2.46 -15.31 -9.55
C ASN A 112 -1.73 -14.43 -8.54
N PRO A 113 -0.44 -14.79 -8.28
CA PRO A 113 0.36 -14.05 -7.34
C PRO A 113 0.82 -12.71 -7.94
N GLN A 114 0.70 -12.63 -9.26
CA GLN A 114 1.10 -11.42 -9.96
C GLN A 114 0.21 -10.24 -9.54
N LEU A 115 0.87 -9.22 -9.00
CA LEU A 115 0.16 -8.04 -8.54
C LEU A 115 -0.06 -7.10 -9.73
N ASP A 116 -0.74 -6.00 -9.46
CA ASP A 116 -1.03 -5.02 -10.49
C ASP A 116 -0.53 -3.64 -10.04
N ILE A 117 0.78 -3.55 -9.88
CA ILE A 117 1.38 -2.30 -9.45
C ILE A 117 1.22 -1.25 -10.55
N SER A 118 1.83 -1.54 -11.70
CA SER A 118 1.77 -0.64 -12.84
C SER A 118 0.36 -0.64 -13.42
N PRO A 119 0.00 0.52 -14.04
CA PRO A 119 -1.32 0.67 -14.64
C PRO A 119 -1.41 -0.10 -15.96
N PRO A 120 -2.66 -0.50 -16.31
CA PRO A 120 -2.89 -1.25 -17.53
C PRO A 120 -2.82 -0.33 -18.75
N CYS A 121 -2.40 -0.91 -19.87
CA CYS A 121 -2.27 -0.16 -21.10
C CYS A 121 -3.55 -0.37 -21.92
N LEU A 122 -4.22 0.74 -22.20
CA LEU A 122 -5.45 0.69 -22.97
C LEU A 122 -6.49 -0.14 -22.22
N GLY A 123 -6.79 0.30 -21.01
CA GLY A 123 -7.75 -0.40 -20.18
C GLY A 123 -9.06 0.40 -20.08
N GLY A 1 -17.64 -7.43 -16.34
CA GLY A 1 -17.13 -7.21 -14.98
C GLY A 1 -17.71 -5.92 -14.39
N SER A 2 -17.30 -4.80 -14.97
CA SER A 2 -17.76 -3.51 -14.50
C SER A 2 -17.34 -3.30 -13.04
N SER A 3 -17.05 -2.03 -12.72
CA SER A 3 -16.64 -1.69 -11.38
C SER A 3 -16.93 -0.21 -11.11
N GLY A 4 -17.42 0.05 -9.91
CA GLY A 4 -17.75 1.42 -9.52
C GLY A 4 -16.48 2.22 -9.23
N SER A 5 -16.24 3.21 -10.08
CA SER A 5 -15.07 4.06 -9.94
C SER A 5 -15.41 5.29 -9.10
N SER A 6 -14.42 5.78 -8.39
CA SER A 6 -14.60 6.94 -7.54
C SER A 6 -13.28 7.68 -7.37
N GLY A 7 -13.02 8.59 -8.29
CA GLY A 7 -11.79 9.37 -8.26
C GLY A 7 -11.51 10.02 -9.62
N MET A 8 -11.04 9.19 -10.54
CA MET A 8 -10.73 9.66 -11.88
C MET A 8 -9.72 10.81 -11.83
N ALA A 9 -8.46 10.44 -11.98
CA ALA A 9 -7.39 11.43 -11.96
C ALA A 9 -6.83 11.60 -13.37
N THR A 10 -6.30 12.78 -13.62
CA THR A 10 -5.72 13.09 -14.93
C THR A 10 -4.87 11.92 -15.41
N ARG A 11 -5.03 11.59 -16.69
CA ARG A 11 -4.29 10.49 -17.29
C ARG A 11 -2.98 11.02 -17.87
N SER A 12 -1.95 10.19 -17.78
CA SER A 12 -0.64 10.55 -18.30
C SER A 12 0.25 9.31 -18.38
N CYS A 13 0.42 8.66 -17.24
CA CYS A 13 1.24 7.46 -17.16
C CYS A 13 2.65 7.82 -17.65
N VAL A 14 3.39 8.48 -16.77
CA VAL A 14 4.75 8.88 -17.10
C VAL A 14 5.70 8.41 -15.99
N SER A 15 5.31 8.72 -14.76
CA SER A 15 6.11 8.34 -13.60
C SER A 15 7.59 8.55 -13.91
N ARG A 16 8.06 9.75 -13.62
CA ARG A 16 9.45 10.09 -13.85
C ARG A 16 9.93 11.10 -12.82
N GLY A 17 10.89 10.68 -12.01
CA GLY A 17 11.44 11.55 -10.98
C GLY A 17 11.56 10.81 -9.65
N SER A 18 12.80 10.68 -9.19
CA SER A 18 13.06 10.00 -7.92
C SER A 18 14.54 10.16 -7.54
N ALA A 19 14.82 11.27 -6.87
CA ALA A 19 16.18 11.55 -6.45
C ALA A 19 16.23 11.62 -4.92
N GLY A 20 16.23 10.44 -4.31
CA GLY A 20 16.27 10.34 -2.85
C GLY A 20 17.38 9.40 -2.39
N SER A 21 17.04 8.13 -2.33
CA SER A 21 18.00 7.12 -1.91
C SER A 21 17.89 5.89 -2.82
N ALA A 22 16.69 5.34 -2.89
CA ALA A 22 16.45 4.17 -3.72
C ALA A 22 14.94 3.97 -3.87
N ALA A 23 14.26 3.90 -2.74
CA ALA A 23 12.82 3.71 -2.74
C ALA A 23 12.33 3.50 -1.31
N ALA A 24 11.02 3.55 -1.15
CA ALA A 24 10.42 3.36 0.16
C ALA A 24 10.96 4.43 1.13
N GLY A 25 10.56 4.30 2.38
CA GLY A 25 11.00 5.24 3.40
C GLY A 25 10.79 4.66 4.81
N PRO A 26 10.85 5.57 5.81
CA PRO A 26 10.67 5.16 7.19
C PRO A 26 9.20 4.87 7.50
N VAL A 27 8.33 5.51 6.74
CA VAL A 27 6.90 5.32 6.91
C VAL A 27 6.49 3.99 6.28
N GLU A 28 6.72 3.89 4.98
CA GLU A 28 6.37 2.68 4.25
C GLU A 28 6.90 1.45 4.97
N ALA A 29 8.22 1.44 5.17
CA ALA A 29 8.86 0.34 5.84
C ALA A 29 8.02 -0.09 7.05
N ALA A 30 7.68 0.89 7.86
CA ALA A 30 6.88 0.64 9.05
C ALA A 30 5.57 -0.04 8.64
N ILE A 31 4.86 0.61 7.73
CA ILE A 31 3.59 0.08 7.24
C ILE A 31 3.72 -1.43 7.05
N ARG A 32 4.83 -1.83 6.44
CA ARG A 32 5.08 -3.24 6.20
C ARG A 32 5.48 -3.94 7.50
N ALA A 33 6.60 -3.53 8.04
CA ALA A 33 7.10 -4.11 9.27
C ALA A 33 5.92 -4.34 10.23
N LYS A 34 4.98 -3.41 10.19
CA LYS A 34 3.81 -3.51 11.04
C LYS A 34 2.95 -4.68 10.58
N LEU A 35 2.32 -4.50 9.43
CA LEU A 35 1.46 -5.53 8.88
C LEU A 35 2.19 -6.88 8.92
N GLU A 36 3.51 -6.79 8.92
CA GLU A 36 4.34 -7.98 8.95
C GLU A 36 4.11 -8.75 10.26
N GLN A 37 4.02 -8.00 11.34
CA GLN A 37 3.80 -8.60 12.65
C GLN A 37 2.35 -8.38 13.09
N ALA A 38 1.62 -7.64 12.28
CA ALA A 38 0.22 -7.36 12.56
C ALA A 38 -0.67 -8.32 11.78
N LEU A 39 -0.04 -9.07 10.90
CA LEU A 39 -0.76 -10.03 10.09
C LEU A 39 0.14 -11.25 9.82
N SER A 40 1.37 -10.96 9.45
CA SER A 40 2.33 -12.02 9.16
C SER A 40 1.82 -12.89 8.01
N PRO A 41 1.60 -12.24 6.84
CA PRO A 41 1.11 -12.94 5.67
C PRO A 41 2.23 -13.76 5.03
N GLU A 42 1.88 -14.40 3.92
CA GLU A 42 2.84 -15.23 3.20
C GLU A 42 3.58 -14.40 2.16
N VAL A 43 2.97 -13.28 1.80
CA VAL A 43 3.55 -12.39 0.81
C VAL A 43 3.11 -10.96 1.10
N LEU A 44 4.04 -10.18 1.65
CA LEU A 44 3.76 -8.80 1.98
C LEU A 44 4.64 -7.88 1.11
N GLU A 45 4.13 -7.57 -0.07
CA GLU A 45 4.85 -6.71 -0.99
C GLU A 45 4.44 -5.25 -0.80
N LEU A 46 5.43 -4.37 -0.89
CA LEU A 46 5.18 -2.95 -0.71
C LEU A 46 6.18 -2.16 -1.57
N ARG A 47 5.65 -1.20 -2.32
CA ARG A 47 6.48 -0.38 -3.17
C ARG A 47 5.87 1.02 -3.32
N ASN A 48 6.61 1.88 -3.99
CA ASN A 48 6.15 3.25 -4.21
C ASN A 48 5.90 3.47 -5.69
N GLU A 49 4.79 4.13 -5.99
CA GLU A 49 4.42 4.42 -7.37
C GLU A 49 4.65 5.89 -7.68
N SER A 50 3.95 6.75 -6.95
CA SER A 50 4.07 8.18 -7.16
C SER A 50 4.22 8.49 -8.65
N GLY A 51 3.09 8.62 -9.31
CA GLY A 51 3.09 8.92 -10.73
C GLY A 51 1.69 9.30 -11.21
N GLY A 52 0.77 8.36 -11.08
CA GLY A 52 -0.61 8.59 -11.49
C GLY A 52 -1.04 10.03 -11.18
N HIS A 53 -1.32 10.26 -9.91
CA HIS A 53 -1.75 11.58 -9.47
C HIS A 53 -0.82 12.65 -10.08
N ALA A 54 -1.38 13.84 -10.24
CA ALA A 54 -0.62 14.94 -10.80
C ALA A 54 0.14 15.66 -9.68
N VAL A 55 1.02 14.91 -9.04
CA VAL A 55 1.82 15.46 -7.95
C VAL A 55 3.29 15.44 -8.34
N PRO A 56 4.06 16.38 -7.73
CA PRO A 56 5.48 16.49 -8.01
C PRO A 56 6.26 15.36 -7.34
N ALA A 57 7.56 15.34 -7.60
CA ALA A 57 8.43 14.31 -7.03
C ALA A 57 8.52 14.53 -5.51
N GLY A 58 8.72 13.42 -4.81
CA GLY A 58 8.84 13.47 -3.37
C GLY A 58 7.46 13.50 -2.70
N SER A 59 6.60 12.59 -3.14
CA SER A 59 5.25 12.50 -2.61
C SER A 59 5.00 11.09 -2.07
N GLU A 60 4.63 11.03 -0.81
CA GLU A 60 4.34 9.76 -0.17
C GLU A 60 2.86 9.67 0.21
N THR A 61 2.01 9.85 -0.80
CA THR A 61 0.58 9.79 -0.58
C THR A 61 -0.02 8.57 -1.29
N HIS A 62 0.45 8.35 -2.51
CA HIS A 62 -0.03 7.23 -3.30
C HIS A 62 0.91 6.03 -3.11
N PHE A 63 0.38 5.01 -2.46
CA PHE A 63 1.16 3.81 -2.21
C PHE A 63 0.43 2.56 -2.71
N ARG A 64 1.10 1.43 -2.61
CA ARG A 64 0.53 0.17 -3.04
C ARG A 64 1.14 -0.99 -2.26
N VAL A 65 0.29 -1.64 -1.47
CA VAL A 65 0.73 -2.76 -0.66
C VAL A 65 -0.03 -4.02 -1.08
N ALA A 66 0.68 -5.13 -1.09
CA ALA A 66 0.09 -6.40 -1.46
C ALA A 66 0.27 -7.40 -0.33
N VAL A 67 -0.80 -7.57 0.44
CA VAL A 67 -0.77 -8.49 1.57
C VAL A 67 -1.32 -9.85 1.12
N VAL A 68 -0.73 -10.91 1.66
CA VAL A 68 -1.14 -12.25 1.32
C VAL A 68 -1.25 -13.09 2.61
N SER A 69 -2.41 -12.99 3.24
CA SER A 69 -2.65 -13.73 4.47
C SER A 69 -4.00 -14.45 4.39
N SER A 70 -4.17 -15.41 5.30
CA SER A 70 -5.41 -16.18 5.34
C SER A 70 -6.46 -15.43 6.17
N ARG A 71 -6.01 -14.35 6.79
CA ARG A 71 -6.90 -13.54 7.61
C ARG A 71 -8.11 -13.09 6.79
N PHE A 72 -7.87 -12.79 5.53
CA PHE A 72 -8.92 -12.35 4.63
C PHE A 72 -9.56 -13.54 3.92
N GLU A 73 -9.74 -14.63 4.68
CA GLU A 73 -10.34 -15.83 4.14
C GLU A 73 -11.86 -15.69 4.08
N GLY A 74 -12.32 -15.00 3.05
CA GLY A 74 -13.75 -14.79 2.88
C GLY A 74 -14.23 -13.58 3.70
N MET A 75 -13.33 -12.62 3.85
CA MET A 75 -13.65 -11.42 4.60
C MET A 75 -14.19 -10.32 3.67
N SER A 76 -14.83 -9.34 4.28
CA SER A 76 -15.41 -8.23 3.54
C SER A 76 -14.29 -7.41 2.90
N PRO A 77 -14.67 -6.64 1.85
CA PRO A 77 -13.71 -5.80 1.15
C PRO A 77 -13.36 -4.55 1.98
N LEU A 78 -14.29 -4.19 2.86
CA LEU A 78 -14.10 -3.03 3.70
C LEU A 78 -13.26 -3.43 4.93
N GLN A 79 -13.63 -4.57 5.49
CA GLN A 79 -12.94 -5.08 6.66
C GLN A 79 -11.46 -5.31 6.34
N ARG A 80 -11.23 -6.02 5.25
CA ARG A 80 -9.87 -6.32 4.83
C ARG A 80 -8.99 -5.08 4.94
N HIS A 81 -9.35 -4.05 4.17
CA HIS A 81 -8.60 -2.81 4.18
C HIS A 81 -8.64 -2.20 5.58
N ARG A 82 -9.77 -2.38 6.24
CA ARG A 82 -9.95 -1.86 7.58
C ARG A 82 -8.92 -2.48 8.53
N LEU A 83 -8.76 -3.78 8.42
CA LEU A 83 -7.81 -4.50 9.25
C LEU A 83 -6.45 -3.79 9.21
N VAL A 84 -5.98 -3.56 7.99
CA VAL A 84 -4.71 -2.90 7.80
C VAL A 84 -4.80 -1.45 8.31
N HIS A 85 -5.76 -0.73 7.75
CA HIS A 85 -5.98 0.65 8.15
C HIS A 85 -5.97 0.77 9.67
N GLU A 86 -6.65 -0.19 10.30
CA GLU A 86 -6.73 -0.21 11.75
C GLU A 86 -5.33 -0.25 12.37
N ALA A 87 -4.46 -1.01 11.73
CA ALA A 87 -3.08 -1.15 12.19
C ALA A 87 -2.29 0.10 11.80
N LEU A 88 -2.54 0.56 10.57
CA LEU A 88 -1.85 1.73 10.07
C LEU A 88 -2.89 2.82 9.75
N SER A 89 -3.56 3.28 10.79
CA SER A 89 -4.57 4.32 10.63
C SER A 89 -3.91 5.69 10.59
N GLU A 90 -2.81 5.81 11.31
CA GLU A 90 -2.08 7.06 11.36
C GLU A 90 -1.22 7.24 10.11
N GLU A 91 -1.07 6.14 9.38
CA GLU A 91 -0.28 6.15 8.15
C GLU A 91 -1.09 6.78 7.02
N LEU A 92 -2.41 6.61 7.10
CA LEU A 92 -3.30 7.15 6.08
C LEU A 92 -4.02 8.37 6.65
N ALA A 93 -3.58 8.78 7.84
CA ALA A 93 -4.18 9.93 8.50
C ALA A 93 -3.11 11.00 8.72
N GLY A 94 -2.56 11.48 7.62
CA GLY A 94 -1.52 12.50 7.68
C GLY A 94 -0.54 12.35 6.51
N PRO A 95 0.27 11.26 6.58
CA PRO A 95 1.26 11.00 5.54
C PRO A 95 0.59 10.46 4.28
N VAL A 96 0.11 9.23 4.37
CA VAL A 96 -0.55 8.60 3.24
C VAL A 96 -2.01 9.06 3.18
N HIS A 97 -2.54 9.07 1.97
CA HIS A 97 -3.92 9.49 1.77
C HIS A 97 -4.67 8.41 0.99
N ALA A 98 -4.09 8.00 -0.13
CA ALA A 98 -4.69 6.99 -0.96
C ALA A 98 -3.67 5.86 -1.20
N LEU A 99 -3.84 4.78 -0.46
CA LEU A 99 -2.96 3.64 -0.57
C LEU A 99 -3.75 2.42 -1.05
N ALA A 100 -3.45 2.00 -2.27
CA ALA A 100 -4.13 0.86 -2.86
C ALA A 100 -3.62 -0.43 -2.20
N ILE A 101 -4.39 -0.93 -1.25
CA ILE A 101 -4.03 -2.15 -0.54
C ILE A 101 -4.58 -3.36 -1.30
N GLN A 102 -3.81 -4.43 -1.31
CA GLN A 102 -4.20 -5.64 -1.98
C GLN A 102 -4.40 -6.78 -0.97
N ALA A 103 -5.66 -6.96 -0.57
CA ALA A 103 -6.00 -8.00 0.39
C ALA A 103 -6.33 -9.29 -0.36
N LYS A 104 -5.39 -10.22 -0.31
CA LYS A 104 -5.57 -11.50 -0.96
C LYS A 104 -5.25 -12.64 0.01
N THR A 105 -5.59 -13.85 -0.40
CA THR A 105 -5.34 -15.02 0.43
C THR A 105 -4.19 -15.84 -0.14
N PRO A 106 -3.66 -16.77 0.71
CA PRO A 106 -2.56 -17.62 0.30
C PRO A 106 -3.05 -18.72 -0.65
N ALA A 107 -4.34 -18.69 -0.93
CA ALA A 107 -4.95 -19.68 -1.80
C ALA A 107 -5.28 -19.02 -3.14
N GLN A 108 -5.25 -17.69 -3.14
CA GLN A 108 -5.55 -16.93 -4.34
C GLN A 108 -4.25 -16.38 -4.96
N TRP A 109 -3.32 -16.05 -4.09
CA TRP A 109 -2.04 -15.51 -4.52
C TRP A 109 -1.34 -16.60 -5.34
N ARG A 110 -1.65 -17.84 -5.01
CA ARG A 110 -1.05 -18.97 -5.70
C ARG A 110 -1.51 -19.00 -7.16
N GLU A 111 -2.83 -18.93 -7.33
CA GLU A 111 -3.41 -18.95 -8.66
C GLU A 111 -2.83 -17.82 -9.51
N ASN A 112 -2.73 -16.66 -8.89
CA ASN A 112 -2.20 -15.49 -9.57
C ASN A 112 -1.47 -14.60 -8.58
N PRO A 113 -0.17 -14.96 -8.34
CA PRO A 113 0.64 -14.20 -7.41
C PRO A 113 1.09 -12.87 -8.01
N GLN A 114 0.67 -12.65 -9.26
CA GLN A 114 1.01 -11.43 -9.96
C GLN A 114 0.07 -10.31 -9.56
N LEU A 115 0.66 -9.21 -9.10
CA LEU A 115 -0.13 -8.07 -8.68
C LEU A 115 -0.37 -7.15 -9.88
N ASP A 116 -1.00 -6.02 -9.61
CA ASP A 116 -1.30 -5.05 -10.67
C ASP A 116 -1.21 -3.65 -10.09
N ILE A 117 -0.04 -3.32 -9.56
CA ILE A 117 0.18 -2.01 -8.97
C ILE A 117 0.71 -1.06 -10.06
N SER A 118 1.41 -1.64 -11.02
CA SER A 118 1.96 -0.87 -12.11
C SER A 118 2.26 -1.77 -13.31
N PRO A 119 2.10 -1.19 -14.53
CA PRO A 119 2.34 -1.94 -15.76
C PRO A 119 3.85 -2.12 -15.99
N PRO A 120 4.22 -3.38 -16.32
CA PRO A 120 5.61 -3.70 -16.57
C PRO A 120 6.06 -3.19 -17.94
N CYS A 121 7.31 -3.47 -18.27
CA CYS A 121 7.86 -3.02 -19.54
C CYS A 121 9.10 -3.88 -19.84
N LEU A 122 8.89 -5.18 -19.88
CA LEU A 122 9.98 -6.11 -20.16
C LEU A 122 9.96 -6.50 -21.63
N GLY A 123 10.87 -7.37 -22.00
CA GLY A 123 10.97 -7.82 -23.38
C GLY A 123 12.33 -7.47 -23.98
N GLY A 1 -6.73 -4.94 30.62
CA GLY A 1 -7.78 -4.53 29.69
C GLY A 1 -7.21 -4.31 28.29
N SER A 2 -8.11 -3.94 27.38
CA SER A 2 -7.72 -3.69 26.01
C SER A 2 -8.71 -2.75 25.34
N SER A 3 -9.97 -3.19 25.32
CA SER A 3 -11.03 -2.40 24.72
C SER A 3 -10.81 -2.29 23.21
N GLY A 4 -11.88 -1.95 22.51
CA GLY A 4 -11.82 -1.82 21.06
C GLY A 4 -13.05 -1.09 20.52
N SER A 5 -12.80 -0.11 19.67
CA SER A 5 -13.89 0.66 19.08
C SER A 5 -13.35 1.54 17.94
N SER A 6 -13.96 1.39 16.78
CA SER A 6 -13.56 2.16 15.62
C SER A 6 -14.80 2.67 14.88
N GLY A 7 -14.60 3.77 14.16
CA GLY A 7 -15.69 4.38 13.41
C GLY A 7 -15.17 5.00 12.11
N MET A 8 -14.48 4.19 11.33
CA MET A 8 -13.92 4.65 10.07
C MET A 8 -14.24 3.69 8.93
N ALA A 9 -14.32 4.23 7.73
CA ALA A 9 -14.62 3.42 6.55
C ALA A 9 -14.24 4.20 5.30
N THR A 10 -13.18 3.73 4.64
CA THR A 10 -12.71 4.37 3.43
C THR A 10 -13.86 4.53 2.42
N ARG A 11 -13.81 5.63 1.69
CA ARG A 11 -14.83 5.91 0.69
C ARG A 11 -14.44 5.30 -0.66
N SER A 12 -15.44 5.12 -1.51
CA SER A 12 -15.22 4.56 -2.82
C SER A 12 -14.24 5.44 -3.61
N CYS A 13 -13.37 4.77 -4.36
CA CYS A 13 -12.39 5.47 -5.16
C CYS A 13 -12.07 4.62 -6.39
N VAL A 14 -12.34 5.20 -7.56
CA VAL A 14 -12.09 4.51 -8.81
C VAL A 14 -10.59 4.44 -9.07
N SER A 15 -9.94 3.53 -8.36
CA SER A 15 -8.50 3.37 -8.50
C SER A 15 -8.12 3.36 -9.99
N ARG A 16 -7.30 4.34 -10.36
CA ARG A 16 -6.86 4.45 -11.73
C ARG A 16 -5.50 5.16 -11.80
N GLY A 17 -4.89 5.10 -12.97
CA GLY A 17 -3.60 5.74 -13.17
C GLY A 17 -2.47 4.85 -12.63
N SER A 18 -1.51 4.57 -13.50
CA SER A 18 -0.38 3.75 -13.13
C SER A 18 0.93 4.46 -13.48
N ALA A 19 1.75 4.65 -12.46
CA ALA A 19 3.04 5.31 -12.65
C ALA A 19 3.75 5.42 -11.31
N GLY A 20 4.99 4.97 -11.29
CA GLY A 20 5.80 5.00 -10.08
C GLY A 20 7.21 4.47 -10.35
N SER A 21 8.15 4.99 -9.57
CA SER A 21 9.54 4.58 -9.70
C SER A 21 10.41 5.34 -8.71
N ALA A 22 10.58 4.74 -7.54
CA ALA A 22 11.37 5.34 -6.49
C ALA A 22 11.66 4.31 -5.40
N ALA A 23 12.38 4.74 -4.39
CA ALA A 23 12.73 3.86 -3.28
C ALA A 23 11.75 4.09 -2.13
N ALA A 24 11.61 3.07 -1.30
CA ALA A 24 10.70 3.14 -0.17
C ALA A 24 11.23 4.17 0.83
N GLY A 25 10.59 4.21 1.99
CA GLY A 25 10.99 5.13 3.04
C GLY A 25 10.76 4.54 4.42
N PRO A 26 10.83 5.41 5.46
CA PRO A 26 10.64 4.98 6.84
C PRO A 26 9.16 4.71 7.12
N VAL A 27 8.31 5.41 6.39
CA VAL A 27 6.87 5.27 6.55
C VAL A 27 6.43 3.96 5.88
N GLU A 28 6.65 3.91 4.57
CA GLU A 28 6.27 2.73 3.80
C GLU A 28 6.75 1.46 4.50
N ALA A 29 8.06 1.40 4.71
CA ALA A 29 8.66 0.25 5.36
C ALA A 29 7.79 -0.16 6.56
N ALA A 30 7.46 0.83 7.37
CA ALA A 30 6.63 0.59 8.55
C ALA A 30 5.32 -0.05 8.12
N ILE A 31 4.64 0.63 7.20
CA ILE A 31 3.37 0.14 6.71
C ILE A 31 3.44 -1.38 6.54
N ARG A 32 4.56 -1.84 6.01
CA ARG A 32 4.78 -3.26 5.79
C ARG A 32 5.28 -3.92 7.08
N ALA A 33 6.44 -3.46 7.53
CA ALA A 33 7.04 -4.00 8.74
C ALA A 33 5.94 -4.25 9.78
N LYS A 34 4.95 -3.37 9.77
CA LYS A 34 3.84 -3.47 10.70
C LYS A 34 3.01 -4.71 10.36
N LEU A 35 2.29 -4.61 9.24
CA LEU A 35 1.46 -5.70 8.78
C LEU A 35 2.24 -7.02 8.89
N GLU A 36 3.55 -6.89 8.75
CA GLU A 36 4.42 -8.05 8.82
C GLU A 36 4.29 -8.74 10.18
N GLN A 37 4.23 -7.91 11.22
CA GLN A 37 4.10 -8.41 12.58
C GLN A 37 2.67 -8.22 13.09
N ALA A 38 1.86 -7.59 12.25
CA ALA A 38 0.47 -7.35 12.59
C ALA A 38 -0.41 -8.42 11.96
N LEU A 39 0.00 -8.86 10.77
CA LEU A 39 -0.74 -9.88 10.05
C LEU A 39 0.17 -11.07 9.79
N SER A 40 1.42 -10.77 9.44
CA SER A 40 2.39 -11.80 9.16
C SER A 40 1.88 -12.73 8.06
N PRO A 41 1.59 -12.11 6.88
CA PRO A 41 1.10 -12.86 5.74
C PRO A 41 2.21 -13.68 5.09
N GLU A 42 1.86 -14.34 4.00
CA GLU A 42 2.82 -15.16 3.27
C GLU A 42 3.54 -14.31 2.22
N VAL A 43 2.91 -13.21 1.87
CA VAL A 43 3.49 -12.32 0.87
C VAL A 43 3.04 -10.88 1.18
N LEU A 44 3.96 -10.11 1.73
CA LEU A 44 3.68 -8.73 2.07
C LEU A 44 4.54 -7.81 1.20
N GLU A 45 4.06 -7.55 0.00
CA GLU A 45 4.78 -6.69 -0.93
C GLU A 45 4.33 -5.23 -0.75
N LEU A 46 5.32 -4.35 -0.81
CA LEU A 46 5.06 -2.93 -0.65
C LEU A 46 6.10 -2.13 -1.42
N ARG A 47 5.62 -1.12 -2.14
CA ARG A 47 6.51 -0.28 -2.93
C ARG A 47 5.98 1.16 -2.95
N ASN A 48 6.85 2.06 -3.38
CA ASN A 48 6.48 3.47 -3.45
C ASN A 48 5.93 3.77 -4.84
N GLU A 49 4.67 4.18 -4.87
CA GLU A 49 4.01 4.50 -6.13
C GLU A 49 4.33 5.95 -6.54
N SER A 50 4.40 6.80 -5.53
CA SER A 50 4.68 8.21 -5.76
C SER A 50 5.74 8.35 -6.86
N GLY A 51 5.29 8.78 -8.02
CA GLY A 51 6.18 8.96 -9.16
C GLY A 51 5.39 9.04 -10.46
N GLY A 52 5.24 10.26 -10.96
CA GLY A 52 4.52 10.48 -12.20
C GLY A 52 3.51 11.63 -12.05
N HIS A 53 2.62 11.48 -11.09
CA HIS A 53 1.60 12.49 -10.83
C HIS A 53 2.27 13.86 -10.73
N ALA A 54 1.48 14.88 -11.03
CA ALA A 54 1.98 16.25 -10.97
C ALA A 54 2.01 16.73 -9.53
N VAL A 55 3.04 16.28 -8.81
CA VAL A 55 3.20 16.66 -7.42
C VAL A 55 4.68 16.95 -7.14
N PRO A 56 4.91 17.73 -6.05
CA PRO A 56 6.25 18.09 -5.65
C PRO A 56 6.98 16.91 -5.01
N ALA A 57 8.23 16.72 -5.41
CA ALA A 57 9.03 15.64 -4.89
C ALA A 57 8.80 15.53 -3.38
N GLY A 58 9.01 14.32 -2.87
CA GLY A 58 8.83 14.07 -1.45
C GLY A 58 7.36 13.84 -1.12
N SER A 59 6.62 13.39 -2.13
CA SER A 59 5.20 13.13 -1.95
C SER A 59 4.98 11.65 -1.63
N GLU A 60 4.57 11.40 -0.39
CA GLU A 60 4.33 10.04 0.06
C GLU A 60 2.86 9.86 0.42
N THR A 61 2.00 10.15 -0.54
CA THR A 61 0.56 10.02 -0.34
C THR A 61 0.01 8.87 -1.17
N HIS A 62 0.85 8.36 -2.06
CA HIS A 62 0.45 7.25 -2.92
C HIS A 62 1.35 6.05 -2.66
N PHE A 63 0.72 4.91 -2.43
CA PHE A 63 1.44 3.68 -2.16
C PHE A 63 0.61 2.46 -2.56
N ARG A 64 1.30 1.33 -2.64
CA ARG A 64 0.64 0.08 -3.01
C ARG A 64 1.22 -1.08 -2.20
N VAL A 65 0.34 -1.69 -1.41
CA VAL A 65 0.74 -2.81 -0.57
C VAL A 65 -0.01 -4.07 -1.03
N ALA A 66 0.67 -5.20 -0.88
CA ALA A 66 0.08 -6.48 -1.28
C ALA A 66 0.21 -7.46 -0.12
N VAL A 67 -0.88 -7.61 0.62
CA VAL A 67 -0.90 -8.53 1.75
C VAL A 67 -1.46 -9.88 1.30
N VAL A 68 -0.80 -10.94 1.76
CA VAL A 68 -1.22 -12.28 1.41
C VAL A 68 -1.31 -13.12 2.68
N SER A 69 -2.47 -13.05 3.32
CA SER A 69 -2.70 -13.79 4.55
C SER A 69 -4.05 -14.52 4.48
N SER A 70 -4.22 -15.46 5.38
CA SER A 70 -5.45 -16.23 5.44
C SER A 70 -6.48 -15.52 6.30
N ARG A 71 -6.09 -14.35 6.80
CA ARG A 71 -6.96 -13.56 7.65
C ARG A 71 -8.22 -13.16 6.87
N PHE A 72 -8.01 -12.79 5.62
CA PHE A 72 -9.12 -12.38 4.77
C PHE A 72 -9.75 -13.58 4.07
N GLU A 73 -9.85 -14.67 4.82
CA GLU A 73 -10.43 -15.89 4.29
C GLU A 73 -11.97 -15.83 4.36
N GLY A 74 -12.53 -15.05 3.45
CA GLY A 74 -13.97 -14.89 3.40
C GLY A 74 -14.41 -13.59 4.08
N MET A 75 -13.50 -12.62 4.08
CA MET A 75 -13.77 -11.33 4.68
C MET A 75 -14.25 -10.33 3.64
N SER A 76 -14.96 -9.32 4.11
CA SER A 76 -15.47 -8.27 3.24
C SER A 76 -14.32 -7.44 2.68
N PRO A 77 -14.66 -6.56 1.69
CA PRO A 77 -13.66 -5.71 1.07
C PRO A 77 -13.27 -4.56 2.01
N LEU A 78 -14.23 -4.16 2.83
CA LEU A 78 -14.00 -3.07 3.77
C LEU A 78 -13.16 -3.60 4.95
N GLN A 79 -13.67 -4.66 5.56
CA GLN A 79 -12.98 -5.26 6.69
C GLN A 79 -11.50 -5.41 6.39
N ARG A 80 -11.21 -6.09 5.28
CA ARG A 80 -9.84 -6.32 4.88
C ARG A 80 -9.01 -5.05 5.06
N HIS A 81 -9.36 -4.03 4.27
CA HIS A 81 -8.67 -2.75 4.34
C HIS A 81 -8.70 -2.22 5.77
N ARG A 82 -9.87 -2.36 6.39
CA ARG A 82 -10.05 -1.90 7.76
C ARG A 82 -8.96 -2.48 8.66
N LEU A 83 -8.85 -3.81 8.64
CA LEU A 83 -7.87 -4.49 9.45
C LEU A 83 -6.51 -3.80 9.29
N VAL A 84 -6.20 -3.45 8.05
CA VAL A 84 -4.94 -2.79 7.76
C VAL A 84 -5.01 -1.34 8.25
N HIS A 85 -6.03 -0.63 7.77
CA HIS A 85 -6.22 0.75 8.15
C HIS A 85 -6.10 0.89 9.67
N GLU A 86 -6.59 -0.12 10.36
CA GLU A 86 -6.54 -0.11 11.82
C GLU A 86 -5.09 -0.10 12.30
N ALA A 87 -4.29 -0.95 11.70
CA ALA A 87 -2.88 -1.04 12.05
C ALA A 87 -2.14 0.17 11.48
N LEU A 88 -2.52 0.54 10.26
CA LEU A 88 -1.89 1.68 9.61
C LEU A 88 -2.90 2.83 9.53
N SER A 89 -3.46 3.16 10.68
CA SER A 89 -4.43 4.24 10.76
C SER A 89 -3.73 5.59 10.66
N GLU A 90 -2.67 5.73 11.45
CA GLU A 90 -1.90 6.96 11.46
C GLU A 90 -1.18 7.15 10.14
N GLU A 91 -1.14 6.07 9.36
CA GLU A 91 -0.48 6.10 8.07
C GLU A 91 -1.39 6.79 7.03
N LEU A 92 -2.66 6.42 7.06
CA LEU A 92 -3.62 6.98 6.14
C LEU A 92 -4.36 8.13 6.82
N ALA A 93 -3.94 8.43 8.04
CA ALA A 93 -4.55 9.50 8.81
C ALA A 93 -3.50 10.57 9.11
N GLY A 94 -2.68 10.84 8.12
CA GLY A 94 -1.63 11.83 8.26
C GLY A 94 -0.81 11.97 6.98
N PRO A 95 0.17 11.04 6.82
CA PRO A 95 1.03 11.04 5.65
C PRO A 95 0.28 10.50 4.42
N VAL A 96 0.10 9.20 4.41
CA VAL A 96 -0.60 8.54 3.31
C VAL A 96 -2.02 9.09 3.21
N HIS A 97 -2.44 9.35 1.98
CA HIS A 97 -3.78 9.88 1.75
C HIS A 97 -4.60 8.84 0.99
N ALA A 98 -3.94 8.15 0.08
CA ALA A 98 -4.60 7.12 -0.71
C ALA A 98 -3.60 6.04 -1.09
N LEU A 99 -3.90 4.81 -0.67
CA LEU A 99 -3.02 3.69 -0.95
C LEU A 99 -3.89 2.48 -1.35
N ALA A 100 -3.51 1.87 -2.46
CA ALA A 100 -4.23 0.70 -2.95
C ALA A 100 -3.73 -0.54 -2.21
N ILE A 101 -4.52 -0.96 -1.22
CA ILE A 101 -4.16 -2.13 -0.44
C ILE A 101 -4.70 -3.38 -1.14
N GLN A 102 -3.81 -4.35 -1.29
CA GLN A 102 -4.18 -5.60 -1.94
C GLN A 102 -4.40 -6.70 -0.90
N ALA A 103 -5.66 -6.95 -0.61
CA ALA A 103 -6.02 -7.97 0.37
C ALA A 103 -6.37 -9.27 -0.36
N LYS A 104 -5.45 -10.21 -0.29
CA LYS A 104 -5.64 -11.50 -0.94
C LYS A 104 -5.34 -12.62 0.06
N THR A 105 -5.64 -13.85 -0.36
CA THR A 105 -5.40 -15.00 0.49
C THR A 105 -4.26 -15.85 -0.07
N PRO A 106 -3.77 -16.79 0.78
CA PRO A 106 -2.69 -17.67 0.38
C PRO A 106 -3.18 -18.74 -0.59
N ALA A 107 -4.47 -18.69 -0.88
CA ALA A 107 -5.07 -19.66 -1.78
C ALA A 107 -5.28 -19.00 -3.15
N GLN A 108 -5.45 -17.68 -3.13
CA GLN A 108 -5.67 -16.93 -4.35
C GLN A 108 -4.33 -16.46 -4.92
N TRP A 109 -3.45 -16.03 -4.02
CA TRP A 109 -2.14 -15.56 -4.42
C TRP A 109 -1.50 -16.63 -5.30
N ARG A 110 -1.75 -17.88 -4.94
CA ARG A 110 -1.21 -19.01 -5.69
C ARG A 110 -1.65 -18.92 -7.17
N GLU A 111 -2.95 -18.77 -7.35
CA GLU A 111 -3.51 -18.68 -8.69
C GLU A 111 -2.76 -17.62 -9.50
N ASN A 112 -2.72 -16.42 -8.95
CA ASN A 112 -2.05 -15.32 -9.62
C ASN A 112 -1.31 -14.48 -8.57
N PRO A 113 -0.06 -14.90 -8.26
CA PRO A 113 0.76 -14.21 -7.29
C PRO A 113 1.31 -12.91 -7.87
N GLN A 114 0.95 -12.66 -9.11
CA GLN A 114 1.40 -11.45 -9.80
C GLN A 114 0.50 -10.27 -9.45
N LEU A 115 1.10 -9.25 -8.86
CA LEU A 115 0.37 -8.06 -8.47
C LEU A 115 0.22 -7.14 -9.69
N ASP A 116 -0.42 -6.01 -9.46
CA ASP A 116 -0.64 -5.04 -10.52
C ASP A 116 -0.26 -3.64 -10.01
N ILE A 117 0.94 -3.22 -10.38
CA ILE A 117 1.43 -1.91 -9.97
C ILE A 117 1.60 -1.03 -11.20
N SER A 118 2.67 -1.29 -11.95
CA SER A 118 2.95 -0.53 -13.15
C SER A 118 3.15 -1.49 -14.34
N PRO A 119 2.67 -1.01 -15.52
CA PRO A 119 2.78 -1.81 -16.74
C PRO A 119 4.23 -1.82 -17.26
N PRO A 120 4.77 -3.05 -17.45
CA PRO A 120 6.13 -3.20 -17.95
C PRO A 120 6.21 -2.89 -19.45
N CYS A 121 7.40 -3.07 -20.00
CA CYS A 121 7.61 -2.82 -21.42
C CYS A 121 8.50 -3.93 -21.97
N LEU A 122 7.86 -5.02 -22.36
CA LEU A 122 8.58 -6.16 -22.91
C LEU A 122 7.92 -6.60 -24.21
N GLY A 123 6.65 -6.98 -24.10
CA GLY A 123 5.90 -7.42 -25.26
C GLY A 123 4.42 -7.62 -24.92
N GLY A 1 -8.41 -2.49 26.80
CA GLY A 1 -8.95 -2.21 25.48
C GLY A 1 -9.56 -0.82 25.43
N SER A 2 -8.99 0.03 24.57
CA SER A 2 -9.48 1.39 24.42
C SER A 2 -10.71 1.41 23.52
N SER A 3 -11.66 2.26 23.87
CA SER A 3 -12.89 2.38 23.11
C SER A 3 -13.39 3.83 23.16
N GLY A 4 -12.97 4.61 22.18
CA GLY A 4 -13.37 6.00 22.10
C GLY A 4 -12.94 6.62 20.77
N SER A 5 -13.67 6.28 19.72
CA SER A 5 -13.38 6.79 18.40
C SER A 5 -14.60 6.64 17.49
N SER A 6 -14.91 7.70 16.78
CA SER A 6 -16.04 7.71 15.87
C SER A 6 -15.85 8.75 14.77
N GLY A 7 -15.39 8.28 13.62
CA GLY A 7 -15.15 9.15 12.49
C GLY A 7 -14.36 8.43 11.40
N MET A 8 -15.07 7.58 10.66
CA MET A 8 -14.44 6.84 9.59
C MET A 8 -14.65 7.54 8.24
N ALA A 9 -13.54 7.98 7.67
CA ALA A 9 -13.59 8.67 6.39
C ALA A 9 -13.16 7.70 5.28
N THR A 10 -13.76 7.89 4.12
CA THR A 10 -13.46 7.04 2.97
C THR A 10 -13.41 7.88 1.69
N ARG A 11 -12.36 7.64 0.91
CA ARG A 11 -12.18 8.35 -0.34
C ARG A 11 -11.16 7.63 -1.22
N SER A 12 -11.21 7.95 -2.51
CA SER A 12 -10.30 7.34 -3.47
C SER A 12 -10.39 8.07 -4.80
N CYS A 13 -9.22 8.39 -5.34
CA CYS A 13 -9.16 9.10 -6.61
C CYS A 13 -8.42 8.20 -7.61
N VAL A 14 -9.16 7.75 -8.62
CA VAL A 14 -8.60 6.89 -9.64
C VAL A 14 -8.72 7.58 -11.00
N SER A 15 -7.93 8.62 -11.18
CA SER A 15 -7.94 9.36 -12.42
C SER A 15 -6.93 8.75 -13.42
N ARG A 16 -5.70 8.65 -12.95
CA ARG A 16 -4.64 8.09 -13.79
C ARG A 16 -3.29 8.20 -13.07
N GLY A 17 -2.30 7.53 -13.63
CA GLY A 17 -0.96 7.54 -13.07
C GLY A 17 0.03 6.80 -13.96
N SER A 18 1.18 7.42 -14.16
CA SER A 18 2.21 6.85 -15.00
C SER A 18 3.55 7.55 -14.76
N ALA A 19 3.55 8.85 -15.03
CA ALA A 19 4.75 9.65 -14.84
C ALA A 19 5.10 9.70 -13.35
N GLY A 20 6.39 9.61 -13.08
CA GLY A 20 6.88 9.64 -11.71
C GLY A 20 7.83 8.47 -11.44
N SER A 21 8.55 8.59 -10.34
CA SER A 21 9.50 7.56 -9.96
C SER A 21 10.05 7.84 -8.55
N ALA A 22 9.83 6.88 -7.67
CA ALA A 22 10.30 7.02 -6.29
C ALA A 22 10.59 5.62 -5.72
N ALA A 23 11.13 5.62 -4.51
CA ALA A 23 11.47 4.37 -3.85
C ALA A 23 10.78 4.33 -2.48
N ALA A 24 10.94 3.20 -1.81
CA ALA A 24 10.34 3.01 -0.50
C ALA A 24 10.82 4.12 0.43
N GLY A 25 10.47 3.98 1.71
CA GLY A 25 10.86 4.97 2.70
C GLY A 25 10.64 4.43 4.12
N PRO A 26 10.71 5.36 5.10
CA PRO A 26 10.52 5.00 6.49
C PRO A 26 9.04 4.76 6.80
N VAL A 27 8.19 5.27 5.92
CA VAL A 27 6.76 5.11 6.09
C VAL A 27 6.35 3.70 5.64
N GLU A 28 6.52 3.44 4.35
CA GLU A 28 6.18 2.15 3.80
C GLU A 28 6.76 1.03 4.66
N ALA A 29 8.03 1.20 5.03
CA ALA A 29 8.71 0.22 5.84
C ALA A 29 7.83 -0.13 7.05
N ALA A 30 7.45 0.91 7.78
CA ALA A 30 6.61 0.72 8.95
C ALA A 30 5.30 0.07 8.53
N ILE A 31 4.72 0.59 7.47
CA ILE A 31 3.46 0.07 6.96
C ILE A 31 3.58 -1.45 6.77
N ARG A 32 4.75 -1.85 6.29
CA ARG A 32 5.02 -3.26 6.06
C ARG A 32 5.43 -3.95 7.37
N ALA A 33 6.58 -3.54 7.87
CA ALA A 33 7.10 -4.10 9.11
C ALA A 33 5.94 -4.30 10.09
N LYS A 34 4.98 -3.39 10.02
CA LYS A 34 3.83 -3.46 10.90
C LYS A 34 2.97 -4.67 10.52
N LEU A 35 2.32 -4.56 9.37
CA LEU A 35 1.47 -5.62 8.89
C LEU A 35 2.22 -6.95 8.97
N GLU A 36 3.55 -6.85 8.95
CA GLU A 36 4.39 -8.03 9.03
C GLU A 36 4.19 -8.73 10.37
N GLN A 37 4.11 -7.93 11.42
CA GLN A 37 3.93 -8.46 12.76
C GLN A 37 2.48 -8.24 13.22
N ALA A 38 1.74 -7.53 12.40
CA ALA A 38 0.35 -7.25 12.71
C ALA A 38 -0.55 -8.27 12.01
N LEU A 39 -0.04 -8.81 10.91
CA LEU A 39 -0.77 -9.79 10.14
C LEU A 39 0.12 -11.01 9.88
N SER A 40 1.35 -10.72 9.48
CA SER A 40 2.31 -11.78 9.20
C SER A 40 1.80 -12.66 8.06
N PRO A 41 1.57 -12.01 6.88
CA PRO A 41 1.09 -12.71 5.72
C PRO A 41 2.20 -13.54 5.08
N GLU A 42 1.83 -14.26 4.02
CA GLU A 42 2.78 -15.09 3.31
C GLU A 42 3.52 -14.28 2.26
N VAL A 43 2.92 -13.16 1.88
CA VAL A 43 3.50 -12.29 0.88
C VAL A 43 3.09 -10.84 1.17
N LEU A 44 4.06 -10.06 1.65
CA LEU A 44 3.81 -8.66 1.97
C LEU A 44 4.74 -7.78 1.14
N GLU A 45 4.16 -7.17 0.12
CA GLU A 45 4.93 -6.30 -0.76
C GLU A 45 4.36 -4.88 -0.71
N LEU A 46 5.25 -3.92 -0.94
CA LEU A 46 4.85 -2.51 -0.93
C LEU A 46 5.65 -1.76 -1.99
N ARG A 47 5.02 -0.73 -2.54
CA ARG A 47 5.67 0.08 -3.56
C ARG A 47 4.92 1.40 -3.74
N ASN A 48 5.62 2.37 -4.31
CA ASN A 48 5.03 3.68 -4.55
C ASN A 48 4.51 3.74 -5.99
N GLU A 49 3.56 4.64 -6.20
CA GLU A 49 2.98 4.82 -7.52
C GLU A 49 3.06 6.29 -7.95
N SER A 50 2.49 7.16 -7.11
CA SER A 50 2.50 8.58 -7.40
C SER A 50 1.51 8.89 -8.52
N GLY A 51 1.72 8.25 -9.66
CA GLY A 51 0.86 8.45 -10.81
C GLY A 51 1.11 9.81 -11.45
N GLY A 52 0.54 10.84 -10.83
CA GLY A 52 0.70 12.20 -11.33
C GLY A 52 -0.35 13.14 -10.73
N HIS A 53 -0.58 12.95 -9.43
CA HIS A 53 -1.55 13.76 -8.72
C HIS A 53 -0.95 15.14 -8.45
N ALA A 54 -1.73 15.96 -7.77
CA ALA A 54 -1.29 17.31 -7.44
C ALA A 54 -0.70 17.31 -6.03
N VAL A 55 0.60 17.05 -5.97
CA VAL A 55 1.30 17.01 -4.69
C VAL A 55 2.68 17.64 -4.86
N PRO A 56 3.26 18.09 -3.71
CA PRO A 56 4.57 18.71 -3.72
C PRO A 56 5.67 17.66 -3.91
N ALA A 57 6.63 18.01 -4.75
CA ALA A 57 7.74 17.11 -5.04
C ALA A 57 8.17 16.43 -3.74
N GLY A 58 8.37 15.12 -3.83
CA GLY A 58 8.78 14.34 -2.68
C GLY A 58 7.58 13.97 -1.80
N SER A 59 6.62 13.29 -2.42
CA SER A 59 5.43 12.87 -1.71
C SER A 59 5.34 11.34 -1.68
N GLU A 60 4.92 10.83 -0.54
CA GLU A 60 4.78 9.39 -0.37
C GLU A 60 3.36 9.04 0.07
N THR A 61 2.39 9.57 -0.66
CA THR A 61 0.99 9.32 -0.36
C THR A 61 0.50 8.07 -1.08
N HIS A 62 0.24 8.23 -2.37
CA HIS A 62 -0.23 7.12 -3.19
C HIS A 62 0.73 5.94 -3.06
N PHE A 63 0.34 4.97 -2.25
CA PHE A 63 1.15 3.80 -2.03
C PHE A 63 0.39 2.53 -2.41
N ARG A 64 1.15 1.47 -2.67
CA ARG A 64 0.57 0.19 -3.04
C ARG A 64 1.20 -0.94 -2.23
N VAL A 65 0.36 -1.65 -1.51
CA VAL A 65 0.82 -2.76 -0.69
C VAL A 65 0.06 -4.03 -1.08
N ALA A 66 0.79 -5.13 -1.11
CA ALA A 66 0.19 -6.41 -1.45
C ALA A 66 0.33 -7.37 -0.27
N VAL A 67 -0.76 -7.50 0.46
CA VAL A 67 -0.78 -8.38 1.63
C VAL A 67 -1.37 -9.73 1.22
N VAL A 68 -0.75 -10.79 1.74
CA VAL A 68 -1.20 -12.14 1.44
C VAL A 68 -1.31 -12.94 2.74
N SER A 69 -2.48 -12.85 3.35
CA SER A 69 -2.72 -13.56 4.61
C SER A 69 -4.08 -14.25 4.56
N SER A 70 -4.28 -15.16 5.51
CA SER A 70 -5.53 -15.89 5.58
C SER A 70 -6.56 -15.09 6.41
N ARG A 71 -6.08 -14.00 6.97
CA ARG A 71 -6.94 -13.13 7.77
C ARG A 71 -8.18 -12.72 6.97
N PHE A 72 -7.97 -12.52 5.68
CA PHE A 72 -9.06 -12.11 4.81
C PHE A 72 -9.68 -13.33 4.12
N GLU A 73 -9.88 -14.38 4.91
CA GLU A 73 -10.47 -15.60 4.39
C GLU A 73 -11.99 -15.50 4.40
N GLY A 74 -12.51 -14.88 3.35
CA GLY A 74 -13.95 -14.72 3.23
C GLY A 74 -14.37 -13.31 3.64
N MET A 75 -13.56 -12.70 4.49
CA MET A 75 -13.83 -11.36 4.97
C MET A 75 -14.32 -10.45 3.83
N SER A 76 -14.87 -9.31 4.21
CA SER A 76 -15.37 -8.36 3.23
C SER A 76 -14.20 -7.63 2.57
N PRO A 77 -14.53 -6.89 1.47
CA PRO A 77 -13.52 -6.15 0.74
C PRO A 77 -13.11 -4.89 1.50
N LEU A 78 -14.03 -4.40 2.30
CA LEU A 78 -13.77 -3.20 3.09
C LEU A 78 -12.97 -3.58 4.34
N GLN A 79 -13.47 -4.58 5.05
CA GLN A 79 -12.81 -5.04 6.25
C GLN A 79 -11.32 -5.27 5.99
N ARG A 80 -11.03 -5.79 4.82
CA ARG A 80 -9.65 -6.06 4.43
C ARG A 80 -8.81 -4.80 4.61
N HIS A 81 -9.12 -3.79 3.81
CA HIS A 81 -8.40 -2.52 3.87
C HIS A 81 -8.45 -1.97 5.30
N ARG A 82 -9.56 -2.26 5.97
CA ARG A 82 -9.74 -1.80 7.34
C ARG A 82 -8.74 -2.47 8.27
N LEU A 83 -8.49 -3.75 8.00
CA LEU A 83 -7.55 -4.52 8.81
C LEU A 83 -6.21 -3.79 8.84
N VAL A 84 -5.75 -3.39 7.66
CA VAL A 84 -4.48 -2.70 7.53
C VAL A 84 -4.62 -1.29 8.12
N HIS A 85 -5.77 -0.68 7.85
CA HIS A 85 -6.04 0.65 8.34
C HIS A 85 -6.03 0.65 9.87
N GLU A 86 -6.57 -0.43 10.43
CA GLU A 86 -6.63 -0.57 11.87
C GLU A 86 -5.22 -0.54 12.47
N ALA A 87 -4.33 -1.31 11.86
CA ALA A 87 -2.96 -1.37 12.32
C ALA A 87 -2.21 -0.11 11.89
N LEU A 88 -2.53 0.33 10.68
CA LEU A 88 -1.90 1.52 10.13
C LEU A 88 -2.96 2.61 9.96
N SER A 89 -3.56 2.99 11.08
CA SER A 89 -4.59 4.02 11.07
C SER A 89 -3.93 5.40 11.06
N GLU A 90 -2.74 5.46 11.62
CA GLU A 90 -2.01 6.72 11.68
C GLU A 90 -1.24 6.94 10.37
N GLU A 91 -1.19 5.90 9.57
CA GLU A 91 -0.50 5.98 8.29
C GLU A 91 -1.38 6.67 7.25
N LEU A 92 -2.67 6.39 7.33
CA LEU A 92 -3.62 6.99 6.40
C LEU A 92 -4.33 8.16 7.09
N ALA A 93 -3.88 8.44 8.31
CA ALA A 93 -4.46 9.54 9.07
C ALA A 93 -3.38 10.59 9.32
N GLY A 94 -2.56 10.81 8.31
CA GLY A 94 -1.49 11.79 8.41
C GLY A 94 -0.64 11.81 7.13
N PRO A 95 0.24 10.79 7.01
CA PRO A 95 1.12 10.69 5.85
C PRO A 95 0.34 10.20 4.63
N VAL A 96 0.12 8.90 4.59
CA VAL A 96 -0.61 8.28 3.47
C VAL A 96 -2.00 8.91 3.40
N HIS A 97 -2.46 9.10 2.16
CA HIS A 97 -3.76 9.68 1.93
C HIS A 97 -4.67 8.65 1.25
N ALA A 98 -4.07 7.88 0.36
CA ALA A 98 -4.80 6.86 -0.36
C ALA A 98 -3.82 5.87 -0.98
N LEU A 99 -3.79 4.67 -0.42
CA LEU A 99 -2.90 3.63 -0.90
C LEU A 99 -3.73 2.39 -1.27
N ALA A 100 -3.42 1.86 -2.44
CA ALA A 100 -4.13 0.68 -2.92
C ALA A 100 -3.59 -0.56 -2.21
N ILE A 101 -4.35 -1.01 -1.22
CA ILE A 101 -3.96 -2.19 -0.45
C ILE A 101 -4.52 -3.44 -1.12
N GLN A 102 -3.61 -4.33 -1.48
CA GLN A 102 -3.99 -5.57 -2.13
C GLN A 102 -4.18 -6.69 -1.09
N ALA A 103 -5.43 -6.88 -0.70
CA ALA A 103 -5.75 -7.90 0.29
C ALA A 103 -6.14 -9.20 -0.44
N LYS A 104 -5.25 -10.18 -0.35
CA LYS A 104 -5.48 -11.46 -0.99
C LYS A 104 -5.15 -12.58 0.00
N THR A 105 -5.75 -13.74 -0.24
CA THR A 105 -5.52 -14.89 0.62
C THR A 105 -4.36 -15.74 0.07
N PRO A 106 -3.87 -16.65 0.95
CA PRO A 106 -2.76 -17.52 0.57
C PRO A 106 -3.24 -18.63 -0.37
N ALA A 107 -4.52 -18.58 -0.68
CA ALA A 107 -5.12 -19.58 -1.57
C ALA A 107 -5.36 -18.94 -2.93
N GLN A 108 -5.49 -17.63 -2.94
CA GLN A 108 -5.73 -16.90 -4.17
C GLN A 108 -4.40 -16.44 -4.77
N TRP A 109 -3.52 -15.94 -3.91
CA TRP A 109 -2.22 -15.47 -4.33
C TRP A 109 -1.57 -16.58 -5.16
N ARG A 110 -1.94 -17.80 -4.86
CA ARG A 110 -1.40 -18.96 -5.56
C ARG A 110 -1.84 -18.93 -7.02
N GLU A 111 -3.13 -18.68 -7.22
CA GLU A 111 -3.68 -18.63 -8.57
C GLU A 111 -2.96 -17.57 -9.39
N ASN A 112 -2.92 -16.36 -8.84
CA ASN A 112 -2.27 -15.25 -9.53
C ASN A 112 -1.49 -14.43 -8.50
N PRO A 113 -0.26 -14.93 -8.18
CA PRO A 113 0.59 -14.25 -7.22
C PRO A 113 1.23 -13.00 -7.84
N GLN A 114 0.93 -12.81 -9.11
CA GLN A 114 1.48 -11.67 -9.83
C GLN A 114 0.64 -10.42 -9.55
N LEU A 115 1.30 -9.42 -8.95
CA LEU A 115 0.64 -8.18 -8.63
C LEU A 115 0.62 -7.28 -9.86
N ASP A 116 -0.01 -6.12 -9.69
CA ASP A 116 -0.12 -5.16 -10.78
C ASP A 116 0.13 -3.75 -10.24
N ILE A 117 1.40 -3.35 -10.28
CA ILE A 117 1.78 -2.03 -9.80
C ILE A 117 1.79 -1.05 -10.97
N SER A 118 2.53 -1.42 -12.01
CA SER A 118 2.63 -0.60 -13.20
C SER A 118 2.96 -1.45 -14.42
N PRO A 119 2.28 -1.13 -15.54
CA PRO A 119 2.49 -1.87 -16.79
C PRO A 119 3.82 -1.47 -17.44
N PRO A 120 4.66 -2.51 -17.70
CA PRO A 120 5.95 -2.29 -18.32
C PRO A 120 5.80 -1.97 -19.81
N CYS A 121 6.94 -1.78 -20.46
CA CYS A 121 6.95 -1.47 -21.88
C CYS A 121 7.09 -2.79 -22.65
N LEU A 122 6.47 -2.82 -23.82
CA LEU A 122 6.52 -4.01 -24.67
C LEU A 122 7.96 -4.22 -25.14
N GLY A 123 8.46 -5.42 -24.88
CA GLY A 123 9.81 -5.77 -25.26
C GLY A 123 10.34 -6.94 -24.43
N GLY A 1 -17.86 3.72 24.30
CA GLY A 1 -17.78 3.44 22.87
C GLY A 1 -18.09 4.69 22.05
N SER A 2 -17.20 4.99 21.12
CA SER A 2 -17.37 6.14 20.26
C SER A 2 -18.13 5.75 18.99
N SER A 3 -18.59 6.77 18.27
CA SER A 3 -19.33 6.54 17.04
C SER A 3 -18.92 7.57 15.99
N GLY A 4 -18.94 8.83 16.40
CA GLY A 4 -18.58 9.91 15.51
C GLY A 4 -19.64 10.10 14.41
N SER A 5 -19.15 10.35 13.20
CA SER A 5 -20.03 10.54 12.06
C SER A 5 -19.53 9.74 10.86
N SER A 6 -20.41 9.58 9.88
CA SER A 6 -20.07 8.84 8.69
C SER A 6 -20.35 9.68 7.45
N GLY A 7 -19.59 9.41 6.40
CA GLY A 7 -19.75 10.14 5.15
C GLY A 7 -18.86 9.55 4.06
N MET A 8 -19.50 8.83 3.14
CA MET A 8 -18.78 8.21 2.04
C MET A 8 -18.39 9.25 0.98
N ALA A 9 -17.24 9.03 0.37
CA ALA A 9 -16.74 9.94 -0.65
C ALA A 9 -16.93 9.29 -2.03
N THR A 10 -16.23 8.18 -2.22
CA THR A 10 -16.30 7.45 -3.47
C THR A 10 -16.04 8.40 -4.65
N ARG A 11 -14.80 8.40 -5.09
CA ARG A 11 -14.40 9.25 -6.20
C ARG A 11 -12.92 9.04 -6.53
N SER A 12 -12.54 9.46 -7.73
CA SER A 12 -11.16 9.34 -8.17
C SER A 12 -10.72 7.87 -8.07
N CYS A 13 -10.87 7.17 -9.19
CA CYS A 13 -10.49 5.77 -9.25
C CYS A 13 -9.72 5.54 -10.54
N VAL A 14 -8.48 6.00 -10.55
CA VAL A 14 -7.62 5.85 -11.70
C VAL A 14 -6.17 5.67 -11.24
N SER A 15 -5.35 5.18 -12.16
CA SER A 15 -3.94 4.97 -11.86
C SER A 15 -3.09 5.29 -13.09
N ARG A 16 -1.87 5.72 -12.82
CA ARG A 16 -0.95 6.07 -13.89
C ARG A 16 0.46 5.58 -13.56
N GLY A 17 0.97 6.04 -12.44
CA GLY A 17 2.30 5.65 -12.00
C GLY A 17 3.21 6.87 -11.86
N SER A 18 4.47 6.60 -11.59
CA SER A 18 5.46 7.66 -11.43
C SER A 18 6.87 7.09 -11.56
N ALA A 19 7.83 8.00 -11.67
CA ALA A 19 9.22 7.60 -11.79
C ALA A 19 10.09 8.53 -10.93
N GLY A 20 10.40 8.04 -9.74
CA GLY A 20 11.22 8.80 -8.81
C GLY A 20 11.21 8.16 -7.42
N SER A 21 11.82 6.99 -7.33
CA SER A 21 11.89 6.27 -6.07
C SER A 21 13.29 5.70 -5.88
N ALA A 22 13.65 5.50 -4.62
CA ALA A 22 14.95 4.96 -4.28
C ALA A 22 14.79 3.55 -3.72
N ALA A 23 14.44 3.49 -2.45
CA ALA A 23 14.25 2.20 -1.78
C ALA A 23 13.27 2.37 -0.63
N ALA A 24 12.01 2.59 -0.98
CA ALA A 24 10.97 2.76 0.02
C ALA A 24 11.36 3.90 0.96
N GLY A 25 10.80 3.86 2.16
CA GLY A 25 11.09 4.88 3.16
C GLY A 25 10.81 4.35 4.57
N PRO A 26 10.86 5.30 5.55
CA PRO A 26 10.61 4.94 6.94
C PRO A 26 9.12 4.70 7.18
N VAL A 27 8.30 5.33 6.36
CA VAL A 27 6.87 5.19 6.47
C VAL A 27 6.42 3.88 5.81
N GLU A 28 6.64 3.83 4.50
CA GLU A 28 6.28 2.64 3.74
C GLU A 28 6.74 1.37 4.45
N ALA A 29 8.02 1.40 4.85
CA ALA A 29 8.59 0.26 5.54
C ALA A 29 7.72 -0.10 6.74
N ALA A 30 7.37 0.92 7.51
CA ALA A 30 6.55 0.72 8.69
C ALA A 30 5.23 0.05 8.27
N ILE A 31 4.64 0.59 7.22
CA ILE A 31 3.38 0.07 6.72
C ILE A 31 3.50 -1.46 6.58
N ARG A 32 4.64 -1.88 6.06
CA ARG A 32 4.89 -3.30 5.86
C ARG A 32 5.34 -3.95 7.17
N ALA A 33 6.49 -3.51 7.65
CA ALA A 33 7.03 -4.03 8.88
C ALA A 33 5.91 -4.22 9.91
N LYS A 34 4.95 -3.31 9.84
CA LYS A 34 3.81 -3.36 10.74
C LYS A 34 2.93 -4.57 10.38
N LEU A 35 2.31 -4.48 9.22
CA LEU A 35 1.44 -5.55 8.76
C LEU A 35 2.20 -6.88 8.83
N GLU A 36 3.52 -6.78 8.83
CA GLU A 36 4.36 -7.96 8.90
C GLU A 36 4.18 -8.65 10.25
N GLN A 37 4.11 -7.85 11.30
CA GLN A 37 3.95 -8.38 12.64
C GLN A 37 2.51 -8.15 13.12
N ALA A 38 1.74 -7.47 12.28
CA ALA A 38 0.35 -7.19 12.61
C ALA A 38 -0.56 -8.14 11.81
N LEU A 39 0.07 -8.95 10.98
CA LEU A 39 -0.66 -9.90 10.17
C LEU A 39 0.21 -11.13 9.90
N SER A 40 1.45 -10.85 9.52
CA SER A 40 2.40 -11.92 9.23
C SER A 40 1.87 -12.79 8.10
N PRO A 41 1.66 -12.15 6.92
CA PRO A 41 1.15 -12.86 5.75
C PRO A 41 2.25 -13.71 5.12
N GLU A 42 1.88 -14.37 4.03
CA GLU A 42 2.82 -15.23 3.33
C GLU A 42 3.56 -14.43 2.26
N VAL A 43 2.96 -13.32 1.86
CA VAL A 43 3.55 -12.46 0.85
C VAL A 43 3.12 -11.01 1.11
N LEU A 44 4.07 -10.22 1.62
CA LEU A 44 3.79 -8.82 1.90
C LEU A 44 4.68 -7.95 1.02
N GLU A 45 4.17 -7.61 -0.15
CA GLU A 45 4.89 -6.79 -1.09
C GLU A 45 4.41 -5.34 -1.01
N LEU A 46 5.37 -4.43 -0.93
CA LEU A 46 5.05 -3.01 -0.86
C LEU A 46 6.04 -2.22 -1.72
N ARG A 47 5.49 -1.27 -2.46
CA ARG A 47 6.31 -0.43 -3.33
C ARG A 47 5.84 1.02 -3.27
N ASN A 48 6.68 1.90 -3.80
CA ASN A 48 6.37 3.31 -3.81
C ASN A 48 5.92 3.73 -5.22
N GLU A 49 4.86 4.52 -5.26
CA GLU A 49 4.33 4.98 -6.53
C GLU A 49 4.37 6.51 -6.59
N SER A 50 3.84 7.12 -5.52
CA SER A 50 3.80 8.57 -5.44
C SER A 50 5.17 9.16 -5.82
N GLY A 51 5.12 10.33 -6.44
CA GLY A 51 6.33 11.00 -6.86
C GLY A 51 6.23 11.48 -8.31
N GLY A 52 5.31 12.40 -8.53
CA GLY A 52 5.09 12.94 -9.87
C GLY A 52 3.63 12.81 -10.28
N HIS A 53 2.80 13.67 -9.72
CA HIS A 53 1.39 13.67 -10.02
C HIS A 53 0.71 14.87 -9.35
N ALA A 54 1.09 16.05 -9.79
CA ALA A 54 0.53 17.28 -9.24
C ALA A 54 0.67 17.25 -7.72
N VAL A 55 1.84 16.80 -7.27
CA VAL A 55 2.11 16.73 -5.85
C VAL A 55 3.48 17.33 -5.57
N PRO A 56 3.65 17.83 -4.31
CA PRO A 56 4.91 18.43 -3.90
C PRO A 56 5.97 17.36 -3.65
N ALA A 57 7.21 17.83 -3.52
CA ALA A 57 8.32 16.93 -3.28
C ALA A 57 8.06 16.11 -2.02
N GLY A 58 8.85 15.07 -1.85
CA GLY A 58 8.71 14.21 -0.69
C GLY A 58 7.27 13.77 -0.50
N SER A 59 6.61 13.52 -1.62
CA SER A 59 5.21 13.10 -1.60
C SER A 59 5.13 11.59 -1.40
N GLU A 60 4.70 11.20 -0.20
CA GLU A 60 4.57 9.79 0.12
C GLU A 60 3.11 9.45 0.41
N THR A 61 2.23 9.95 -0.45
CA THR A 61 0.81 9.71 -0.31
C THR A 61 0.43 8.40 -1.00
N HIS A 62 0.36 8.47 -2.32
CA HIS A 62 0.00 7.31 -3.12
C HIS A 62 0.94 6.15 -2.79
N PHE A 63 0.36 4.97 -2.65
CA PHE A 63 1.15 3.78 -2.35
C PHE A 63 0.39 2.51 -2.72
N ARG A 64 1.13 1.45 -2.92
CA ARG A 64 0.55 0.16 -3.28
C ARG A 64 1.15 -0.95 -2.44
N VAL A 65 0.28 -1.63 -1.69
CA VAL A 65 0.71 -2.72 -0.84
C VAL A 65 0.00 -4.01 -1.26
N ALA A 66 0.71 -5.11 -1.13
CA ALA A 66 0.16 -6.41 -1.49
C ALA A 66 0.36 -7.38 -0.32
N VAL A 67 -0.72 -7.57 0.44
CA VAL A 67 -0.68 -8.46 1.58
C VAL A 67 -1.28 -9.82 1.17
N VAL A 68 -0.66 -10.88 1.67
CA VAL A 68 -1.13 -12.22 1.38
C VAL A 68 -1.24 -13.01 2.68
N SER A 69 -2.41 -12.91 3.29
CA SER A 69 -2.66 -13.61 4.54
C SER A 69 -4.04 -14.28 4.49
N SER A 70 -4.21 -15.26 5.38
CA SER A 70 -5.46 -16.00 5.44
C SER A 70 -6.48 -15.21 6.26
N ARG A 71 -6.01 -14.12 6.86
CA ARG A 71 -6.87 -13.28 7.68
C ARG A 71 -8.09 -12.82 6.87
N PHE A 72 -7.85 -12.56 5.59
CA PHE A 72 -8.92 -12.12 4.71
C PHE A 72 -9.60 -13.32 4.04
N GLU A 73 -9.78 -14.37 4.82
CA GLU A 73 -10.41 -15.57 4.33
C GLU A 73 -11.94 -15.40 4.31
N GLY A 74 -12.47 -15.20 3.12
CA GLY A 74 -13.89 -15.01 2.96
C GLY A 74 -14.39 -13.80 3.75
N MET A 75 -13.64 -12.72 3.62
CA MET A 75 -14.00 -11.48 4.31
C MET A 75 -14.44 -10.41 3.32
N SER A 76 -14.98 -9.33 3.87
CA SER A 76 -15.43 -8.22 3.05
C SER A 76 -14.25 -7.39 2.57
N PRO A 77 -14.52 -6.49 1.59
CA PRO A 77 -13.49 -5.64 1.04
C PRO A 77 -13.14 -4.51 2.01
N LEU A 78 -14.13 -4.11 2.79
CA LEU A 78 -13.94 -3.04 3.75
C LEU A 78 -13.16 -3.59 4.96
N GLN A 79 -13.68 -4.66 5.52
CA GLN A 79 -13.05 -5.29 6.67
C GLN A 79 -11.54 -5.43 6.43
N ARG A 80 -11.21 -6.08 5.32
CA ARG A 80 -9.82 -6.29 4.97
C ARG A 80 -9.01 -5.00 5.17
N HIS A 81 -9.32 -4.02 4.33
CA HIS A 81 -8.63 -2.75 4.40
C HIS A 81 -8.67 -2.23 5.85
N ARG A 82 -9.84 -2.32 6.44
CA ARG A 82 -10.03 -1.86 7.80
C ARG A 82 -8.94 -2.44 8.71
N LEU A 83 -8.76 -3.75 8.60
CA LEU A 83 -7.76 -4.44 9.40
C LEU A 83 -6.43 -3.70 9.28
N VAL A 84 -6.00 -3.52 8.04
CA VAL A 84 -4.75 -2.83 7.76
C VAL A 84 -4.85 -1.39 8.25
N HIS A 85 -5.89 -0.71 7.79
CA HIS A 85 -6.10 0.67 8.16
C HIS A 85 -5.98 0.81 9.68
N GLU A 86 -6.62 -0.11 10.39
CA GLU A 86 -6.58 -0.10 11.84
C GLU A 86 -5.13 -0.15 12.34
N ALA A 87 -4.37 -1.06 11.76
CA ALA A 87 -2.98 -1.22 12.13
C ALA A 87 -2.21 0.04 11.74
N LEU A 88 -2.47 0.50 10.53
CA LEU A 88 -1.82 1.70 10.02
C LEU A 88 -2.84 2.82 9.86
N SER A 89 -3.45 3.18 10.98
CA SER A 89 -4.46 4.24 10.97
C SER A 89 -3.78 5.59 10.78
N GLU A 90 -2.74 5.81 11.55
CA GLU A 90 -1.99 7.06 11.49
C GLU A 90 -1.48 7.29 10.07
N GLU A 91 -1.36 6.19 9.33
CA GLU A 91 -0.87 6.27 7.96
C GLU A 91 -1.91 6.94 7.06
N LEU A 92 -3.10 6.35 7.03
CA LEU A 92 -4.18 6.88 6.23
C LEU A 92 -4.64 8.23 6.81
N ALA A 93 -4.22 8.47 8.05
CA ALA A 93 -4.58 9.70 8.73
C ALA A 93 -3.31 10.45 9.11
N GLY A 94 -2.58 10.85 8.09
CA GLY A 94 -1.33 11.59 8.30
C GLY A 94 -0.53 11.68 7.00
N PRO A 95 0.44 10.75 6.85
CA PRO A 95 1.28 10.71 5.67
C PRO A 95 0.53 10.17 4.47
N VAL A 96 0.17 8.90 4.57
CA VAL A 96 -0.57 8.24 3.49
C VAL A 96 -1.98 8.82 3.42
N HIS A 97 -2.39 9.14 2.20
CA HIS A 97 -3.72 9.70 1.99
C HIS A 97 -4.60 8.66 1.28
N ALA A 98 -3.98 7.93 0.37
CA ALA A 98 -4.70 6.90 -0.38
C ALA A 98 -3.69 5.90 -0.96
N LEU A 99 -3.96 4.64 -0.72
CA LEU A 99 -3.10 3.57 -1.20
C LEU A 99 -3.94 2.33 -1.51
N ALA A 100 -3.73 1.79 -2.69
CA ALA A 100 -4.46 0.61 -3.12
C ALA A 100 -3.93 -0.61 -2.35
N ILE A 101 -4.65 -0.95 -1.28
CA ILE A 101 -4.26 -2.09 -0.46
C ILE A 101 -4.76 -3.37 -1.12
N GLN A 102 -3.82 -4.26 -1.38
CA GLN A 102 -4.14 -5.53 -2.01
C GLN A 102 -4.24 -6.63 -0.95
N ALA A 103 -5.48 -6.95 -0.60
CA ALA A 103 -5.73 -7.97 0.40
C ALA A 103 -6.14 -9.28 -0.30
N LYS A 104 -5.25 -10.26 -0.20
CA LYS A 104 -5.49 -11.55 -0.82
C LYS A 104 -5.18 -12.66 0.18
N THR A 105 -5.48 -13.89 -0.22
CA THR A 105 -5.23 -15.03 0.63
C THR A 105 -4.09 -15.89 0.07
N PRO A 106 -3.57 -16.80 0.93
CA PRO A 106 -2.48 -17.67 0.54
C PRO A 106 -2.98 -18.78 -0.38
N ALA A 107 -4.27 -18.75 -0.66
CA ALA A 107 -4.88 -19.75 -1.51
C ALA A 107 -5.21 -19.11 -2.87
N GLN A 108 -5.37 -17.80 -2.85
CA GLN A 108 -5.69 -17.07 -4.07
C GLN A 108 -4.41 -16.55 -4.73
N TRP A 109 -3.50 -16.06 -3.88
CA TRP A 109 -2.23 -15.55 -4.37
C TRP A 109 -1.56 -16.64 -5.20
N ARG A 110 -1.95 -17.87 -4.93
CA ARG A 110 -1.40 -19.00 -5.64
C ARG A 110 -1.80 -18.96 -7.12
N GLU A 111 -3.09 -18.75 -7.34
CA GLU A 111 -3.61 -18.68 -8.70
C GLU A 111 -2.92 -17.54 -9.47
N ASN A 112 -2.91 -16.38 -8.84
CA ASN A 112 -2.30 -15.21 -9.45
C ASN A 112 -1.46 -14.47 -8.40
N PRO A 113 -0.19 -14.93 -8.24
CA PRO A 113 0.71 -14.32 -7.28
C PRO A 113 1.22 -12.97 -7.80
N GLN A 114 0.75 -12.60 -8.97
CA GLN A 114 1.15 -11.34 -9.58
C GLN A 114 0.40 -10.18 -8.94
N LEU A 115 0.79 -8.97 -9.32
CA LEU A 115 0.17 -7.78 -8.79
C LEU A 115 0.08 -6.72 -9.90
N ASP A 116 -0.51 -5.59 -9.55
CA ASP A 116 -0.66 -4.51 -10.50
C ASP A 116 0.02 -3.25 -9.95
N ILE A 117 1.31 -3.13 -10.27
CA ILE A 117 2.09 -2.00 -9.81
C ILE A 117 2.09 -0.92 -10.89
N SER A 118 2.59 -1.29 -12.06
CA SER A 118 2.65 -0.37 -13.19
C SER A 118 2.85 -1.14 -14.49
N PRO A 119 1.78 -1.14 -15.33
CA PRO A 119 1.85 -1.84 -16.61
C PRO A 119 2.70 -1.07 -17.62
N PRO A 120 3.29 -1.83 -18.57
CA PRO A 120 4.13 -1.23 -19.60
C PRO A 120 3.27 -0.52 -20.65
N CYS A 121 3.93 0.35 -21.41
CA CYS A 121 3.25 1.10 -22.45
C CYS A 121 2.20 1.99 -21.79
N LEU A 122 2.30 3.29 -22.06
CA LEU A 122 1.37 4.25 -21.50
C LEU A 122 0.67 4.99 -22.64
N GLY A 123 -0.63 5.20 -22.46
CA GLY A 123 -1.43 5.90 -23.46
C GLY A 123 -2.19 4.90 -24.34
N GLY A 1 -0.25 59.82 -24.18
CA GLY A 1 -0.46 59.09 -22.95
C GLY A 1 0.01 57.64 -23.09
N SER A 2 -0.87 56.72 -22.73
CA SER A 2 -0.56 55.30 -22.81
C SER A 2 0.53 54.95 -21.80
N SER A 3 0.26 53.92 -21.01
CA SER A 3 1.20 53.47 -20.00
C SER A 3 0.61 52.31 -19.21
N GLY A 4 1.50 51.44 -18.74
CA GLY A 4 1.07 50.28 -17.97
C GLY A 4 2.28 49.47 -17.49
N SER A 5 1.99 48.48 -16.67
CA SER A 5 3.04 47.63 -16.14
C SER A 5 2.43 46.35 -15.55
N SER A 6 3.25 45.31 -15.48
CA SER A 6 2.80 44.04 -14.95
C SER A 6 3.93 43.01 -15.05
N GLY A 7 3.73 41.89 -14.36
CA GLY A 7 4.72 40.82 -14.37
C GLY A 7 4.41 39.80 -13.28
N MET A 8 5.35 39.68 -12.34
CA MET A 8 5.20 38.75 -11.25
C MET A 8 5.10 37.31 -11.76
N ALA A 9 5.85 36.43 -11.12
CA ALA A 9 5.86 35.03 -11.50
C ALA A 9 6.68 34.23 -10.48
N THR A 10 5.97 33.50 -9.63
CA THR A 10 6.61 32.69 -8.62
C THR A 10 7.01 31.33 -9.19
N ARG A 11 7.55 30.49 -8.32
CA ARG A 11 7.98 29.16 -8.72
C ARG A 11 7.26 28.10 -7.89
N SER A 12 7.43 26.85 -8.30
CA SER A 12 6.81 25.74 -7.60
C SER A 12 7.22 24.41 -8.26
N CYS A 13 6.98 24.35 -9.57
CA CYS A 13 7.31 23.15 -10.32
C CYS A 13 8.73 22.72 -9.95
N VAL A 14 8.92 21.41 -9.91
CA VAL A 14 10.21 20.86 -9.57
C VAL A 14 10.36 19.46 -10.19
N SER A 15 11.61 19.07 -10.41
CA SER A 15 11.89 17.78 -11.00
C SER A 15 12.27 16.77 -9.90
N ARG A 16 12.18 15.50 -10.25
CA ARG A 16 12.51 14.44 -9.32
C ARG A 16 12.73 13.12 -10.06
N GLY A 17 13.47 12.23 -9.41
CA GLY A 17 13.75 10.93 -9.99
C GLY A 17 14.22 9.94 -8.94
N SER A 18 14.62 8.76 -9.40
CA SER A 18 15.09 7.72 -8.50
C SER A 18 16.47 7.24 -8.94
N ALA A 19 17.11 6.48 -8.06
CA ALA A 19 18.43 5.94 -8.34
C ALA A 19 18.87 5.06 -7.17
N GLY A 20 18.54 3.78 -7.29
CA GLY A 20 18.90 2.83 -6.26
C GLY A 20 17.88 1.69 -6.18
N SER A 21 18.37 0.52 -5.80
CA SER A 21 17.53 -0.65 -5.70
C SER A 21 16.90 -0.71 -4.30
N ALA A 22 15.64 -0.30 -4.23
CA ALA A 22 14.92 -0.29 -2.97
C ALA A 22 13.44 0.01 -3.23
N ALA A 23 13.21 1.19 -3.79
CA ALA A 23 11.85 1.62 -4.10
C ALA A 23 10.98 1.50 -2.84
N ALA A 24 11.23 2.41 -1.90
CA ALA A 24 10.49 2.42 -0.65
C ALA A 24 10.93 3.62 0.19
N GLY A 25 10.48 3.62 1.44
CA GLY A 25 10.83 4.69 2.36
C GLY A 25 10.74 4.22 3.81
N PRO A 26 10.88 5.20 4.74
CA PRO A 26 10.81 4.90 6.16
C PRO A 26 9.37 4.65 6.60
N VAL A 27 8.44 5.24 5.85
CA VAL A 27 7.03 5.08 6.15
C VAL A 27 6.59 3.66 5.78
N GLU A 28 6.78 3.32 4.52
CA GLU A 28 6.41 2.01 4.02
C GLU A 28 6.99 0.92 4.93
N ALA A 29 8.24 1.11 5.32
CA ALA A 29 8.91 0.16 6.17
C ALA A 29 8.02 -0.15 7.38
N ALA A 30 7.55 0.92 8.01
CA ALA A 30 6.68 0.77 9.17
C ALA A 30 5.40 0.05 8.76
N ILE A 31 4.79 0.54 7.70
CA ILE A 31 3.56 -0.05 7.19
C ILE A 31 3.73 -1.57 7.09
N ARG A 32 4.79 -1.98 6.40
CA ARG A 32 5.07 -3.39 6.23
C ARG A 32 5.45 -4.02 7.57
N ALA A 33 6.56 -3.54 8.13
CA ALA A 33 7.03 -4.05 9.40
C ALA A 33 5.85 -4.26 10.34
N LYS A 34 4.89 -3.34 10.25
CA LYS A 34 3.69 -3.42 11.07
C LYS A 34 2.84 -4.61 10.64
N LEU A 35 2.25 -4.48 9.46
CA LEU A 35 1.41 -5.53 8.92
C LEU A 35 2.15 -6.87 9.03
N GLU A 36 3.46 -6.78 9.09
CA GLU A 36 4.30 -7.97 9.20
C GLU A 36 4.03 -8.68 10.52
N GLN A 37 3.92 -7.89 11.58
CA GLN A 37 3.66 -8.43 12.91
C GLN A 37 2.22 -8.17 13.31
N ALA A 38 1.50 -7.47 12.44
CA ALA A 38 0.10 -7.16 12.70
C ALA A 38 -0.79 -8.13 11.92
N LEU A 39 -0.18 -8.78 10.94
CA LEU A 39 -0.90 -9.74 10.11
C LEU A 39 -0.05 -10.99 9.94
N SER A 40 1.22 -10.77 9.63
CA SER A 40 2.14 -11.87 9.43
C SER A 40 1.71 -12.72 8.22
N PRO A 41 1.60 -12.03 7.05
CA PRO A 41 1.19 -12.70 5.83
C PRO A 41 2.33 -13.56 5.27
N GLU A 42 2.04 -14.21 4.15
CA GLU A 42 3.02 -15.06 3.51
C GLU A 42 3.73 -14.30 2.39
N VAL A 43 3.11 -13.22 1.96
CA VAL A 43 3.66 -12.40 0.90
C VAL A 43 3.29 -10.93 1.14
N LEU A 44 4.27 -10.15 1.56
CA LEU A 44 4.06 -8.74 1.83
C LEU A 44 4.95 -7.91 0.90
N GLU A 45 4.31 -7.25 -0.05
CA GLU A 45 5.03 -6.41 -0.99
C GLU A 45 4.46 -4.99 -0.99
N LEU A 46 5.36 -4.02 -0.92
CA LEU A 46 4.96 -2.63 -0.91
C LEU A 46 5.79 -1.85 -1.93
N ARG A 47 5.17 -0.85 -2.53
CA ARG A 47 5.85 -0.03 -3.52
C ARG A 47 5.26 1.38 -3.52
N ASN A 48 6.16 2.36 -3.63
CA ASN A 48 5.74 3.75 -3.65
C ASN A 48 5.39 4.15 -5.08
N GLU A 49 4.09 4.16 -5.35
CA GLU A 49 3.61 4.53 -6.68
C GLU A 49 3.94 6.00 -6.97
N SER A 50 3.24 6.88 -6.27
CA SER A 50 3.43 8.31 -6.45
C SER A 50 3.57 8.64 -7.93
N GLY A 51 2.43 8.95 -8.54
CA GLY A 51 2.40 9.28 -9.96
C GLY A 51 0.97 9.45 -10.45
N GLY A 52 0.74 10.57 -11.14
CA GLY A 52 -0.58 10.86 -11.67
C GLY A 52 -1.34 11.84 -10.76
N HIS A 53 -1.49 11.43 -9.51
CA HIS A 53 -2.18 12.26 -8.54
C HIS A 53 -1.70 13.70 -8.65
N ALA A 54 -2.51 14.61 -8.13
CA ALA A 54 -2.18 16.02 -8.17
C ALA A 54 -1.56 16.43 -6.82
N VAL A 55 -0.46 15.76 -6.49
CA VAL A 55 0.24 16.05 -5.25
C VAL A 55 1.54 16.78 -5.55
N PRO A 56 2.05 17.50 -4.53
CA PRO A 56 3.29 18.25 -4.67
C PRO A 56 4.50 17.31 -4.65
N ALA A 57 5.45 17.62 -5.51
CA ALA A 57 6.66 16.81 -5.60
C ALA A 57 7.11 16.42 -4.19
N GLY A 58 7.64 15.21 -4.09
CA GLY A 58 8.10 14.69 -2.81
C GLY A 58 6.94 14.32 -1.90
N SER A 59 6.04 13.51 -2.45
CA SER A 59 4.87 13.06 -1.72
C SER A 59 4.85 11.54 -1.64
N GLU A 60 4.40 11.04 -0.49
CA GLU A 60 4.33 9.60 -0.28
C GLU A 60 2.90 9.20 0.10
N THR A 61 1.96 9.61 -0.75
CA THR A 61 0.57 9.30 -0.52
C THR A 61 0.17 8.04 -1.29
N HIS A 62 0.07 8.19 -2.60
CA HIS A 62 -0.30 7.08 -3.45
C HIS A 62 0.68 5.92 -3.25
N PHE A 63 0.16 4.84 -2.69
CA PHE A 63 0.97 3.66 -2.44
C PHE A 63 0.27 2.40 -2.94
N ARG A 64 1.01 1.30 -2.90
CA ARG A 64 0.48 0.02 -3.34
C ARG A 64 1.15 -1.12 -2.58
N VAL A 65 0.37 -1.76 -1.72
CA VAL A 65 0.87 -2.87 -0.94
C VAL A 65 0.14 -4.15 -1.33
N ALA A 66 0.81 -5.27 -1.10
CA ALA A 66 0.22 -6.57 -1.43
C ALA A 66 0.40 -7.51 -0.24
N VAL A 67 -0.68 -7.64 0.53
CA VAL A 67 -0.67 -8.50 1.69
C VAL A 67 -1.27 -9.87 1.32
N VAL A 68 -0.65 -10.91 1.84
CA VAL A 68 -1.10 -12.26 1.58
C VAL A 68 -1.19 -13.04 2.90
N SER A 69 -2.41 -13.16 3.40
CA SER A 69 -2.63 -13.87 4.64
C SER A 69 -4.04 -14.48 4.65
N SER A 70 -4.27 -15.34 5.63
CA SER A 70 -5.56 -16.00 5.76
C SER A 70 -6.55 -15.07 6.47
N ARG A 71 -6.04 -13.93 6.89
CA ARG A 71 -6.86 -12.95 7.59
C ARG A 71 -7.99 -12.47 6.68
N PHE A 72 -7.70 -12.41 5.39
CA PHE A 72 -8.67 -11.97 4.42
C PHE A 72 -9.30 -13.17 3.69
N GLU A 73 -9.68 -14.16 4.48
CA GLU A 73 -10.29 -15.36 3.93
C GLU A 73 -11.83 -15.22 3.91
N GLY A 74 -12.33 -14.76 2.77
CA GLY A 74 -13.76 -14.58 2.61
C GLY A 74 -14.28 -13.45 3.51
N MET A 75 -13.45 -12.43 3.64
CA MET A 75 -13.81 -11.28 4.47
C MET A 75 -14.31 -10.12 3.61
N SER A 76 -15.01 -9.20 4.26
CA SER A 76 -15.56 -8.05 3.58
C SER A 76 -14.42 -7.28 2.90
N PRO A 77 -14.82 -6.48 1.86
CA PRO A 77 -13.86 -5.68 1.12
C PRO A 77 -13.41 -4.46 1.93
N LEU A 78 -14.30 -4.01 2.80
CA LEU A 78 -14.02 -2.86 3.63
C LEU A 78 -13.26 -3.31 4.88
N GLN A 79 -13.61 -4.51 5.34
CA GLN A 79 -12.98 -5.07 6.52
C GLN A 79 -11.50 -5.37 6.23
N ARG A 80 -11.26 -5.87 5.04
CA ARG A 80 -9.91 -6.21 4.63
C ARG A 80 -8.97 -5.02 4.85
N HIS A 81 -9.18 -3.98 4.05
CA HIS A 81 -8.38 -2.78 4.15
C HIS A 81 -8.42 -2.25 5.59
N ARG A 82 -9.61 -2.29 6.17
CA ARG A 82 -9.80 -1.82 7.53
C ARG A 82 -8.79 -2.47 8.46
N LEU A 83 -8.79 -3.80 8.45
CA LEU A 83 -7.87 -4.57 9.28
C LEU A 83 -6.49 -3.93 9.22
N VAL A 84 -6.10 -3.53 8.01
CA VAL A 84 -4.80 -2.92 7.80
C VAL A 84 -4.83 -1.49 8.33
N HIS A 85 -5.75 -0.70 7.79
CA HIS A 85 -5.89 0.68 8.20
C HIS A 85 -5.89 0.76 9.72
N GLU A 86 -6.48 -0.25 10.34
CA GLU A 86 -6.56 -0.29 11.79
C GLU A 86 -5.15 -0.34 12.39
N ALA A 87 -4.32 -1.20 11.81
CA ALA A 87 -2.95 -1.35 12.28
C ALA A 87 -2.14 -0.13 11.87
N LEU A 88 -2.43 0.37 10.68
CA LEU A 88 -1.74 1.54 10.16
C LEU A 88 -2.74 2.67 9.93
N SER A 89 -3.39 3.08 11.01
CA SER A 89 -4.38 4.14 10.95
C SER A 89 -3.67 5.48 10.72
N GLU A 90 -2.69 5.76 11.57
CA GLU A 90 -1.94 6.99 11.47
C GLU A 90 -1.35 7.15 10.06
N GLU A 91 -1.13 6.01 9.42
CA GLU A 91 -0.58 6.01 8.08
C GLU A 91 -1.59 6.54 7.07
N LEU A 92 -2.77 5.94 7.10
CA LEU A 92 -3.84 6.35 6.20
C LEU A 92 -4.42 7.68 6.67
N ALA A 93 -4.09 8.03 7.91
CA ALA A 93 -4.57 9.27 8.48
C ALA A 93 -3.37 10.14 8.87
N GLY A 94 -2.70 10.67 7.86
CA GLY A 94 -1.54 11.52 8.07
C GLY A 94 -0.72 11.66 6.80
N PRO A 95 0.29 10.76 6.67
CA PRO A 95 1.16 10.77 5.50
C PRO A 95 0.45 10.19 4.28
N VAL A 96 0.01 8.96 4.42
CA VAL A 96 -0.69 8.27 3.35
C VAL A 96 -2.14 8.75 3.30
N HIS A 97 -2.56 9.16 2.12
CA HIS A 97 -3.92 9.63 1.92
C HIS A 97 -4.73 8.58 1.18
N ALA A 98 -4.11 8.01 0.16
CA ALA A 98 -4.77 6.98 -0.64
C ALA A 98 -3.76 5.88 -0.98
N LEU A 99 -3.86 4.78 -0.25
CA LEU A 99 -2.97 3.65 -0.46
C LEU A 99 -3.78 2.45 -0.95
N ALA A 100 -3.45 2.00 -2.15
CA ALA A 100 -4.15 0.86 -2.73
C ALA A 100 -3.61 -0.43 -2.11
N ILE A 101 -4.35 -0.95 -1.15
CA ILE A 101 -3.96 -2.17 -0.47
C ILE A 101 -4.60 -3.36 -1.17
N GLN A 102 -3.82 -4.43 -1.27
CA GLN A 102 -4.30 -5.64 -1.92
C GLN A 102 -4.36 -6.80 -0.91
N ALA A 103 -5.55 -7.00 -0.37
CA ALA A 103 -5.75 -8.06 0.61
C ALA A 103 -6.14 -9.35 -0.13
N LYS A 104 -5.22 -10.30 -0.13
CA LYS A 104 -5.47 -11.57 -0.80
C LYS A 104 -5.20 -12.71 0.19
N THR A 105 -5.58 -13.91 -0.22
CA THR A 105 -5.40 -15.08 0.61
C THR A 105 -4.20 -15.91 0.13
N PRO A 106 -3.72 -16.82 1.02
CA PRO A 106 -2.59 -17.67 0.70
C PRO A 106 -3.01 -18.78 -0.27
N ALA A 107 -4.29 -18.76 -0.65
CA ALA A 107 -4.81 -19.75 -1.55
C ALA A 107 -5.07 -19.11 -2.92
N GLN A 108 -5.36 -17.82 -2.88
CA GLN A 108 -5.63 -17.08 -4.11
C GLN A 108 -4.32 -16.58 -4.72
N TRP A 109 -3.45 -16.07 -3.86
CA TRP A 109 -2.17 -15.56 -4.30
C TRP A 109 -1.58 -16.57 -5.29
N ARG A 110 -1.83 -17.83 -5.02
CA ARG A 110 -1.34 -18.90 -5.88
C ARG A 110 -1.85 -18.71 -7.31
N GLU A 111 -3.15 -18.47 -7.41
CA GLU A 111 -3.78 -18.26 -8.71
C GLU A 111 -3.00 -17.22 -9.51
N ASN A 112 -2.90 -16.03 -8.95
CA ASN A 112 -2.19 -14.95 -9.60
C ASN A 112 -1.40 -14.15 -8.55
N PRO A 113 -0.17 -14.65 -8.26
CA PRO A 113 0.69 -14.00 -7.29
C PRO A 113 1.31 -12.73 -7.86
N GLN A 114 1.01 -12.49 -9.13
CA GLN A 114 1.54 -11.32 -9.81
C GLN A 114 0.65 -10.10 -9.52
N LEU A 115 1.30 -9.04 -9.07
CA LEU A 115 0.59 -7.81 -8.76
C LEU A 115 0.38 -7.00 -10.04
N ASP A 116 -0.30 -5.87 -9.89
CA ASP A 116 -0.57 -5.01 -11.02
C ASP A 116 -0.45 -3.55 -10.58
N ILE A 117 0.79 -3.10 -10.46
CA ILE A 117 1.06 -1.74 -10.05
C ILE A 117 1.10 -0.83 -11.28
N SER A 118 1.86 -1.28 -12.28
CA SER A 118 1.99 -0.53 -13.51
C SER A 118 0.93 -0.97 -14.52
N PRO A 119 0.50 0.01 -15.37
CA PRO A 119 -0.51 -0.28 -16.37
C PRO A 119 0.08 -1.09 -17.54
N PRO A 120 -0.83 -1.54 -18.44
CA PRO A 120 -0.41 -2.32 -19.59
C PRO A 120 0.26 -1.44 -20.65
N CYS A 121 0.84 -2.09 -21.65
CA CYS A 121 1.51 -1.38 -22.71
C CYS A 121 2.65 -0.55 -22.10
N LEU A 122 3.65 -1.25 -21.62
CA LEU A 122 4.80 -0.60 -21.01
C LEU A 122 6.06 -1.42 -21.28
N GLY A 123 7.13 -0.72 -21.62
CA GLY A 123 8.39 -1.36 -21.92
C GLY A 123 9.42 -1.08 -20.82
N GLY A 1 -14.50 3.11 9.68
CA GLY A 1 -14.48 3.05 8.22
C GLY A 1 -13.58 4.13 7.64
N SER A 2 -13.69 4.30 6.33
CA SER A 2 -12.89 5.30 5.63
C SER A 2 -13.31 5.38 4.16
N SER A 3 -14.18 6.32 3.88
CA SER A 3 -14.66 6.51 2.52
C SER A 3 -15.44 5.26 2.06
N GLY A 4 -16.56 5.51 1.40
CA GLY A 4 -17.40 4.43 0.91
C GLY A 4 -17.88 4.72 -0.51
N SER A 5 -17.07 4.27 -1.47
CA SER A 5 -17.40 4.48 -2.87
C SER A 5 -16.96 3.27 -3.69
N SER A 6 -17.66 3.04 -4.79
CA SER A 6 -17.36 1.92 -5.67
C SER A 6 -15.84 1.80 -5.85
N GLY A 7 -15.35 0.58 -5.70
CA GLY A 7 -13.93 0.32 -5.85
C GLY A 7 -13.65 -0.48 -7.12
N MET A 8 -14.01 -1.75 -7.07
CA MET A 8 -13.80 -2.64 -8.20
C MET A 8 -12.31 -2.69 -8.60
N ALA A 9 -11.69 -3.82 -8.29
CA ALA A 9 -10.29 -4.00 -8.60
C ALA A 9 -10.16 -4.57 -10.02
N THR A 10 -10.45 -3.73 -10.99
CA THR A 10 -10.36 -4.14 -12.38
C THR A 10 -9.08 -3.60 -13.02
N ARG A 11 -8.17 -4.52 -13.31
CA ARG A 11 -6.90 -4.16 -13.91
C ARG A 11 -6.52 -5.17 -15.00
N SER A 12 -5.84 -4.66 -16.02
CA SER A 12 -5.42 -5.50 -17.12
C SER A 12 -4.06 -5.03 -17.64
N CYS A 13 -3.02 -5.47 -16.95
CA CYS A 13 -1.66 -5.11 -17.33
C CYS A 13 -1.02 -6.32 -18.03
N VAL A 14 -0.77 -7.36 -17.23
CA VAL A 14 -0.16 -8.56 -17.75
C VAL A 14 1.17 -8.22 -18.41
N SER A 15 2.17 -8.01 -17.56
CA SER A 15 3.50 -7.67 -18.04
C SER A 15 4.55 -7.99 -16.97
N ARG A 16 5.71 -8.43 -17.43
CA ARG A 16 6.79 -8.78 -16.53
C ARG A 16 7.21 -7.55 -15.72
N GLY A 17 7.89 -7.82 -14.61
CA GLY A 17 8.35 -6.75 -13.74
C GLY A 17 9.02 -7.32 -12.48
N SER A 18 10.30 -7.64 -12.63
CA SER A 18 11.07 -8.19 -11.53
C SER A 18 12.54 -7.75 -11.65
N ALA A 19 13.16 -7.56 -10.49
CA ALA A 19 14.55 -7.15 -10.45
C ALA A 19 15.12 -7.46 -9.07
N GLY A 20 14.55 -6.82 -8.06
CA GLY A 20 14.99 -7.02 -6.70
C GLY A 20 14.46 -5.92 -5.78
N SER A 21 15.12 -4.77 -5.86
CA SER A 21 14.73 -3.62 -5.05
C SER A 21 14.91 -3.95 -3.56
N ALA A 22 15.28 -2.93 -2.80
CA ALA A 22 15.48 -3.09 -1.37
C ALA A 22 15.44 -1.72 -0.69
N ALA A 23 15.31 -1.76 0.63
CA ALA A 23 15.26 -0.54 1.40
C ALA A 23 14.05 0.30 0.95
N ALA A 24 13.72 1.28 1.77
CA ALA A 24 12.59 2.15 1.48
C ALA A 24 12.48 3.23 2.56
N GLY A 25 11.43 4.02 2.45
CA GLY A 25 11.20 5.10 3.41
C GLY A 25 10.91 4.53 4.80
N PRO A 26 10.95 5.44 5.81
CA PRO A 26 10.68 5.04 7.18
C PRO A 26 9.18 4.80 7.42
N VAL A 27 8.38 5.43 6.57
CA VAL A 27 6.94 5.29 6.67
C VAL A 27 6.51 4.00 5.98
N GLU A 28 6.75 3.95 4.68
CA GLU A 28 6.39 2.78 3.90
C GLU A 28 6.82 1.50 4.62
N ALA A 29 8.07 1.51 5.07
CA ALA A 29 8.61 0.36 5.77
C ALA A 29 7.68 0.00 6.94
N ALA A 30 7.38 1.00 7.74
CA ALA A 30 6.51 0.82 8.90
C ALA A 30 5.21 0.15 8.44
N ILE A 31 4.65 0.70 7.36
CA ILE A 31 3.41 0.17 6.82
C ILE A 31 3.55 -1.35 6.63
N ARG A 32 4.75 -1.76 6.24
CA ARG A 32 5.01 -3.17 6.02
C ARG A 32 5.43 -3.84 7.34
N ALA A 33 6.57 -3.42 7.85
CA ALA A 33 7.09 -3.97 9.09
C ALA A 33 5.93 -4.18 10.07
N LYS A 34 4.96 -3.27 9.99
CA LYS A 34 3.79 -3.34 10.86
C LYS A 34 2.95 -4.55 10.47
N LEU A 35 2.30 -4.45 9.32
CA LEU A 35 1.47 -5.53 8.84
C LEU A 35 2.22 -6.85 8.94
N GLU A 36 3.55 -6.73 8.91
CA GLU A 36 4.40 -7.91 8.99
C GLU A 36 4.19 -8.62 10.33
N GLN A 37 4.09 -7.81 11.38
CA GLN A 37 3.89 -8.36 12.72
C GLN A 37 2.45 -8.14 13.17
N ALA A 38 1.69 -7.46 12.32
CA ALA A 38 0.30 -7.19 12.61
C ALA A 38 -0.58 -8.25 11.95
N LEU A 39 -0.16 -8.67 10.77
CA LEU A 39 -0.89 -9.68 10.02
C LEU A 39 0.01 -10.91 9.81
N SER A 40 1.26 -10.63 9.47
CA SER A 40 2.22 -11.70 9.24
C SER A 40 1.74 -12.59 8.09
N PRO A 41 1.55 -11.95 6.90
CA PRO A 41 1.11 -12.67 5.73
C PRO A 41 2.24 -13.50 5.13
N GLU A 42 1.93 -14.16 4.02
CA GLU A 42 2.91 -14.98 3.34
C GLU A 42 3.61 -14.19 2.24
N VAL A 43 2.95 -13.12 1.82
CA VAL A 43 3.50 -12.26 0.78
C VAL A 43 3.07 -10.82 1.03
N LEU A 44 3.98 -10.05 1.59
CA LEU A 44 3.71 -8.65 1.88
C LEU A 44 4.58 -7.77 0.99
N GLU A 45 4.00 -7.40 -0.16
CA GLU A 45 4.71 -6.56 -1.11
C GLU A 45 4.29 -5.09 -0.93
N LEU A 46 5.28 -4.21 -1.00
CA LEU A 46 5.03 -2.79 -0.86
C LEU A 46 6.07 -2.01 -1.68
N ARG A 47 5.56 -1.05 -2.43
CA ARG A 47 6.42 -0.23 -3.27
C ARG A 47 5.82 1.17 -3.44
N ASN A 48 6.60 2.05 -4.04
CA ASN A 48 6.16 3.42 -4.27
C ASN A 48 5.65 3.54 -5.71
N GLU A 49 4.52 4.23 -5.85
CA GLU A 49 3.92 4.44 -7.15
C GLU A 49 4.16 5.87 -7.63
N SER A 50 3.66 6.81 -6.85
CA SER A 50 3.81 8.21 -7.19
C SER A 50 3.65 8.41 -8.70
N GLY A 51 2.41 8.62 -9.11
CA GLY A 51 2.11 8.82 -10.52
C GLY A 51 2.72 10.12 -11.02
N GLY A 52 1.88 10.94 -11.64
CA GLY A 52 2.33 12.22 -12.18
C GLY A 52 1.37 13.34 -11.79
N HIS A 53 0.52 13.04 -10.81
CA HIS A 53 -0.45 14.01 -10.34
C HIS A 53 0.26 15.31 -9.98
N ALA A 54 -0.52 16.27 -9.49
CA ALA A 54 0.02 17.57 -9.12
C ALA A 54 0.46 17.51 -7.65
N VAL A 55 1.62 16.93 -7.44
CA VAL A 55 2.16 16.81 -6.09
C VAL A 55 3.62 17.27 -6.09
N PRO A 56 4.09 17.72 -4.89
CA PRO A 56 5.45 18.18 -4.74
C PRO A 56 6.43 17.00 -4.72
N ALA A 57 7.70 17.34 -4.89
CA ALA A 57 8.75 16.32 -4.90
C ALA A 57 8.63 15.48 -3.62
N GLY A 58 9.14 14.26 -3.72
CA GLY A 58 9.10 13.35 -2.58
C GLY A 58 7.68 13.17 -2.07
N SER A 59 6.79 12.81 -2.99
CA SER A 59 5.39 12.59 -2.66
C SER A 59 5.16 11.13 -2.28
N GLU A 60 4.98 10.90 -0.99
CA GLU A 60 4.76 9.56 -0.48
C GLU A 60 3.31 9.42 0.01
N THR A 61 2.38 9.68 -0.89
CA THR A 61 0.97 9.59 -0.56
C THR A 61 0.36 8.33 -1.17
N HIS A 62 0.47 8.23 -2.48
CA HIS A 62 -0.06 7.08 -3.20
C HIS A 62 0.88 5.89 -3.04
N PHE A 63 0.42 4.91 -2.28
CA PHE A 63 1.21 3.72 -2.04
C PHE A 63 0.42 2.45 -2.40
N ARG A 64 1.16 1.43 -2.82
CA ARG A 64 0.55 0.17 -3.20
C ARG A 64 1.14 -0.98 -2.37
N VAL A 65 0.27 -1.63 -1.61
CA VAL A 65 0.68 -2.74 -0.78
C VAL A 65 -0.07 -4.01 -1.22
N ALA A 66 0.60 -5.13 -1.02
CA ALA A 66 0.01 -6.41 -1.38
C ALA A 66 0.18 -7.40 -0.22
N VAL A 67 -0.90 -7.55 0.54
CA VAL A 67 -0.88 -8.45 1.68
C VAL A 67 -1.45 -9.81 1.26
N VAL A 68 -0.78 -10.86 1.72
CA VAL A 68 -1.20 -12.21 1.39
C VAL A 68 -1.28 -13.04 2.68
N SER A 69 -2.46 -13.01 3.29
CA SER A 69 -2.69 -13.75 4.52
C SER A 69 -4.04 -14.46 4.47
N SER A 70 -4.18 -15.47 5.31
CA SER A 70 -5.41 -16.22 5.38
C SER A 70 -6.45 -15.48 6.23
N ARG A 71 -5.98 -14.44 6.88
CA ARG A 71 -6.84 -13.63 7.74
C ARG A 71 -8.12 -13.24 6.98
N PHE A 72 -7.93 -12.86 5.72
CA PHE A 72 -9.05 -12.47 4.89
C PHE A 72 -9.65 -13.69 4.17
N GLU A 73 -9.76 -14.77 4.92
CA GLU A 73 -10.32 -16.00 4.37
C GLU A 73 -11.85 -15.90 4.30
N GLY A 74 -12.31 -15.13 3.33
CA GLY A 74 -13.74 -14.95 3.14
C GLY A 74 -14.18 -13.56 3.60
N MET A 75 -13.42 -13.01 4.54
CA MET A 75 -13.72 -11.69 5.08
C MET A 75 -14.17 -10.74 3.98
N SER A 76 -14.88 -9.71 4.38
CA SER A 76 -15.37 -8.71 3.44
C SER A 76 -14.20 -7.99 2.79
N PRO A 77 -14.48 -7.42 1.58
CA PRO A 77 -13.45 -6.70 0.84
C PRO A 77 -13.19 -5.33 1.47
N LEU A 78 -14.20 -4.83 2.17
CA LEU A 78 -14.10 -3.53 2.82
C LEU A 78 -13.40 -3.70 4.17
N GLN A 79 -13.82 -4.73 4.90
CA GLN A 79 -13.25 -5.01 6.20
C GLN A 79 -11.74 -5.22 6.08
N ARG A 80 -11.36 -6.05 5.11
CA ARG A 80 -9.96 -6.35 4.89
C ARG A 80 -9.11 -5.10 5.08
N HIS A 81 -9.44 -4.08 4.30
CA HIS A 81 -8.72 -2.82 4.37
C HIS A 81 -8.75 -2.29 5.81
N ARG A 82 -9.95 -2.25 6.36
CA ARG A 82 -10.14 -1.77 7.72
C ARG A 82 -9.08 -2.38 8.64
N LEU A 83 -8.94 -3.69 8.54
CA LEU A 83 -7.97 -4.40 9.36
C LEU A 83 -6.59 -3.76 9.18
N VAL A 84 -6.23 -3.52 7.93
CA VAL A 84 -4.95 -2.91 7.61
C VAL A 84 -4.95 -1.46 8.09
N HIS A 85 -5.99 -0.74 7.70
CA HIS A 85 -6.12 0.66 8.07
C HIS A 85 -5.92 0.81 9.59
N GLU A 86 -6.60 -0.07 10.32
CA GLU A 86 -6.51 -0.05 11.77
C GLU A 86 -5.05 -0.10 12.22
N ALA A 87 -4.32 -1.03 11.61
CA ALA A 87 -2.91 -1.19 11.93
C ALA A 87 -2.13 0.04 11.45
N LEU A 88 -2.48 0.49 10.25
CA LEU A 88 -1.83 1.65 9.67
C LEU A 88 -2.83 2.80 9.57
N SER A 89 -3.34 3.19 10.74
CA SER A 89 -4.30 4.28 10.80
C SER A 89 -3.58 5.62 10.73
N GLU A 90 -2.47 5.70 11.44
CA GLU A 90 -1.68 6.91 11.47
C GLU A 90 -0.97 7.13 10.13
N GLU A 91 -0.92 6.06 9.35
CA GLU A 91 -0.29 6.11 8.05
C GLU A 91 -1.19 6.84 7.05
N LEU A 92 -2.46 6.47 7.07
CA LEU A 92 -3.44 7.07 6.18
C LEU A 92 -4.12 8.25 6.90
N ALA A 93 -3.68 8.49 8.12
CA ALA A 93 -4.24 9.57 8.91
C ALA A 93 -3.15 10.60 9.21
N GLY A 94 -2.35 10.87 8.19
CA GLY A 94 -1.26 11.83 8.33
C GLY A 94 -0.43 11.91 7.05
N PRO A 95 0.49 10.91 6.90
CA PRO A 95 1.35 10.86 5.73
C PRO A 95 0.58 10.38 4.50
N VAL A 96 0.33 9.07 4.48
CA VAL A 96 -0.40 8.48 3.36
C VAL A 96 -1.81 9.07 3.30
N HIS A 97 -2.29 9.24 2.08
CA HIS A 97 -3.61 9.80 1.86
C HIS A 97 -4.52 8.74 1.23
N ALA A 98 -3.99 8.09 0.21
CA ALA A 98 -4.74 7.05 -0.48
C ALA A 98 -3.78 5.98 -0.99
N LEU A 99 -3.92 4.79 -0.44
CA LEU A 99 -3.07 3.68 -0.83
C LEU A 99 -3.94 2.47 -1.16
N ALA A 100 -3.72 1.92 -2.34
CA ALA A 100 -4.49 0.76 -2.79
C ALA A 100 -3.94 -0.49 -2.10
N ILE A 101 -4.71 -0.98 -1.14
CA ILE A 101 -4.31 -2.16 -0.40
C ILE A 101 -4.83 -3.41 -1.13
N GLN A 102 -3.94 -4.38 -1.25
CA GLN A 102 -4.29 -5.62 -1.93
C GLN A 102 -4.44 -6.76 -0.91
N ALA A 103 -5.68 -7.01 -0.52
CA ALA A 103 -5.98 -8.06 0.44
C ALA A 103 -6.31 -9.34 -0.31
N LYS A 104 -5.39 -10.29 -0.25
CA LYS A 104 -5.59 -11.57 -0.92
C LYS A 104 -5.22 -12.70 0.04
N THR A 105 -5.74 -13.88 -0.25
CA THR A 105 -5.47 -15.05 0.58
C THR A 105 -4.32 -15.86 -0.01
N PRO A 106 -3.79 -16.80 0.83
CA PRO A 106 -2.69 -17.64 0.41
C PRO A 106 -3.18 -18.74 -0.55
N ALA A 107 -4.48 -18.71 -0.81
CA ALA A 107 -5.08 -19.68 -1.71
C ALA A 107 -5.38 -19.02 -3.05
N GLN A 108 -5.46 -17.70 -3.01
CA GLN A 108 -5.75 -16.93 -4.22
C GLN A 108 -4.46 -16.41 -4.84
N TRP A 109 -3.56 -15.95 -3.98
CA TRP A 109 -2.29 -15.43 -4.42
C TRP A 109 -1.60 -16.50 -5.26
N ARG A 110 -1.88 -17.76 -4.90
CA ARG A 110 -1.29 -18.87 -5.61
C ARG A 110 -1.74 -18.88 -7.08
N GLU A 111 -3.05 -18.71 -7.26
CA GLU A 111 -3.62 -18.68 -8.60
C GLU A 111 -2.98 -17.57 -9.43
N ASN A 112 -3.04 -16.37 -8.89
CA ASN A 112 -2.47 -15.21 -9.57
C ASN A 112 -1.72 -14.35 -8.55
N PRO A 113 -0.44 -14.72 -8.32
CA PRO A 113 0.39 -13.99 -7.37
C PRO A 113 0.86 -12.66 -7.98
N GLN A 114 0.74 -12.56 -9.29
CA GLN A 114 1.14 -11.36 -10.00
C GLN A 114 0.27 -10.18 -9.57
N LEU A 115 0.93 -9.14 -9.10
CA LEU A 115 0.24 -7.94 -8.65
C LEU A 115 0.13 -6.95 -9.82
N ASP A 116 -0.44 -5.80 -9.52
CA ASP A 116 -0.60 -4.76 -10.53
C ASP A 116 0.02 -3.47 -10.03
N ILE A 117 1.33 -3.35 -10.27
CA ILE A 117 2.06 -2.17 -9.84
C ILE A 117 2.09 -1.15 -10.99
N SER A 118 2.79 -1.53 -12.05
CA SER A 118 2.89 -0.67 -13.22
C SER A 118 1.52 -0.41 -13.81
N PRO A 119 1.29 0.87 -14.21
CA PRO A 119 0.02 1.27 -14.79
C PRO A 119 -0.10 0.76 -16.23
N PRO A 120 -1.32 0.95 -16.80
CA PRO A 120 -1.58 0.52 -18.17
C PRO A 120 -0.92 1.48 -19.17
N CYS A 121 -0.27 0.88 -20.16
CA CYS A 121 0.41 1.65 -21.19
C CYS A 121 1.54 2.43 -20.53
N LEU A 122 2.62 2.58 -21.28
CA LEU A 122 3.79 3.29 -20.78
C LEU A 122 3.42 4.77 -20.60
N GLY A 123 3.16 5.43 -21.71
CA GLY A 123 2.79 6.84 -21.68
C GLY A 123 2.75 7.42 -23.09
N GLY A 1 -23.86 -4.09 8.18
CA GLY A 1 -24.48 -3.57 6.97
C GLY A 1 -23.53 -3.70 5.78
N SER A 2 -22.42 -2.98 5.86
CA SER A 2 -21.42 -3.02 4.80
C SER A 2 -22.04 -2.51 3.49
N SER A 3 -21.98 -1.21 3.32
CA SER A 3 -22.53 -0.58 2.12
C SER A 3 -21.40 -0.20 1.16
N GLY A 4 -21.37 -0.89 0.03
CA GLY A 4 -20.35 -0.64 -0.98
C GLY A 4 -20.98 -0.16 -2.28
N SER A 5 -20.24 -0.35 -3.36
CA SER A 5 -20.71 0.06 -4.67
C SER A 5 -19.73 -0.42 -5.76
N SER A 6 -18.49 0.01 -5.63
CA SER A 6 -17.46 -0.37 -6.58
C SER A 6 -16.13 -0.55 -5.85
N GLY A 7 -15.25 -1.34 -6.48
CA GLY A 7 -13.95 -1.60 -5.90
C GLY A 7 -12.84 -1.10 -6.83
N MET A 8 -11.68 -1.74 -6.71
CA MET A 8 -10.53 -1.36 -7.53
C MET A 8 -9.84 -2.60 -8.10
N ALA A 9 -10.32 -3.03 -9.25
CA ALA A 9 -9.76 -4.20 -9.91
C ALA A 9 -10.07 -4.13 -11.41
N THR A 10 -9.13 -3.56 -12.14
CA THR A 10 -9.30 -3.42 -13.59
C THR A 10 -7.95 -3.59 -14.29
N ARG A 11 -8.02 -3.89 -15.58
CA ARG A 11 -6.82 -4.09 -16.37
C ARG A 11 -5.79 -4.88 -15.58
N SER A 12 -5.84 -6.20 -15.74
CA SER A 12 -4.93 -7.08 -15.05
C SER A 12 -4.80 -8.41 -15.81
N CYS A 13 -3.82 -8.45 -16.71
CA CYS A 13 -3.58 -9.64 -17.50
C CYS A 13 -2.07 -9.83 -17.65
N VAL A 14 -1.44 -8.83 -18.24
CA VAL A 14 0.00 -8.87 -18.46
C VAL A 14 0.67 -7.85 -17.54
N SER A 15 1.99 -7.98 -17.43
CA SER A 15 2.76 -7.07 -16.59
C SER A 15 4.24 -7.15 -16.97
N ARG A 16 4.91 -6.01 -16.86
CA ARG A 16 6.32 -5.93 -17.17
C ARG A 16 7.08 -5.21 -16.06
N GLY A 17 6.61 -4.02 -15.74
CA GLY A 17 7.24 -3.23 -14.70
C GLY A 17 8.06 -2.09 -15.30
N SER A 18 9.38 -2.24 -15.21
CA SER A 18 10.28 -1.22 -15.74
C SER A 18 10.19 0.04 -14.89
N ALA A 19 11.13 0.95 -15.16
CA ALA A 19 11.17 2.21 -14.43
C ALA A 19 11.29 1.93 -12.94
N GLY A 20 11.49 3.00 -12.18
CA GLY A 20 11.62 2.88 -10.73
C GLY A 20 10.80 3.95 -10.02
N SER A 21 11.31 5.18 -10.06
CA SER A 21 10.63 6.29 -9.43
C SER A 21 10.31 5.95 -7.97
N ALA A 22 11.18 6.39 -7.08
CA ALA A 22 11.00 6.13 -5.66
C ALA A 22 10.97 4.63 -5.42
N ALA A 23 11.29 4.25 -4.19
CA ALA A 23 11.32 2.85 -3.82
C ALA A 23 11.19 2.73 -2.29
N ALA A 24 9.95 2.61 -1.84
CA ALA A 24 9.68 2.48 -0.42
C ALA A 24 10.34 3.64 0.32
N GLY A 25 10.31 3.55 1.65
CA GLY A 25 10.90 4.58 2.48
C GLY A 25 10.77 4.23 3.96
N PRO A 26 10.87 5.28 4.82
CA PRO A 26 10.77 5.09 6.26
C PRO A 26 9.32 4.84 6.67
N VAL A 27 8.41 5.37 5.88
CA VAL A 27 6.99 5.21 6.15
C VAL A 27 6.56 3.77 5.84
N GLU A 28 6.64 3.44 4.55
CA GLU A 28 6.28 2.10 4.11
C GLU A 28 6.88 1.05 5.04
N ALA A 29 8.15 1.23 5.35
CA ALA A 29 8.85 0.31 6.22
C ALA A 29 7.97 -0.02 7.43
N ALA A 30 7.69 1.01 8.21
CA ALA A 30 6.87 0.85 9.39
C ALA A 30 5.58 0.13 9.00
N ILE A 31 4.95 0.62 7.95
CA ILE A 31 3.70 0.04 7.47
C ILE A 31 3.88 -1.47 7.34
N ARG A 32 4.85 -1.86 6.54
CA ARG A 32 5.14 -3.28 6.32
C ARG A 32 5.52 -3.94 7.64
N ALA A 33 6.62 -3.49 8.20
CA ALA A 33 7.10 -4.04 9.46
C ALA A 33 5.91 -4.26 10.40
N LYS A 34 4.96 -3.34 10.33
CA LYS A 34 3.77 -3.44 11.17
C LYS A 34 2.92 -4.61 10.71
N LEU A 35 2.32 -4.44 9.53
CA LEU A 35 1.47 -5.48 8.97
C LEU A 35 2.20 -6.83 9.05
N GLU A 36 3.52 -6.74 9.10
CA GLU A 36 4.34 -7.94 9.17
C GLU A 36 4.05 -8.71 10.46
N GLN A 37 3.97 -7.95 11.55
CA GLN A 37 3.69 -8.54 12.85
C GLN A 37 2.24 -8.26 13.26
N ALA A 38 1.55 -7.51 12.42
CA ALA A 38 0.17 -7.17 12.68
C ALA A 38 -0.74 -8.09 11.88
N LEU A 39 -0.12 -8.87 11.00
CA LEU A 39 -0.86 -9.80 10.16
C LEU A 39 -0.02 -11.06 9.95
N SER A 40 1.24 -10.84 9.60
CA SER A 40 2.15 -11.94 9.36
C SER A 40 1.67 -12.77 8.17
N PRO A 41 1.56 -12.09 7.00
CA PRO A 41 1.11 -12.75 5.79
C PRO A 41 2.21 -13.64 5.21
N GLU A 42 1.94 -14.18 4.02
CA GLU A 42 2.89 -15.04 3.36
C GLU A 42 3.64 -14.26 2.27
N VAL A 43 3.01 -13.20 1.81
CA VAL A 43 3.61 -12.36 0.78
C VAL A 43 3.21 -10.90 1.02
N LEU A 44 4.19 -10.14 1.48
CA LEU A 44 3.96 -8.73 1.76
C LEU A 44 4.83 -7.88 0.83
N GLU A 45 4.18 -7.27 -0.15
CA GLU A 45 4.88 -6.43 -1.11
C GLU A 45 4.34 -5.01 -1.07
N LEU A 46 5.24 -4.07 -0.85
CA LEU A 46 4.86 -2.66 -0.78
C LEU A 46 5.71 -1.87 -1.78
N ARG A 47 5.07 -0.89 -2.39
CA ARG A 47 5.75 -0.04 -3.37
C ARG A 47 5.21 1.38 -3.31
N ASN A 48 6.00 2.31 -3.82
CA ASN A 48 5.61 3.71 -3.84
C ASN A 48 4.85 4.01 -5.13
N GLU A 49 3.58 4.34 -4.98
CA GLU A 49 2.74 4.66 -6.12
C GLU A 49 3.00 6.08 -6.60
N SER A 50 2.79 7.03 -5.68
CA SER A 50 3.00 8.43 -6.00
C SER A 50 4.23 8.59 -6.89
N GLY A 51 4.03 9.25 -8.02
CA GLY A 51 5.11 9.48 -8.96
C GLY A 51 4.63 10.29 -10.17
N GLY A 52 4.02 11.43 -9.88
CA GLY A 52 3.51 12.31 -10.92
C GLY A 52 2.33 13.13 -10.41
N HIS A 53 1.21 12.97 -11.09
CA HIS A 53 0.00 13.70 -10.71
C HIS A 53 0.34 15.17 -10.46
N ALA A 54 -0.62 15.88 -9.89
CA ALA A 54 -0.42 17.28 -9.58
C ALA A 54 0.12 17.43 -8.16
N VAL A 55 1.13 16.64 -7.87
CA VAL A 55 1.75 16.67 -6.54
C VAL A 55 3.21 17.10 -6.67
N PRO A 56 3.75 17.67 -5.56
CA PRO A 56 5.12 18.12 -5.55
C PRO A 56 6.09 16.94 -5.44
N ALA A 57 7.17 17.02 -6.22
CA ALA A 57 8.16 15.97 -6.23
C ALA A 57 8.54 15.63 -4.79
N GLY A 58 8.64 14.33 -4.53
CA GLY A 58 8.99 13.86 -3.20
C GLY A 58 7.77 13.77 -2.31
N SER A 59 6.75 13.09 -2.81
CA SER A 59 5.51 12.93 -2.06
C SER A 59 5.24 11.44 -1.80
N GLU A 60 4.71 11.17 -0.62
CA GLU A 60 4.40 9.80 -0.24
C GLU A 60 2.95 9.70 0.24
N THR A 61 2.04 9.99 -0.67
CA THR A 61 0.63 9.94 -0.36
C THR A 61 -0.01 8.70 -0.98
N HIS A 62 0.32 8.47 -2.24
CA HIS A 62 -0.21 7.32 -2.96
C HIS A 62 0.74 6.13 -2.80
N PHE A 63 0.24 5.11 -2.12
CA PHE A 63 1.03 3.91 -1.90
C PHE A 63 0.28 2.66 -2.36
N ARG A 64 1.02 1.55 -2.42
CA ARG A 64 0.44 0.29 -2.85
C ARG A 64 1.12 -0.88 -2.13
N VAL A 65 0.30 -1.69 -1.47
CA VAL A 65 0.81 -2.83 -0.75
C VAL A 65 0.03 -4.09 -1.17
N ALA A 66 0.69 -5.23 -1.04
CA ALA A 66 0.08 -6.49 -1.40
C ALA A 66 0.25 -7.48 -0.25
N VAL A 67 -0.80 -7.62 0.54
CA VAL A 67 -0.77 -8.53 1.67
C VAL A 67 -1.36 -9.89 1.25
N VAL A 68 -0.68 -10.94 1.66
CA VAL A 68 -1.13 -12.29 1.33
C VAL A 68 -1.23 -13.11 2.62
N SER A 69 -2.42 -13.08 3.21
CA SER A 69 -2.65 -13.82 4.45
C SER A 69 -4.02 -14.51 4.38
N SER A 70 -4.22 -15.44 5.30
CA SER A 70 -5.47 -16.19 5.36
C SER A 70 -6.51 -15.39 6.14
N ARG A 71 -6.03 -14.36 6.83
CA ARG A 71 -6.91 -13.52 7.62
C ARG A 71 -8.11 -13.07 6.79
N PHE A 72 -7.85 -12.74 5.54
CA PHE A 72 -8.89 -12.30 4.63
C PHE A 72 -9.52 -13.49 3.90
N GLU A 73 -9.72 -14.57 4.64
CA GLU A 73 -10.31 -15.77 4.07
C GLU A 73 -11.84 -15.66 4.04
N GLY A 74 -12.33 -14.98 3.01
CA GLY A 74 -13.76 -14.80 2.85
C GLY A 74 -14.18 -13.40 3.33
N MET A 75 -13.47 -12.90 4.32
CA MET A 75 -13.77 -11.59 4.87
C MET A 75 -14.14 -10.61 3.76
N SER A 76 -14.89 -9.60 4.14
CA SER A 76 -15.34 -8.58 3.19
C SER A 76 -14.12 -7.89 2.58
N PRO A 77 -14.39 -7.11 1.49
CA PRO A 77 -13.33 -6.38 0.80
C PRO A 77 -12.90 -5.16 1.62
N LEU A 78 -13.87 -4.55 2.26
CA LEU A 78 -13.60 -3.36 3.07
C LEU A 78 -12.89 -3.79 4.36
N GLN A 79 -13.54 -4.65 5.11
CA GLN A 79 -12.99 -5.14 6.36
C GLN A 79 -11.49 -5.40 6.21
N ARG A 80 -11.14 -5.96 5.06
CA ARG A 80 -9.74 -6.26 4.77
C ARG A 80 -8.87 -5.02 4.99
N HIS A 81 -9.05 -4.05 4.12
CA HIS A 81 -8.30 -2.82 4.19
C HIS A 81 -8.39 -2.25 5.62
N ARG A 82 -9.61 -2.20 6.13
CA ARG A 82 -9.84 -1.70 7.46
C ARG A 82 -8.84 -2.29 8.45
N LEU A 83 -8.74 -3.62 8.41
CA LEU A 83 -7.81 -4.32 9.28
C LEU A 83 -6.42 -3.71 9.15
N VAL A 84 -6.06 -3.39 7.93
CA VAL A 84 -4.77 -2.79 7.66
C VAL A 84 -4.77 -1.33 8.11
N HIS A 85 -5.77 -0.60 7.63
CA HIS A 85 -5.90 0.80 7.99
C HIS A 85 -5.85 0.96 9.50
N GLU A 86 -6.63 0.13 10.18
CA GLU A 86 -6.68 0.17 11.62
C GLU A 86 -5.28 0.04 12.21
N ALA A 87 -4.53 -0.90 11.67
CA ALA A 87 -3.17 -1.13 12.12
C ALA A 87 -2.32 0.10 11.84
N LEU A 88 -2.52 0.67 10.66
CA LEU A 88 -1.79 1.85 10.26
C LEU A 88 -2.78 3.00 10.02
N SER A 89 -3.49 3.35 11.07
CA SER A 89 -4.47 4.43 10.98
C SER A 89 -3.76 5.76 10.79
N GLU A 90 -2.75 6.00 11.64
CA GLU A 90 -1.98 7.22 11.57
C GLU A 90 -1.42 7.42 10.16
N GLU A 91 -1.00 6.32 9.57
CA GLU A 91 -0.44 6.36 8.22
C GLU A 91 -1.46 6.93 7.24
N LEU A 92 -2.58 6.25 7.12
CA LEU A 92 -3.64 6.68 6.23
C LEU A 92 -4.13 8.06 6.65
N ALA A 93 -3.96 8.35 7.94
CA ALA A 93 -4.38 9.62 8.49
C ALA A 93 -3.15 10.48 8.79
N GLY A 94 -2.43 10.82 7.72
CA GLY A 94 -1.24 11.64 7.85
C GLY A 94 -0.53 11.79 6.50
N PRO A 95 0.56 11.00 6.33
CA PRO A 95 1.33 11.04 5.09
C PRO A 95 0.58 10.33 3.96
N VAL A 96 0.14 9.12 4.26
CA VAL A 96 -0.58 8.33 3.28
C VAL A 96 -2.00 8.87 3.15
N HIS A 97 -2.38 9.19 1.92
CA HIS A 97 -3.70 9.71 1.64
C HIS A 97 -4.55 8.64 0.96
N ALA A 98 -3.93 7.95 0.01
CA ALA A 98 -4.61 6.90 -0.72
C ALA A 98 -3.64 5.75 -0.99
N LEU A 99 -3.70 4.75 -0.13
CA LEU A 99 -2.84 3.59 -0.26
C LEU A 99 -3.65 2.40 -0.79
N ALA A 100 -3.34 2.02 -2.01
CA ALA A 100 -4.04 0.91 -2.63
C ALA A 100 -3.53 -0.41 -2.03
N ILE A 101 -4.26 -0.90 -1.05
CA ILE A 101 -3.90 -2.14 -0.38
C ILE A 101 -4.49 -3.31 -1.15
N GLN A 102 -3.73 -4.41 -1.16
CA GLN A 102 -4.17 -5.61 -1.86
C GLN A 102 -4.33 -6.77 -0.87
N ALA A 103 -5.58 -6.96 -0.44
CA ALA A 103 -5.88 -8.02 0.49
C ALA A 103 -6.26 -9.29 -0.28
N LYS A 104 -5.39 -10.28 -0.18
CA LYS A 104 -5.61 -11.55 -0.87
C LYS A 104 -5.38 -12.70 0.11
N THR A 105 -5.54 -13.92 -0.40
CA THR A 105 -5.35 -15.10 0.41
C THR A 105 -4.19 -15.95 -0.14
N PRO A 106 -3.71 -16.89 0.71
CA PRO A 106 -2.62 -17.76 0.33
C PRO A 106 -3.09 -18.84 -0.65
N ALA A 107 -4.40 -18.84 -0.89
CA ALA A 107 -5.00 -19.80 -1.80
C ALA A 107 -5.30 -19.13 -3.14
N GLN A 108 -5.37 -17.80 -3.09
CA GLN A 108 -5.65 -17.02 -4.28
C GLN A 108 -4.35 -16.53 -4.91
N TRP A 109 -3.45 -16.07 -4.05
CA TRP A 109 -2.17 -15.56 -4.50
C TRP A 109 -1.51 -16.63 -5.37
N ARG A 110 -1.83 -17.88 -5.05
CA ARG A 110 -1.29 -19.00 -5.80
C ARG A 110 -1.78 -18.97 -7.25
N GLU A 111 -3.11 -18.88 -7.38
CA GLU A 111 -3.72 -18.84 -8.70
C GLU A 111 -3.11 -17.73 -9.53
N ASN A 112 -3.10 -16.53 -8.96
CA ASN A 112 -2.55 -15.37 -9.64
C ASN A 112 -1.79 -14.51 -8.64
N PRO A 113 -0.51 -14.89 -8.39
CA PRO A 113 0.33 -14.17 -7.46
C PRO A 113 0.80 -12.84 -8.07
N GLN A 114 0.37 -12.61 -9.30
CA GLN A 114 0.74 -11.39 -10.00
C GLN A 114 -0.03 -10.19 -9.44
N LEU A 115 0.71 -9.14 -9.13
CA LEU A 115 0.12 -7.94 -8.57
C LEU A 115 -0.10 -6.93 -9.71
N ASP A 116 -0.67 -5.79 -9.34
CA ASP A 116 -0.95 -4.74 -10.30
C ASP A 116 -0.26 -3.44 -9.86
N ILE A 117 1.01 -3.34 -10.20
CA ILE A 117 1.79 -2.16 -9.84
C ILE A 117 1.79 -1.17 -11.01
N SER A 118 0.62 -1.05 -11.63
CA SER A 118 0.46 -0.14 -12.75
C SER A 118 1.40 -0.55 -13.88
N PRO A 119 0.79 -1.01 -15.01
CA PRO A 119 1.55 -1.44 -16.16
C PRO A 119 2.11 -0.23 -16.92
N PRO A 120 3.09 -0.53 -17.81
CA PRO A 120 3.72 0.52 -18.61
C PRO A 120 2.78 0.99 -19.73
N CYS A 121 3.07 2.18 -20.23
CA CYS A 121 2.26 2.76 -21.30
C CYS A 121 3.21 3.39 -22.32
N LEU A 122 2.66 3.70 -23.48
CA LEU A 122 3.44 4.30 -24.55
C LEU A 122 4.28 5.44 -23.98
N GLY A 123 5.39 5.72 -24.65
CA GLY A 123 6.28 6.77 -24.22
C GLY A 123 7.62 6.69 -24.96
N GLY A 1 -25.34 -12.37 3.79
CA GLY A 1 -25.68 -11.24 4.63
C GLY A 1 -24.82 -10.03 4.30
N SER A 2 -24.87 -9.03 5.17
CA SER A 2 -24.11 -7.81 4.98
C SER A 2 -24.58 -7.08 3.71
N SER A 3 -24.57 -5.77 3.79
CA SER A 3 -24.99 -4.95 2.66
C SER A 3 -23.80 -4.19 2.08
N GLY A 4 -23.91 -3.89 0.80
CA GLY A 4 -22.84 -3.17 0.11
C GLY A 4 -23.38 -2.44 -1.12
N SER A 5 -22.89 -2.85 -2.28
CA SER A 5 -23.30 -2.24 -3.53
C SER A 5 -23.23 -0.72 -3.43
N SER A 6 -22.03 -0.21 -3.58
CA SER A 6 -21.81 1.22 -3.51
C SER A 6 -20.56 1.61 -4.30
N GLY A 7 -19.44 1.01 -3.90
CA GLY A 7 -18.17 1.28 -4.55
C GLY A 7 -17.25 0.06 -4.47
N MET A 8 -15.99 0.29 -4.84
CA MET A 8 -15.00 -0.78 -4.82
C MET A 8 -13.59 -0.21 -4.80
N ALA A 9 -13.32 0.65 -5.77
CA ALA A 9 -12.01 1.27 -5.88
C ALA A 9 -12.09 2.47 -6.84
N THR A 10 -12.23 3.65 -6.24
CA THR A 10 -12.32 4.87 -7.01
C THR A 10 -11.22 4.92 -8.07
N ARG A 11 -11.63 5.12 -9.31
CA ARG A 11 -10.69 5.19 -10.41
C ARG A 11 -10.87 6.50 -11.19
N SER A 12 -10.04 7.47 -10.84
CA SER A 12 -10.09 8.77 -11.49
C SER A 12 -8.72 9.44 -11.44
N CYS A 13 -8.56 10.47 -12.26
CA CYS A 13 -7.31 11.20 -12.32
C CYS A 13 -6.21 10.23 -12.75
N VAL A 14 -6.27 9.85 -14.02
CA VAL A 14 -5.28 8.92 -14.56
C VAL A 14 -3.88 9.44 -14.24
N SER A 15 -2.89 8.62 -14.58
CA SER A 15 -1.51 8.98 -14.34
C SER A 15 -0.69 8.85 -15.63
N ARG A 16 0.17 9.84 -15.84
CA ARG A 16 1.00 9.85 -17.03
C ARG A 16 2.18 8.89 -16.86
N GLY A 17 2.97 9.16 -15.83
CA GLY A 17 4.14 8.33 -15.55
C GLY A 17 5.12 9.07 -14.64
N SER A 18 4.95 8.87 -13.34
CA SER A 18 5.81 9.50 -12.36
C SER A 18 7.27 9.42 -12.82
N ALA A 19 7.78 8.21 -12.86
CA ALA A 19 9.15 7.99 -13.29
C ALA A 19 10.10 8.65 -12.29
N GLY A 20 11.30 8.08 -12.19
CA GLY A 20 12.30 8.62 -11.28
C GLY A 20 13.34 7.54 -10.93
N SER A 21 13.69 7.50 -9.66
CA SER A 21 14.67 6.54 -9.18
C SER A 21 14.59 6.42 -7.66
N ALA A 22 13.56 5.71 -7.21
CA ALA A 22 13.35 5.52 -5.79
C ALA A 22 12.18 4.54 -5.58
N ALA A 23 12.15 3.95 -4.39
CA ALA A 23 11.11 3.00 -4.05
C ALA A 23 11.06 2.83 -2.53
N ALA A 24 9.85 2.63 -2.03
CA ALA A 24 9.64 2.45 -0.61
C ALA A 24 10.22 3.65 0.14
N GLY A 25 10.22 3.54 1.46
CA GLY A 25 10.72 4.62 2.30
C GLY A 25 10.61 4.26 3.79
N PRO A 26 10.68 5.31 4.64
CA PRO A 26 10.58 5.11 6.08
C PRO A 26 9.15 4.80 6.50
N VAL A 27 8.21 5.32 5.72
CA VAL A 27 6.80 5.12 6.01
C VAL A 27 6.43 3.67 5.67
N GLU A 28 6.65 3.32 4.41
CA GLU A 28 6.33 1.98 3.94
C GLU A 28 6.96 0.93 4.88
N ALA A 29 8.23 1.12 5.16
CA ALA A 29 8.94 0.20 6.03
C ALA A 29 8.09 -0.08 7.27
N ALA A 30 7.61 1.00 7.88
CA ALA A 30 6.78 0.87 9.07
C ALA A 30 5.50 0.13 8.71
N ILE A 31 4.86 0.58 7.64
CA ILE A 31 3.62 -0.03 7.19
C ILE A 31 3.82 -1.54 7.08
N ARG A 32 4.80 -1.92 6.29
CA ARG A 32 5.10 -3.33 6.10
C ARG A 32 5.52 -3.97 7.43
N ALA A 33 6.62 -3.48 7.97
CA ALA A 33 7.13 -3.99 9.23
C ALA A 33 5.96 -4.20 10.20
N LYS A 34 5.01 -3.28 10.14
CA LYS A 34 3.84 -3.34 11.00
C LYS A 34 3.00 -4.55 10.60
N LEU A 35 2.36 -4.44 9.45
CA LEU A 35 1.52 -5.51 8.95
C LEU A 35 2.26 -6.84 9.07
N GLU A 36 3.58 -6.76 9.00
CA GLU A 36 4.43 -7.94 9.10
C GLU A 36 4.18 -8.65 10.43
N GLN A 37 4.09 -7.86 11.48
CA GLN A 37 3.85 -8.40 12.82
C GLN A 37 2.41 -8.15 13.25
N ALA A 38 1.69 -7.44 12.39
CA ALA A 38 0.30 -7.11 12.67
C ALA A 38 -0.60 -8.06 11.88
N LEU A 39 0.03 -8.89 11.06
CA LEU A 39 -0.70 -9.84 10.24
C LEU A 39 0.18 -11.06 9.97
N SER A 40 1.42 -10.78 9.61
CA SER A 40 2.37 -11.85 9.32
C SER A 40 1.85 -12.71 8.17
N PRO A 41 1.65 -12.05 6.99
CA PRO A 41 1.16 -12.75 5.82
C PRO A 41 2.27 -13.59 5.18
N GLU A 42 1.91 -14.28 4.11
CA GLU A 42 2.85 -15.12 3.41
C GLU A 42 3.58 -14.32 2.33
N VAL A 43 2.96 -13.23 1.93
CA VAL A 43 3.53 -12.36 0.90
C VAL A 43 3.12 -10.91 1.17
N LEU A 44 4.09 -10.13 1.61
CA LEU A 44 3.85 -8.73 1.90
C LEU A 44 4.76 -7.86 1.03
N GLU A 45 4.17 -7.32 -0.02
CA GLU A 45 4.91 -6.46 -0.94
C GLU A 45 4.38 -5.03 -0.88
N LEU A 46 5.28 -4.09 -1.11
CA LEU A 46 4.92 -2.68 -1.09
C LEU A 46 5.77 -1.93 -2.11
N ARG A 47 5.18 -0.87 -2.65
CA ARG A 47 5.86 -0.06 -3.64
C ARG A 47 5.38 1.39 -3.57
N ASN A 48 6.33 2.30 -3.71
CA ASN A 48 6.02 3.72 -3.66
C ASN A 48 5.66 4.22 -5.06
N GLU A 49 4.36 4.44 -5.26
CA GLU A 49 3.88 4.90 -6.55
C GLU A 49 4.09 6.41 -6.68
N SER A 50 3.44 7.14 -5.79
CA SER A 50 3.55 8.60 -5.78
C SER A 50 2.95 9.17 -7.07
N GLY A 51 2.68 10.46 -7.05
CA GLY A 51 2.11 11.13 -8.19
C GLY A 51 0.85 10.41 -8.68
N GLY A 52 -0.27 10.79 -8.10
CA GLY A 52 -1.55 10.20 -8.46
C GLY A 52 -2.71 11.17 -8.21
N HIS A 53 -2.75 11.69 -6.99
CA HIS A 53 -3.79 12.62 -6.61
C HIS A 53 -3.30 14.05 -6.83
N ALA A 54 -3.15 14.41 -8.10
CA ALA A 54 -2.69 15.74 -8.45
C ALA A 54 -1.59 16.17 -7.48
N VAL A 55 -0.51 15.40 -7.47
CA VAL A 55 0.61 15.69 -6.60
C VAL A 55 1.90 15.65 -7.42
N PRO A 56 2.93 16.37 -6.88
CA PRO A 56 4.23 16.42 -7.55
C PRO A 56 4.99 15.10 -7.37
N ALA A 57 5.93 14.88 -8.27
CA ALA A 57 6.73 13.67 -8.23
C ALA A 57 7.69 13.76 -7.05
N GLY A 58 7.13 13.68 -5.85
CA GLY A 58 7.92 13.75 -4.64
C GLY A 58 7.04 13.68 -3.40
N SER A 59 6.04 12.80 -3.47
CA SER A 59 5.11 12.63 -2.36
C SER A 59 4.92 11.14 -2.07
N GLU A 60 4.80 10.83 -0.79
CA GLU A 60 4.62 9.45 -0.36
C GLU A 60 3.18 9.24 0.11
N THR A 61 2.24 9.70 -0.71
CA THR A 61 0.83 9.55 -0.37
C THR A 61 0.25 8.31 -1.04
N HIS A 62 0.39 8.26 -2.36
CA HIS A 62 -0.11 7.12 -3.11
C HIS A 62 0.86 5.95 -2.99
N PHE A 63 0.36 4.85 -2.45
CA PHE A 63 1.16 3.66 -2.28
C PHE A 63 0.44 2.43 -2.81
N ARG A 64 1.12 1.30 -2.72
CA ARG A 64 0.56 0.04 -3.18
C ARG A 64 1.18 -1.14 -2.42
N VAL A 65 0.40 -1.70 -1.51
CA VAL A 65 0.85 -2.83 -0.72
C VAL A 65 0.09 -4.08 -1.12
N ALA A 66 0.77 -5.21 -1.04
CA ALA A 66 0.15 -6.48 -1.39
C ALA A 66 0.31 -7.46 -0.22
N VAL A 67 -0.75 -7.60 0.54
CA VAL A 67 -0.75 -8.49 1.69
C VAL A 67 -1.34 -9.85 1.27
N VAL A 68 -0.74 -10.90 1.81
CA VAL A 68 -1.20 -12.25 1.52
C VAL A 68 -1.28 -13.05 2.81
N SER A 69 -2.48 -13.06 3.38
CA SER A 69 -2.72 -13.79 4.62
C SER A 69 -4.09 -14.45 4.58
N SER A 70 -4.30 -15.35 5.54
CA SER A 70 -5.57 -16.05 5.63
C SER A 70 -6.58 -15.23 6.43
N ARG A 71 -6.09 -14.11 6.96
CA ARG A 71 -6.93 -13.23 7.74
C ARG A 71 -8.15 -12.79 6.93
N PHE A 72 -7.91 -12.54 5.65
CA PHE A 72 -8.99 -12.11 4.76
C PHE A 72 -9.60 -13.32 4.04
N GLU A 73 -9.83 -14.38 4.80
CA GLU A 73 -10.41 -15.59 4.25
C GLU A 73 -11.94 -15.50 4.28
N GLY A 74 -12.47 -14.74 3.33
CA GLY A 74 -13.91 -14.56 3.24
C GLY A 74 -14.31 -13.14 3.60
N MET A 75 -13.53 -12.54 4.49
CA MET A 75 -13.80 -11.18 4.94
C MET A 75 -14.15 -10.28 3.75
N SER A 76 -14.98 -9.27 4.04
CA SER A 76 -15.40 -8.34 3.01
C SER A 76 -14.18 -7.67 2.38
N PRO A 77 -14.43 -6.98 1.24
CA PRO A 77 -13.37 -6.29 0.53
C PRO A 77 -12.98 -5.00 1.25
N LEU A 78 -13.92 -4.46 2.01
CA LEU A 78 -13.69 -3.24 2.76
C LEU A 78 -12.93 -3.58 4.05
N GLN A 79 -13.57 -4.39 4.88
CA GLN A 79 -12.98 -4.79 6.14
C GLN A 79 -11.47 -5.04 5.96
N ARG A 80 -11.14 -5.68 4.86
CA ARG A 80 -9.75 -5.99 4.56
C ARG A 80 -8.88 -4.74 4.75
N HIS A 81 -9.14 -3.75 3.92
CA HIS A 81 -8.39 -2.49 3.99
C HIS A 81 -8.39 -1.98 5.43
N ARG A 82 -9.49 -2.24 6.12
CA ARG A 82 -9.64 -1.80 7.49
C ARG A 82 -8.61 -2.50 8.39
N LEU A 83 -8.46 -3.80 8.14
CA LEU A 83 -7.51 -4.59 8.91
C LEU A 83 -6.16 -3.90 8.93
N VAL A 84 -5.74 -3.46 7.75
CA VAL A 84 -4.46 -2.77 7.62
C VAL A 84 -4.58 -1.38 8.24
N HIS A 85 -5.62 -0.66 7.84
CA HIS A 85 -5.85 0.68 8.35
C HIS A 85 -5.86 0.65 9.89
N GLU A 86 -6.31 -0.48 10.41
CA GLU A 86 -6.37 -0.64 11.85
C GLU A 86 -4.97 -0.65 12.46
N ALA A 87 -4.08 -1.36 11.78
CA ALA A 87 -2.70 -1.46 12.23
C ALA A 87 -1.95 -0.18 11.87
N LEU A 88 -2.28 0.34 10.69
CA LEU A 88 -1.65 1.56 10.21
C LEU A 88 -2.72 2.64 10.00
N SER A 89 -3.37 2.99 11.10
CA SER A 89 -4.42 4.01 11.05
C SER A 89 -3.80 5.39 10.88
N GLU A 90 -2.79 5.66 11.70
CA GLU A 90 -2.11 6.94 11.65
C GLU A 90 -1.50 7.16 10.27
N GLU A 91 -1.41 6.08 9.52
CA GLU A 91 -0.85 6.12 8.18
C GLU A 91 -1.86 6.72 7.20
N LEU A 92 -2.98 6.02 7.06
CA LEU A 92 -4.03 6.46 6.16
C LEU A 92 -4.61 7.78 6.67
N ALA A 93 -4.40 8.03 7.95
CA ALA A 93 -4.89 9.25 8.58
C ALA A 93 -3.71 10.12 8.99
N GLY A 94 -2.89 10.44 8.00
CA GLY A 94 -1.72 11.27 8.24
C GLY A 94 -0.95 11.53 6.94
N PRO A 95 0.15 10.74 6.75
CA PRO A 95 0.97 10.88 5.56
C PRO A 95 0.28 10.26 4.34
N VAL A 96 -0.20 9.04 4.53
CA VAL A 96 -0.88 8.33 3.46
C VAL A 96 -2.33 8.81 3.37
N HIS A 97 -2.72 9.24 2.18
CA HIS A 97 -4.07 9.72 1.97
C HIS A 97 -4.87 8.67 1.20
N ALA A 98 -4.22 8.10 0.20
CA ALA A 98 -4.86 7.08 -0.62
C ALA A 98 -3.83 6.01 -0.99
N LEU A 99 -3.88 4.89 -0.27
CA LEU A 99 -2.97 3.80 -0.52
C LEU A 99 -3.75 2.59 -1.03
N ALA A 100 -3.34 2.11 -2.20
CA ALA A 100 -4.00 0.96 -2.81
C ALA A 100 -3.49 -0.32 -2.15
N ILE A 101 -4.26 -0.79 -1.19
CA ILE A 101 -3.91 -2.00 -0.47
C ILE A 101 -4.46 -3.21 -1.21
N GLN A 102 -3.68 -4.28 -1.23
CA GLN A 102 -4.08 -5.50 -1.90
C GLN A 102 -4.23 -6.64 -0.89
N ALA A 103 -5.47 -6.85 -0.47
CA ALA A 103 -5.77 -7.90 0.49
C ALA A 103 -6.20 -9.15 -0.25
N LYS A 104 -5.38 -10.19 -0.12
CA LYS A 104 -5.67 -11.46 -0.77
C LYS A 104 -5.46 -12.60 0.22
N THR A 105 -5.66 -13.82 -0.26
CA THR A 105 -5.49 -14.99 0.57
C THR A 105 -4.36 -15.86 0.04
N PRO A 106 -3.90 -16.79 0.91
CA PRO A 106 -2.81 -17.69 0.55
C PRO A 106 -3.29 -18.78 -0.42
N ALA A 107 -4.57 -18.71 -0.72
CA ALA A 107 -5.17 -19.69 -1.63
C ALA A 107 -5.40 -19.03 -2.99
N GLN A 108 -5.64 -17.73 -2.95
CA GLN A 108 -5.88 -16.98 -4.18
C GLN A 108 -4.56 -16.52 -4.77
N TRP A 109 -3.67 -16.07 -3.90
CA TRP A 109 -2.36 -15.60 -4.33
C TRP A 109 -1.77 -16.65 -5.28
N ARG A 110 -2.01 -17.91 -4.94
CA ARG A 110 -1.52 -19.02 -5.74
C ARG A 110 -1.92 -18.83 -7.21
N GLU A 111 -3.22 -18.68 -7.41
CA GLU A 111 -3.75 -18.50 -8.75
C GLU A 111 -2.98 -17.40 -9.48
N ASN A 112 -2.96 -16.23 -8.88
CA ASN A 112 -2.26 -15.09 -9.46
C ASN A 112 -1.43 -14.40 -8.37
N PRO A 113 -0.20 -14.93 -8.17
CA PRO A 113 0.70 -14.37 -7.17
C PRO A 113 1.30 -13.04 -7.65
N GLN A 114 0.86 -12.63 -8.83
CA GLN A 114 1.35 -11.38 -9.42
C GLN A 114 0.60 -10.19 -8.82
N LEU A 115 1.01 -9.00 -9.23
CA LEU A 115 0.39 -7.78 -8.76
C LEU A 115 0.17 -6.84 -9.93
N ASP A 116 -0.40 -5.67 -9.61
CA ASP A 116 -0.66 -4.67 -10.64
C ASP A 116 -0.14 -3.32 -10.16
N ILE A 117 1.17 -3.15 -10.29
CA ILE A 117 1.81 -1.90 -9.88
C ILE A 117 1.57 -0.84 -10.95
N SER A 118 2.16 -1.08 -12.12
CA SER A 118 2.04 -0.15 -13.23
C SER A 118 0.99 -0.67 -14.21
N PRO A 119 0.16 0.27 -14.72
CA PRO A 119 -0.88 -0.08 -15.68
C PRO A 119 -0.29 -0.34 -17.06
N PRO A 120 -1.14 -0.93 -17.95
CA PRO A 120 -0.71 -1.24 -19.31
C PRO A 120 -0.63 0.03 -20.15
N CYS A 121 0.44 0.10 -20.95
CA CYS A 121 0.65 1.25 -21.82
C CYS A 121 -0.10 1.00 -23.13
N LEU A 122 0.35 -0.02 -23.85
CA LEU A 122 -0.27 -0.37 -25.12
C LEU A 122 -0.51 -1.87 -25.17
N GLY A 123 -1.55 -2.29 -24.45
CA GLY A 123 -1.91 -3.70 -24.40
C GLY A 123 -2.50 -4.16 -25.73
N GLY A 1 -20.05 5.17 21.50
CA GLY A 1 -19.69 5.98 20.35
C GLY A 1 -18.86 5.17 19.35
N SER A 2 -19.50 4.86 18.23
CA SER A 2 -18.83 4.09 17.19
C SER A 2 -19.17 4.68 15.81
N SER A 3 -18.16 5.27 15.19
CA SER A 3 -18.34 5.87 13.88
C SER A 3 -17.90 4.89 12.80
N GLY A 4 -18.64 4.90 11.69
CA GLY A 4 -18.33 4.02 10.58
C GLY A 4 -19.19 4.36 9.36
N SER A 5 -19.02 5.57 8.88
CA SER A 5 -19.78 6.04 7.72
C SER A 5 -18.86 6.80 6.77
N SER A 6 -19.31 6.90 5.53
CA SER A 6 -18.55 7.60 4.51
C SER A 6 -17.22 6.89 4.27
N GLY A 7 -16.92 6.66 3.00
CA GLY A 7 -15.69 6.00 2.62
C GLY A 7 -15.86 5.23 1.30
N MET A 8 -14.92 5.48 0.40
CA MET A 8 -14.96 4.83 -0.90
C MET A 8 -13.66 5.08 -1.67
N ALA A 9 -13.39 4.20 -2.63
CA ALA A 9 -12.20 4.31 -3.44
C ALA A 9 -12.57 4.21 -4.92
N THR A 10 -12.23 5.26 -5.66
CA THR A 10 -12.53 5.31 -7.07
C THR A 10 -11.31 5.77 -7.86
N ARG A 11 -10.80 4.86 -8.68
CA ARG A 11 -9.63 5.15 -9.50
C ARG A 11 -9.84 6.44 -10.30
N SER A 12 -8.83 7.29 -10.27
CA SER A 12 -8.90 8.56 -10.97
C SER A 12 -7.56 9.30 -10.83
N CYS A 13 -7.10 9.84 -11.95
CA CYS A 13 -5.85 10.58 -11.97
C CYS A 13 -5.68 11.18 -13.36
N VAL A 14 -4.77 12.15 -13.44
CA VAL A 14 -4.49 12.83 -14.70
C VAL A 14 -3.28 13.74 -14.53
N SER A 15 -2.18 13.31 -15.11
CA SER A 15 -0.94 14.08 -15.03
C SER A 15 0.13 13.44 -15.91
N ARG A 16 1.05 14.27 -16.37
CA ARG A 16 2.13 13.80 -17.22
C ARG A 16 3.24 13.17 -16.37
N GLY A 17 3.37 11.86 -16.50
CA GLY A 17 4.38 11.13 -15.75
C GLY A 17 4.90 9.94 -16.57
N SER A 18 6.18 9.64 -16.38
CA SER A 18 6.80 8.54 -17.08
C SER A 18 7.77 7.81 -16.14
N ALA A 19 7.40 6.60 -15.77
CA ALA A 19 8.22 5.80 -14.89
C ALA A 19 8.45 6.56 -13.58
N GLY A 20 8.93 5.84 -12.59
CA GLY A 20 9.20 6.42 -11.28
C GLY A 20 8.34 5.78 -10.20
N SER A 21 8.89 4.75 -9.58
CA SER A 21 8.19 4.06 -8.52
C SER A 21 9.06 2.94 -7.95
N ALA A 22 9.86 3.30 -6.96
CA ALA A 22 10.75 2.35 -6.33
C ALA A 22 11.46 3.02 -5.15
N ALA A 23 12.31 2.25 -4.49
CA ALA A 23 13.05 2.75 -3.35
C ALA A 23 12.07 3.09 -2.22
N ALA A 24 11.83 2.09 -1.38
CA ALA A 24 10.92 2.26 -0.25
C ALA A 24 11.38 3.46 0.58
N GLY A 25 10.74 3.62 1.73
CA GLY A 25 11.06 4.71 2.62
C GLY A 25 10.90 4.30 4.08
N PRO A 26 10.98 5.31 4.98
CA PRO A 26 10.84 5.06 6.41
C PRO A 26 9.38 4.81 6.78
N VAL A 27 8.49 5.31 5.94
CA VAL A 27 7.07 5.15 6.16
C VAL A 27 6.67 3.70 5.85
N GLU A 28 6.72 3.38 4.57
CA GLU A 28 6.37 2.04 4.12
C GLU A 28 6.95 0.99 5.07
N ALA A 29 8.27 1.07 5.24
CA ALA A 29 8.96 0.14 6.11
C ALA A 29 8.11 -0.11 7.37
N ALA A 30 7.78 0.98 8.04
CA ALA A 30 6.97 0.89 9.25
C ALA A 30 5.64 0.20 8.92
N ILE A 31 4.99 0.69 7.88
CA ILE A 31 3.72 0.13 7.45
C ILE A 31 3.84 -1.39 7.37
N ARG A 32 4.65 -1.85 6.42
CA ARG A 32 4.85 -3.27 6.24
C ARG A 32 5.32 -3.91 7.55
N ALA A 33 6.43 -3.40 8.05
CA ALA A 33 6.99 -3.92 9.29
C ALA A 33 5.85 -4.20 10.29
N LYS A 34 4.89 -3.31 10.30
CA LYS A 34 3.74 -3.44 11.19
C LYS A 34 2.90 -4.64 10.74
N LEU A 35 2.24 -4.47 9.61
CA LEU A 35 1.39 -5.52 9.07
C LEU A 35 2.13 -6.86 9.16
N GLU A 36 3.45 -6.78 9.01
CA GLU A 36 4.28 -7.97 9.07
C GLU A 36 4.06 -8.70 10.40
N GLN A 37 3.99 -7.92 11.47
CA GLN A 37 3.77 -8.49 12.79
C GLN A 37 2.33 -8.26 13.24
N ALA A 38 1.59 -7.55 12.41
CA ALA A 38 0.20 -7.26 12.70
C ALA A 38 -0.70 -8.19 11.90
N LEU A 39 -0.08 -8.92 10.98
CA LEU A 39 -0.80 -9.86 10.15
C LEU A 39 0.06 -11.08 9.88
N SER A 40 1.31 -10.82 9.52
CA SER A 40 2.25 -11.89 9.23
C SER A 40 1.76 -12.72 8.06
N PRO A 41 1.59 -12.05 6.89
CA PRO A 41 1.11 -12.72 5.69
C PRO A 41 2.22 -13.58 5.08
N GLU A 42 1.88 -14.24 3.98
CA GLU A 42 2.82 -15.09 3.29
C GLU A 42 3.57 -14.30 2.22
N VAL A 43 2.95 -13.21 1.79
CA VAL A 43 3.55 -12.35 0.78
C VAL A 43 3.16 -10.90 1.03
N LEU A 44 4.13 -10.12 1.46
CA LEU A 44 3.91 -8.72 1.75
C LEU A 44 4.82 -7.86 0.86
N GLU A 45 4.21 -7.26 -0.14
CA GLU A 45 4.94 -6.41 -1.06
C GLU A 45 4.41 -4.97 -1.01
N LEU A 46 5.33 -4.04 -0.87
CA LEU A 46 4.96 -2.64 -0.81
C LEU A 46 5.85 -1.84 -1.78
N ARG A 47 5.25 -0.83 -2.38
CA ARG A 47 5.97 0.01 -3.32
C ARG A 47 5.32 1.40 -3.40
N ASN A 48 6.15 2.39 -3.68
CA ASN A 48 5.68 3.76 -3.78
C ASN A 48 5.42 4.10 -5.25
N GLU A 49 4.15 4.31 -5.57
CA GLU A 49 3.76 4.63 -6.92
C GLU A 49 3.98 6.13 -7.19
N SER A 50 3.20 6.96 -6.52
CA SER A 50 3.32 8.40 -6.68
C SER A 50 3.60 8.73 -8.14
N GLY A 51 2.52 8.84 -8.91
CA GLY A 51 2.65 9.16 -10.33
C GLY A 51 1.49 10.03 -10.80
N GLY A 52 0.28 9.57 -10.49
CA GLY A 52 -0.92 10.30 -10.87
C GLY A 52 -1.62 10.89 -9.63
N HIS A 53 -1.30 12.14 -9.36
CA HIS A 53 -1.89 12.83 -8.22
C HIS A 53 -1.34 14.24 -8.13
N ALA A 54 -2.20 15.17 -7.73
CA ALA A 54 -1.81 16.57 -7.61
C ALA A 54 -1.02 16.74 -6.31
N VAL A 55 0.22 16.26 -6.33
CA VAL A 55 1.08 16.36 -5.17
C VAL A 55 2.44 16.90 -5.60
N PRO A 56 3.16 17.51 -4.61
CA PRO A 56 4.47 18.06 -4.88
C PRO A 56 5.52 16.96 -5.01
N ALA A 57 6.49 17.20 -5.90
CA ALA A 57 7.54 16.23 -6.12
C ALA A 57 8.05 15.70 -4.79
N GLY A 58 8.33 14.41 -4.76
CA GLY A 58 8.83 13.77 -3.55
C GLY A 58 7.72 13.64 -2.51
N SER A 59 6.66 12.95 -2.90
CA SER A 59 5.52 12.74 -2.01
C SER A 59 5.22 11.25 -1.88
N GLU A 60 4.75 10.88 -0.69
CA GLU A 60 4.42 9.50 -0.42
C GLU A 60 2.95 9.37 -0.01
N THR A 61 2.09 10.02 -0.79
CA THR A 61 0.67 9.99 -0.51
C THR A 61 0.03 8.75 -1.17
N HIS A 62 0.58 8.38 -2.31
CA HIS A 62 0.07 7.23 -3.04
C HIS A 62 0.99 6.03 -2.80
N PHE A 63 0.41 4.96 -2.30
CA PHE A 63 1.16 3.75 -2.04
C PHE A 63 0.40 2.50 -2.50
N ARG A 64 1.07 1.37 -2.45
CA ARG A 64 0.48 0.12 -2.87
C ARG A 64 1.14 -1.05 -2.13
N VAL A 65 0.34 -1.75 -1.34
CA VAL A 65 0.83 -2.89 -0.59
C VAL A 65 0.03 -4.14 -0.98
N ALA A 66 0.76 -5.24 -1.12
CA ALA A 66 0.13 -6.50 -1.49
C ALA A 66 0.29 -7.50 -0.33
N VAL A 67 -0.78 -7.61 0.44
CA VAL A 67 -0.78 -8.52 1.58
C VAL A 67 -1.36 -9.88 1.14
N VAL A 68 -0.74 -10.93 1.65
CA VAL A 68 -1.18 -12.28 1.33
C VAL A 68 -1.28 -13.11 2.61
N SER A 69 -2.44 -13.03 3.24
CA SER A 69 -2.67 -13.76 4.48
C SER A 69 -4.04 -14.45 4.42
N SER A 70 -4.23 -15.39 5.35
CA SER A 70 -5.48 -16.12 5.42
C SER A 70 -6.51 -15.32 6.21
N ARG A 71 -6.05 -14.23 6.80
CA ARG A 71 -6.92 -13.37 7.58
C ARG A 71 -8.13 -12.93 6.75
N PHE A 72 -7.85 -12.64 5.48
CA PHE A 72 -8.90 -12.21 4.57
C PHE A 72 -9.58 -13.41 3.90
N GLU A 73 -9.75 -14.46 4.69
CA GLU A 73 -10.39 -15.67 4.19
C GLU A 73 -11.90 -15.49 4.12
N GLY A 74 -12.39 -15.35 2.90
CA GLY A 74 -13.82 -15.17 2.68
C GLY A 74 -14.36 -13.98 3.49
N MET A 75 -13.59 -12.90 3.44
CA MET A 75 -13.98 -11.68 4.15
C MET A 75 -14.45 -10.60 3.19
N SER A 76 -14.73 -9.44 3.75
CA SER A 76 -15.21 -8.32 2.95
C SER A 76 -14.02 -7.49 2.46
N PRO A 77 -14.30 -6.57 1.50
CA PRO A 77 -13.28 -5.71 0.95
C PRO A 77 -12.89 -4.60 1.93
N LEU A 78 -13.90 -4.13 2.65
CA LEU A 78 -13.69 -3.08 3.63
C LEU A 78 -12.86 -3.62 4.79
N GLN A 79 -13.47 -4.54 5.54
CA GLN A 79 -12.80 -5.14 6.68
C GLN A 79 -11.31 -5.35 6.38
N ARG A 80 -11.06 -6.03 5.26
CA ARG A 80 -9.70 -6.31 4.85
C ARG A 80 -8.83 -5.06 5.01
N HIS A 81 -9.12 -4.07 4.18
CA HIS A 81 -8.37 -2.82 4.23
C HIS A 81 -8.43 -2.23 5.64
N ARG A 82 -9.61 -2.33 6.23
CA ARG A 82 -9.81 -1.82 7.58
C ARG A 82 -8.81 -2.45 8.55
N LEU A 83 -8.68 -3.77 8.44
CA LEU A 83 -7.76 -4.50 9.29
C LEU A 83 -6.38 -3.85 9.22
N VAL A 84 -5.93 -3.62 7.99
CA VAL A 84 -4.63 -3.01 7.77
C VAL A 84 -4.68 -1.54 8.19
N HIS A 85 -5.69 -0.85 7.70
CA HIS A 85 -5.86 0.56 8.04
C HIS A 85 -5.82 0.74 9.55
N GLU A 86 -6.43 -0.21 10.24
CA GLU A 86 -6.48 -0.17 11.70
C GLU A 86 -5.07 -0.16 12.27
N ALA A 87 -4.24 -1.05 11.73
CA ALA A 87 -2.87 -1.17 12.19
C ALA A 87 -2.17 0.18 12.00
N LEU A 88 -2.32 0.73 10.81
CA LEU A 88 -1.70 2.01 10.49
C LEU A 88 -2.79 3.03 10.15
N SER A 89 -3.65 3.28 11.13
CA SER A 89 -4.75 4.22 10.94
C SER A 89 -4.19 5.64 10.80
N GLU A 90 -3.12 5.91 11.55
CA GLU A 90 -2.50 7.22 11.51
C GLU A 90 -1.90 7.48 10.13
N GLU A 91 -1.36 6.43 9.54
CA GLU A 91 -0.75 6.53 8.23
C GLU A 91 -1.76 7.11 7.22
N LEU A 92 -2.83 6.35 7.00
CA LEU A 92 -3.87 6.76 6.08
C LEU A 92 -4.35 8.17 6.46
N ALA A 93 -4.12 8.51 7.72
CA ALA A 93 -4.54 9.81 8.22
C ALA A 93 -3.29 10.62 8.60
N GLY A 94 -2.52 10.97 7.58
CA GLY A 94 -1.31 11.75 7.79
C GLY A 94 -0.52 11.88 6.49
N PRO A 95 0.55 11.04 6.38
CA PRO A 95 1.39 11.06 5.20
C PRO A 95 0.70 10.39 4.01
N VAL A 96 0.14 9.22 4.28
CA VAL A 96 -0.56 8.47 3.25
C VAL A 96 -2.00 8.99 3.14
N HIS A 97 -2.38 9.30 1.90
CA HIS A 97 -3.72 9.80 1.65
C HIS A 97 -4.54 8.73 0.93
N ALA A 98 -3.89 8.07 -0.01
CA ALA A 98 -4.54 7.01 -0.78
C ALA A 98 -3.56 5.87 -1.02
N LEU A 99 -3.73 4.83 -0.22
CA LEU A 99 -2.86 3.66 -0.33
C LEU A 99 -3.68 2.46 -0.78
N ALA A 100 -3.39 1.99 -1.99
CA ALA A 100 -4.10 0.84 -2.54
C ALA A 100 -3.54 -0.44 -1.93
N ILE A 101 -4.30 -1.00 -1.00
CA ILE A 101 -3.90 -2.22 -0.33
C ILE A 101 -4.48 -3.42 -1.08
N GLN A 102 -3.69 -4.48 -1.15
CA GLN A 102 -4.11 -5.69 -1.84
C GLN A 102 -4.30 -6.83 -0.83
N ALA A 103 -5.57 -7.10 -0.53
CA ALA A 103 -5.91 -8.15 0.41
C ALA A 103 -6.25 -9.42 -0.36
N LYS A 104 -5.33 -10.37 -0.31
CA LYS A 104 -5.54 -11.64 -0.99
C LYS A 104 -5.17 -12.80 -0.04
N THR A 105 -5.76 -13.95 -0.32
CA THR A 105 -5.50 -15.13 0.50
C THR A 105 -4.32 -15.92 -0.07
N PRO A 106 -3.78 -16.83 0.79
CA PRO A 106 -2.66 -17.66 0.38
C PRO A 106 -3.11 -18.76 -0.58
N ALA A 107 -4.40 -18.76 -0.87
CA ALA A 107 -4.96 -19.76 -1.77
C ALA A 107 -5.25 -19.11 -3.12
N GLN A 108 -5.39 -17.79 -3.09
CA GLN A 108 -5.66 -17.04 -4.31
C GLN A 108 -4.36 -16.53 -4.92
N TRP A 109 -3.48 -16.06 -4.05
CA TRP A 109 -2.19 -15.54 -4.49
C TRP A 109 -1.52 -16.60 -5.35
N ARG A 110 -1.76 -17.86 -4.98
CA ARG A 110 -1.19 -18.97 -5.72
C ARG A 110 -1.70 -18.99 -7.16
N GLU A 111 -3.00 -18.85 -7.29
CA GLU A 111 -3.63 -18.85 -8.60
C GLU A 111 -3.05 -17.73 -9.47
N ASN A 112 -2.95 -16.54 -8.87
CA ASN A 112 -2.40 -15.39 -9.57
C ASN A 112 -1.65 -14.51 -8.58
N PRO A 113 -0.37 -14.89 -8.33
CA PRO A 113 0.48 -14.14 -7.41
C PRO A 113 0.94 -12.83 -8.04
N GLN A 114 0.69 -12.70 -9.33
CA GLN A 114 1.07 -11.51 -10.06
C GLN A 114 0.19 -10.33 -9.66
N LEU A 115 0.82 -9.31 -9.12
CA LEU A 115 0.10 -8.12 -8.69
C LEU A 115 -0.11 -7.19 -9.89
N ASP A 116 -0.69 -6.04 -9.62
CA ASP A 116 -0.95 -5.05 -10.66
C ASP A 116 -0.94 -3.65 -10.06
N ILE A 117 0.24 -3.22 -9.63
CA ILE A 117 0.39 -1.91 -9.03
C ILE A 117 0.82 -0.91 -10.11
N SER A 118 1.73 -1.36 -10.96
CA SER A 118 2.23 -0.52 -12.03
C SER A 118 2.67 -1.38 -13.21
N PRO A 119 2.53 -0.80 -14.43
CA PRO A 119 2.90 -1.50 -15.65
C PRO A 119 4.42 -1.55 -15.81
N PRO A 120 4.95 -2.79 -15.92
CA PRO A 120 6.38 -2.99 -16.09
C PRO A 120 6.84 -2.63 -17.51
N CYS A 121 8.13 -2.76 -17.73
CA CYS A 121 8.69 -2.46 -19.03
C CYS A 121 9.68 -3.57 -19.41
N LEU A 122 9.14 -4.63 -19.99
CA LEU A 122 9.95 -5.76 -20.39
C LEU A 122 10.60 -6.38 -19.15
N GLY A 123 10.45 -7.70 -19.05
CA GLY A 123 11.01 -8.42 -17.92
C GLY A 123 11.95 -9.54 -18.40
N GLY A 1 -26.49 20.33 -4.29
CA GLY A 1 -26.29 20.88 -2.96
C GLY A 1 -25.05 20.26 -2.28
N SER A 2 -24.77 20.72 -1.07
CA SER A 2 -23.64 20.23 -0.33
C SER A 2 -23.64 20.82 1.09
N SER A 3 -23.10 20.05 2.02
CA SER A 3 -23.04 20.49 3.40
C SER A 3 -21.60 20.89 3.75
N GLY A 4 -21.45 22.17 4.08
CA GLY A 4 -20.13 22.69 4.43
C GLY A 4 -20.26 24.05 5.14
N SER A 5 -20.39 23.98 6.45
CA SER A 5 -20.52 25.18 7.25
C SER A 5 -19.23 25.41 8.06
N SER A 6 -18.87 24.42 8.84
CA SER A 6 -17.67 24.50 9.66
C SER A 6 -16.44 24.27 8.80
N GLY A 7 -15.43 25.11 9.02
CA GLY A 7 -14.19 25.01 8.27
C GLY A 7 -13.16 26.02 8.79
N MET A 8 -11.92 25.82 8.36
CA MET A 8 -10.84 26.70 8.77
C MET A 8 -9.82 26.88 7.64
N ALA A 9 -9.00 27.92 7.79
CA ALA A 9 -7.98 28.20 6.79
C ALA A 9 -6.63 27.69 7.29
N THR A 10 -5.88 27.10 6.37
CA THR A 10 -4.57 26.56 6.69
C THR A 10 -3.51 27.11 5.74
N ARG A 11 -2.77 28.09 6.23
CA ARG A 11 -1.73 28.72 5.43
C ARG A 11 -0.37 28.13 5.79
N SER A 12 -0.24 26.83 5.57
CA SER A 12 1.00 26.14 5.87
C SER A 12 2.18 26.85 5.20
N CYS A 13 2.10 26.93 3.88
CA CYS A 13 3.14 27.58 3.10
C CYS A 13 4.39 26.70 3.15
N VAL A 14 5.29 26.95 2.20
CA VAL A 14 6.52 26.19 2.11
C VAL A 14 7.63 26.94 2.87
N SER A 15 8.39 26.17 3.63
CA SER A 15 9.48 26.75 4.41
C SER A 15 10.65 25.76 4.47
N ARG A 16 10.36 24.58 5.01
CA ARG A 16 11.38 23.55 5.13
C ARG A 16 10.98 22.31 4.31
N GLY A 17 11.85 21.96 3.39
CA GLY A 17 11.61 20.80 2.55
C GLY A 17 12.51 19.63 2.94
N SER A 18 13.27 19.15 1.96
CA SER A 18 14.19 18.05 2.20
C SER A 18 13.40 16.80 2.60
N ALA A 19 13.53 15.76 1.80
CA ALA A 19 12.85 14.50 2.06
C ALA A 19 13.41 13.42 1.14
N GLY A 20 13.33 13.68 -0.15
CA GLY A 20 13.83 12.73 -1.14
C GLY A 20 12.70 11.80 -1.61
N SER A 21 12.71 11.53 -2.92
CA SER A 21 11.71 10.67 -3.51
C SER A 21 12.35 9.77 -4.56
N ALA A 22 12.50 8.51 -4.22
CA ALA A 22 13.09 7.54 -5.11
C ALA A 22 12.97 6.14 -4.51
N ALA A 23 13.56 5.98 -3.34
CA ALA A 23 13.53 4.71 -2.64
C ALA A 23 12.51 4.78 -1.51
N ALA A 24 12.22 3.61 -0.95
CA ALA A 24 11.27 3.53 0.14
C ALA A 24 11.69 4.49 1.26
N GLY A 25 10.90 4.47 2.34
CA GLY A 25 11.19 5.33 3.47
C GLY A 25 10.87 4.62 4.79
N PRO A 26 10.90 5.42 5.90
CA PRO A 26 10.62 4.87 7.21
C PRO A 26 9.12 4.62 7.39
N VAL A 27 8.33 5.34 6.60
CA VAL A 27 6.89 5.20 6.66
C VAL A 27 6.47 3.91 5.96
N GLU A 28 6.76 3.85 4.67
CA GLU A 28 6.43 2.69 3.88
C GLU A 28 6.96 1.41 4.54
N ALA A 29 8.27 1.39 4.72
CA ALA A 29 8.91 0.24 5.34
C ALA A 29 8.09 -0.20 6.55
N ALA A 30 7.64 0.77 7.32
CA ALA A 30 6.84 0.50 8.50
C ALA A 30 5.54 -0.18 8.08
N ILE A 31 4.80 0.52 7.22
CA ILE A 31 3.54 0.02 6.74
C ILE A 31 3.65 -1.50 6.49
N ARG A 32 4.85 -1.90 6.10
CA ARG A 32 5.12 -3.30 5.83
C ARG A 32 5.52 -4.03 7.12
N ALA A 33 6.70 -3.67 7.61
CA ALA A 33 7.21 -4.28 8.82
C ALA A 33 6.07 -4.41 9.84
N LYS A 34 5.13 -3.48 9.75
CA LYS A 34 3.99 -3.48 10.65
C LYS A 34 3.10 -4.69 10.35
N LEU A 35 2.46 -4.62 9.20
CA LEU A 35 1.57 -5.70 8.77
C LEU A 35 2.30 -7.03 8.93
N GLU A 36 3.62 -6.96 8.88
CA GLU A 36 4.43 -8.16 9.00
C GLU A 36 4.24 -8.79 10.38
N GLN A 37 4.19 -7.93 11.39
CA GLN A 37 4.00 -8.39 12.75
C GLN A 37 2.57 -8.12 13.22
N ALA A 38 1.81 -7.47 12.34
CA ALA A 38 0.43 -7.13 12.65
C ALA A 38 -0.49 -8.10 11.91
N LEU A 39 0.11 -8.88 11.02
CA LEU A 39 -0.65 -9.85 10.24
C LEU A 39 0.22 -11.08 9.99
N SER A 40 1.45 -10.83 9.59
CA SER A 40 2.39 -11.90 9.32
C SER A 40 1.86 -12.78 8.17
N PRO A 41 1.65 -12.12 7.00
CA PRO A 41 1.14 -12.82 5.83
C PRO A 41 2.25 -13.68 5.19
N GLU A 42 1.88 -14.34 4.10
CA GLU A 42 2.82 -15.18 3.38
C GLU A 42 3.58 -14.37 2.33
N VAL A 43 2.98 -13.25 1.96
CA VAL A 43 3.58 -12.37 0.97
C VAL A 43 3.18 -10.92 1.24
N LEU A 44 4.13 -10.15 1.74
CA LEU A 44 3.89 -8.76 2.05
C LEU A 44 4.75 -7.88 1.14
N GLU A 45 4.18 -7.53 0.00
CA GLU A 45 4.88 -6.70 -0.96
C GLU A 45 4.40 -5.25 -0.86
N LEU A 46 5.36 -4.35 -0.71
CA LEU A 46 5.05 -2.93 -0.59
C LEU A 46 6.09 -2.12 -1.37
N ARG A 47 5.59 -1.14 -2.11
CA ARG A 47 6.46 -0.29 -2.90
C ARG A 47 5.92 1.14 -2.93
N ASN A 48 6.68 2.02 -3.56
CA ASN A 48 6.30 3.41 -3.67
C ASN A 48 5.84 3.70 -5.10
N GLU A 49 4.81 4.52 -5.21
CA GLU A 49 4.26 4.88 -6.52
C GLU A 49 4.48 6.38 -6.78
N SER A 50 3.88 7.19 -5.93
CA SER A 50 4.01 8.63 -6.06
C SER A 50 3.94 9.02 -7.54
N GLY A 51 2.73 9.15 -8.04
CA GLY A 51 2.53 9.52 -9.43
C GLY A 51 2.46 11.04 -9.58
N GLY A 52 1.24 11.54 -9.66
CA GLY A 52 1.02 12.97 -9.81
C GLY A 52 -0.46 13.33 -9.63
N HIS A 53 -1.11 12.59 -8.74
CA HIS A 53 -2.51 12.81 -8.46
C HIS A 53 -2.70 14.18 -7.80
N ALA A 54 -2.59 15.22 -8.62
CA ALA A 54 -2.74 16.58 -8.12
C ALA A 54 -1.90 16.75 -6.86
N VAL A 55 -0.72 16.16 -6.88
CA VAL A 55 0.19 16.25 -5.74
C VAL A 55 1.50 16.91 -6.18
N PRO A 56 2.17 17.54 -5.18
CA PRO A 56 3.43 18.22 -5.45
C PRO A 56 4.57 17.21 -5.64
N ALA A 57 5.47 17.55 -6.56
CA ALA A 57 6.59 16.68 -6.85
C ALA A 57 7.24 16.24 -5.54
N GLY A 58 7.56 14.95 -5.47
CA GLY A 58 8.17 14.39 -4.29
C GLY A 58 7.16 14.24 -3.15
N SER A 59 6.08 13.53 -3.45
CA SER A 59 5.03 13.31 -2.47
C SER A 59 4.86 11.81 -2.20
N GLU A 60 4.57 11.49 -0.95
CA GLU A 60 4.38 10.11 -0.56
C GLU A 60 2.97 9.89 -0.01
N THR A 61 2.02 9.79 -0.94
CA THR A 61 0.63 9.59 -0.57
C THR A 61 0.08 8.34 -1.25
N HIS A 62 0.13 8.36 -2.57
CA HIS A 62 -0.36 7.24 -3.36
C HIS A 62 0.60 6.05 -3.23
N PHE A 63 0.25 5.14 -2.35
CA PHE A 63 1.07 3.96 -2.12
C PHE A 63 0.33 2.69 -2.54
N ARG A 64 1.09 1.62 -2.70
CA ARG A 64 0.52 0.35 -3.09
C ARG A 64 1.14 -0.79 -2.25
N VAL A 65 0.28 -1.50 -1.55
CA VAL A 65 0.72 -2.60 -0.72
C VAL A 65 0.03 -3.89 -1.17
N ALA A 66 0.71 -5.01 -0.95
CA ALA A 66 0.17 -6.31 -1.33
C ALA A 66 0.36 -7.29 -0.17
N VAL A 67 -0.71 -7.49 0.57
CA VAL A 67 -0.67 -8.40 1.71
C VAL A 67 -1.28 -9.75 1.29
N VAL A 68 -0.66 -10.81 1.80
CA VAL A 68 -1.13 -12.16 1.49
C VAL A 68 -1.25 -12.96 2.79
N SER A 69 -2.41 -12.86 3.40
CA SER A 69 -2.68 -13.56 4.64
C SER A 69 -4.05 -14.23 4.59
N SER A 70 -4.25 -15.18 5.49
CA SER A 70 -5.51 -15.90 5.56
C SER A 70 -6.53 -15.08 6.34
N ARG A 71 -6.05 -14.01 6.96
CA ARG A 71 -6.91 -13.15 7.75
C ARG A 71 -8.14 -12.75 6.94
N PHE A 72 -7.91 -12.47 5.67
CA PHE A 72 -8.99 -12.08 4.77
C PHE A 72 -9.58 -13.30 4.05
N GLU A 73 -9.76 -14.37 4.81
CA GLU A 73 -10.32 -15.59 4.26
C GLU A 73 -11.83 -15.50 4.19
N GLY A 74 -12.32 -14.97 3.07
CA GLY A 74 -13.75 -14.82 2.86
C GLY A 74 -14.27 -13.58 3.57
N MET A 75 -13.41 -12.59 3.70
CA MET A 75 -13.78 -11.35 4.36
C MET A 75 -14.24 -10.31 3.35
N SER A 76 -15.00 -9.34 3.84
CA SER A 76 -15.52 -8.28 2.99
C SER A 76 -14.36 -7.44 2.43
N PRO A 77 -14.70 -6.56 1.46
CA PRO A 77 -13.70 -5.71 0.83
C PRO A 77 -13.30 -4.57 1.77
N LEU A 78 -14.22 -4.24 2.68
CA LEU A 78 -13.97 -3.17 3.64
C LEU A 78 -13.06 -3.69 4.75
N GLN A 79 -13.53 -4.76 5.39
CA GLN A 79 -12.77 -5.36 6.48
C GLN A 79 -11.29 -5.46 6.11
N ARG A 80 -11.05 -5.96 4.91
CA ARG A 80 -9.68 -6.11 4.42
C ARG A 80 -8.91 -4.80 4.61
N HIS A 81 -9.31 -3.80 3.85
CA HIS A 81 -8.67 -2.50 3.94
C HIS A 81 -8.71 -1.99 5.38
N ARG A 82 -9.78 -2.35 6.06
CA ARG A 82 -9.95 -1.94 7.44
C ARG A 82 -8.88 -2.58 8.34
N LEU A 83 -8.58 -3.84 8.02
CA LEU A 83 -7.58 -4.57 8.78
C LEU A 83 -6.26 -3.81 8.75
N VAL A 84 -5.81 -3.50 7.53
CA VAL A 84 -4.56 -2.78 7.36
C VAL A 84 -4.71 -1.37 7.92
N HIS A 85 -5.87 -0.78 7.65
CA HIS A 85 -6.16 0.57 8.13
C HIS A 85 -6.11 0.59 9.67
N GLU A 86 -6.64 -0.48 10.26
CA GLU A 86 -6.66 -0.59 11.71
C GLU A 86 -5.23 -0.66 12.26
N ALA A 87 -4.42 -1.46 11.59
CA ALA A 87 -3.03 -1.63 12.00
C ALA A 87 -2.24 -0.38 11.64
N LEU A 88 -2.53 0.15 10.45
CA LEU A 88 -1.85 1.33 9.98
C LEU A 88 -2.89 2.43 9.70
N SER A 89 -3.56 2.85 10.77
CA SER A 89 -4.57 3.88 10.66
C SER A 89 -3.91 5.25 10.55
N GLU A 90 -2.99 5.51 11.47
CA GLU A 90 -2.27 6.78 11.49
C GLU A 90 -1.53 6.98 10.17
N GLU A 91 -1.27 5.88 9.49
CA GLU A 91 -0.56 5.93 8.22
C GLU A 91 -1.41 6.67 7.18
N LEU A 92 -2.70 6.40 7.21
CA LEU A 92 -3.62 7.04 6.28
C LEU A 92 -4.30 8.23 6.97
N ALA A 93 -3.80 8.55 8.15
CA ALA A 93 -4.35 9.65 8.92
C ALA A 93 -3.25 10.71 9.14
N GLY A 94 -2.60 11.08 8.05
CA GLY A 94 -1.54 12.06 8.11
C GLY A 94 -0.65 11.99 6.87
N PRO A 95 0.18 10.92 6.83
CA PRO A 95 1.09 10.71 5.71
C PRO A 95 0.34 10.22 4.48
N VAL A 96 -0.02 8.95 4.52
CA VAL A 96 -0.74 8.34 3.42
C VAL A 96 -2.13 8.99 3.30
N HIS A 97 -2.55 9.19 2.06
CA HIS A 97 -3.84 9.80 1.80
C HIS A 97 -4.76 8.78 1.12
N ALA A 98 -4.15 7.93 0.30
CA ALA A 98 -4.89 6.92 -0.42
C ALA A 98 -3.91 5.92 -1.05
N LEU A 99 -3.92 4.71 -0.53
CA LEU A 99 -3.04 3.67 -1.04
C LEU A 99 -3.87 2.43 -1.39
N ALA A 100 -3.64 1.91 -2.58
CA ALA A 100 -4.35 0.73 -3.03
C ALA A 100 -3.83 -0.50 -2.29
N ILE A 101 -4.55 -0.86 -1.23
CA ILE A 101 -4.18 -2.00 -0.42
C ILE A 101 -4.68 -3.28 -1.10
N GLN A 102 -3.75 -4.20 -1.30
CA GLN A 102 -4.07 -5.47 -1.93
C GLN A 102 -4.21 -6.57 -0.88
N ALA A 103 -5.45 -6.83 -0.49
CA ALA A 103 -5.73 -7.84 0.50
C ALA A 103 -6.13 -9.15 -0.21
N LYS A 104 -5.24 -10.12 -0.13
CA LYS A 104 -5.49 -11.40 -0.75
C LYS A 104 -5.22 -12.52 0.27
N THR A 105 -5.46 -13.74 -0.18
CA THR A 105 -5.27 -14.90 0.69
C THR A 105 -4.15 -15.79 0.12
N PRO A 106 -3.67 -16.71 1.00
CA PRO A 106 -2.61 -17.63 0.61
C PRO A 106 -3.15 -18.73 -0.31
N ALA A 107 -4.44 -18.64 -0.59
CA ALA A 107 -5.09 -19.62 -1.46
C ALA A 107 -5.40 -18.97 -2.81
N GLN A 108 -5.46 -17.65 -2.79
CA GLN A 108 -5.75 -16.90 -4.01
C GLN A 108 -4.45 -16.40 -4.64
N TRP A 109 -3.54 -15.95 -3.79
CA TRP A 109 -2.27 -15.44 -4.25
C TRP A 109 -1.60 -16.54 -5.10
N ARG A 110 -1.96 -17.77 -4.80
CA ARG A 110 -1.42 -18.91 -5.52
C ARG A 110 -1.85 -18.86 -6.98
N GLU A 111 -3.16 -18.78 -7.19
CA GLU A 111 -3.70 -18.72 -8.54
C GLU A 111 -2.98 -17.66 -9.36
N ASN A 112 -2.99 -16.43 -8.83
CA ASN A 112 -2.34 -15.32 -9.51
C ASN A 112 -1.60 -14.47 -8.48
N PRO A 113 -0.33 -14.86 -8.21
CA PRO A 113 0.49 -14.14 -7.25
C PRO A 113 0.97 -12.81 -7.84
N GLN A 114 0.80 -12.68 -9.14
CA GLN A 114 1.22 -11.47 -9.83
C GLN A 114 0.29 -10.31 -9.48
N LEU A 115 0.87 -9.27 -8.89
CA LEU A 115 0.12 -8.10 -8.51
C LEU A 115 -0.14 -7.23 -9.74
N ASP A 116 -0.66 -6.05 -9.49
CA ASP A 116 -0.96 -5.11 -10.56
C ASP A 116 -0.68 -3.68 -10.08
N ILE A 117 0.57 -3.27 -10.23
CA ILE A 117 0.97 -1.93 -9.82
C ILE A 117 1.06 -1.03 -11.06
N SER A 118 1.90 -1.46 -11.99
CA SER A 118 2.10 -0.70 -13.22
C SER A 118 1.06 -1.13 -14.26
N PRO A 119 0.74 -0.16 -15.16
CA PRO A 119 -0.23 -0.43 -16.22
C PRO A 119 0.37 -1.29 -17.32
N PRO A 120 -0.28 -2.46 -17.54
CA PRO A 120 0.18 -3.39 -18.56
C PRO A 120 -0.17 -2.88 -19.97
N CYS A 121 0.23 -3.67 -20.96
CA CYS A 121 -0.03 -3.32 -22.34
C CYS A 121 -0.49 -4.58 -23.07
N LEU A 122 -1.74 -4.55 -23.51
CA LEU A 122 -2.31 -5.68 -24.21
C LEU A 122 -3.62 -5.24 -24.89
N GLY A 123 -4.12 -6.11 -25.76
CA GLY A 123 -5.35 -5.82 -26.47
C GLY A 123 -5.21 -6.15 -27.97
N GLY A 1 64.80 -8.28 13.20
CA GLY A 1 63.69 -7.88 14.05
C GLY A 1 62.87 -6.77 13.39
N SER A 2 62.02 -6.16 14.20
CA SER A 2 61.17 -5.09 13.71
C SER A 2 60.22 -5.61 12.63
N SER A 3 59.17 -4.85 12.39
CA SER A 3 58.18 -5.23 11.40
C SER A 3 57.36 -4.01 10.97
N GLY A 4 56.72 -3.39 11.95
CA GLY A 4 55.91 -2.22 11.70
C GLY A 4 54.81 -2.07 12.77
N SER A 5 53.83 -1.24 12.43
CA SER A 5 52.73 -1.00 13.35
C SER A 5 51.39 -1.15 12.61
N SER A 6 50.31 -1.15 13.38
CA SER A 6 48.98 -1.28 12.83
C SER A 6 48.07 -0.19 13.38
N GLY A 7 46.90 -0.07 12.76
CA GLY A 7 45.93 0.92 13.19
C GLY A 7 45.50 1.80 12.02
N MET A 8 44.30 2.34 12.13
CA MET A 8 43.76 3.21 11.08
C MET A 8 42.45 3.84 11.53
N ALA A 9 41.51 2.99 11.92
CA ALA A 9 40.21 3.46 12.37
C ALA A 9 39.54 4.26 11.24
N THR A 10 38.82 3.53 10.39
CA THR A 10 38.13 4.15 9.28
C THR A 10 36.61 4.07 9.47
N ARG A 11 35.91 4.91 8.74
CA ARG A 11 34.45 4.94 8.83
C ARG A 11 33.84 4.47 7.51
N SER A 12 34.22 5.14 6.43
CA SER A 12 33.71 4.79 5.11
C SER A 12 32.19 4.87 5.10
N CYS A 13 31.63 4.83 3.90
CA CYS A 13 30.19 4.90 3.74
C CYS A 13 29.74 3.69 2.90
N VAL A 14 28.45 3.42 2.97
CA VAL A 14 27.89 2.30 2.24
C VAL A 14 27.04 2.83 1.08
N SER A 15 27.38 2.38 -0.11
CA SER A 15 26.67 2.80 -1.31
C SER A 15 25.17 2.77 -1.06
N ARG A 16 24.45 3.55 -1.86
CA ARG A 16 23.00 3.62 -1.73
C ARG A 16 22.35 2.34 -2.27
N GLY A 17 22.66 2.06 -3.53
CA GLY A 17 22.12 0.87 -4.18
C GLY A 17 21.77 1.15 -5.64
N SER A 18 20.48 1.18 -5.91
CA SER A 18 20.00 1.44 -7.26
C SER A 18 18.50 1.68 -7.25
N ALA A 19 18.13 2.89 -6.82
CA ALA A 19 16.73 3.26 -6.75
C ALA A 19 16.30 3.85 -8.09
N GLY A 20 15.45 3.12 -8.79
CA GLY A 20 14.96 3.56 -10.08
C GLY A 20 14.61 5.05 -10.06
N SER A 21 13.35 5.33 -9.76
CA SER A 21 12.89 6.71 -9.70
C SER A 21 12.79 7.16 -8.25
N ALA A 22 13.09 6.23 -7.34
CA ALA A 22 13.03 6.53 -5.93
C ALA A 22 13.08 5.21 -5.14
N ALA A 23 13.09 5.35 -3.82
CA ALA A 23 13.14 4.19 -2.95
C ALA A 23 12.15 4.38 -1.80
N ALA A 24 11.93 3.30 -1.07
CA ALA A 24 11.00 3.33 0.06
C ALA A 24 11.45 4.41 1.04
N GLY A 25 10.80 4.42 2.20
CA GLY A 25 11.12 5.40 3.23
C GLY A 25 10.88 4.81 4.62
N PRO A 26 10.89 5.73 5.63
CA PRO A 26 10.68 5.31 7.01
C PRO A 26 9.21 4.99 7.26
N VAL A 27 8.35 5.62 6.48
CA VAL A 27 6.92 5.41 6.62
C VAL A 27 6.54 4.06 5.97
N GLU A 28 6.76 3.98 4.67
CA GLU A 28 6.46 2.77 3.94
C GLU A 28 6.98 1.55 4.70
N ALA A 29 8.27 1.56 4.96
CA ALA A 29 8.90 0.46 5.67
C ALA A 29 8.04 0.07 6.88
N ALA A 30 7.65 1.10 7.64
CA ALA A 30 6.84 0.88 8.82
C ALA A 30 5.54 0.18 8.41
N ILE A 31 4.87 0.77 7.42
CA ILE A 31 3.62 0.22 6.93
C ILE A 31 3.75 -1.30 6.82
N ARG A 32 4.70 -1.72 6.00
CA ARG A 32 4.94 -3.15 5.81
C ARG A 32 5.40 -3.80 7.11
N ALA A 33 6.55 -3.35 7.59
CA ALA A 33 7.11 -3.87 8.82
C ALA A 33 5.99 -4.10 9.83
N LYS A 34 5.01 -3.19 9.80
CA LYS A 34 3.88 -3.28 10.70
C LYS A 34 3.02 -4.48 10.33
N LEU A 35 2.34 -4.34 9.19
CA LEU A 35 1.48 -5.41 8.72
C LEU A 35 2.23 -6.75 8.79
N GLU A 36 3.55 -6.64 8.74
CA GLU A 36 4.39 -7.83 8.80
C GLU A 36 4.24 -8.52 10.16
N GLN A 37 4.18 -7.71 11.20
CA GLN A 37 4.02 -8.23 12.55
C GLN A 37 2.59 -8.02 13.04
N ALA A 38 1.81 -7.34 12.22
CA ALA A 38 0.42 -7.07 12.56
C ALA A 38 -0.49 -8.04 11.79
N LEU A 39 0.14 -8.85 10.96
CA LEU A 39 -0.60 -9.82 10.17
C LEU A 39 0.30 -11.03 9.89
N SER A 40 1.53 -10.74 9.49
CA SER A 40 2.49 -11.77 9.18
C SER A 40 1.94 -12.70 8.09
N PRO A 41 1.67 -12.07 6.91
CA PRO A 41 1.15 -12.80 5.77
C PRO A 41 2.24 -13.64 5.11
N GLU A 42 1.85 -14.35 4.05
CA GLU A 42 2.79 -15.18 3.33
C GLU A 42 3.51 -14.37 2.25
N VAL A 43 2.89 -13.25 1.89
CA VAL A 43 3.46 -12.38 0.87
C VAL A 43 3.04 -10.95 1.15
N LEU A 44 3.99 -10.16 1.64
CA LEU A 44 3.72 -8.78 1.95
C LEU A 44 4.65 -7.88 1.12
N GLU A 45 4.10 -7.37 0.03
CA GLU A 45 4.85 -6.50 -0.85
C GLU A 45 4.39 -5.05 -0.71
N LEU A 46 5.37 -4.16 -0.73
CA LEU A 46 5.07 -2.73 -0.60
C LEU A 46 6.17 -1.93 -1.31
N ARG A 47 5.72 -0.93 -2.05
CA ARG A 47 6.64 -0.08 -2.79
C ARG A 47 6.01 1.29 -3.07
N ASN A 48 6.85 2.26 -3.32
CA ASN A 48 6.40 3.62 -3.60
C ASN A 48 6.31 3.82 -5.11
N GLU A 49 5.17 4.37 -5.53
CA GLU A 49 4.96 4.62 -6.95
C GLU A 49 4.94 6.12 -7.22
N SER A 50 3.96 6.79 -6.63
CA SER A 50 3.81 8.22 -6.80
C SER A 50 3.69 8.56 -8.28
N GLY A 51 3.22 9.78 -8.54
CA GLY A 51 3.05 10.24 -9.91
C GLY A 51 1.60 10.08 -10.36
N GLY A 52 1.12 11.10 -11.08
CA GLY A 52 -0.24 11.09 -11.57
C GLY A 52 -1.06 12.22 -10.96
N HIS A 53 -1.40 12.04 -9.69
CA HIS A 53 -2.18 13.04 -8.97
C HIS A 53 -1.50 14.41 -9.11
N ALA A 54 -2.04 15.37 -8.38
CA ALA A 54 -1.50 16.71 -8.40
C ALA A 54 -0.75 16.98 -7.10
N VAL A 55 0.39 16.32 -6.96
CA VAL A 55 1.21 16.47 -5.78
C VAL A 55 2.60 16.97 -6.18
N PRO A 56 3.25 17.71 -5.24
CA PRO A 56 4.58 18.24 -5.49
C PRO A 56 5.64 17.15 -5.40
N ALA A 57 6.86 17.52 -5.72
CA ALA A 57 7.97 16.59 -5.69
C ALA A 57 8.03 15.93 -4.31
N GLY A 58 8.87 14.90 -4.21
CA GLY A 58 9.01 14.18 -2.95
C GLY A 58 7.66 13.87 -2.32
N SER A 59 6.78 13.31 -3.14
CA SER A 59 5.45 12.97 -2.68
C SER A 59 5.31 11.44 -2.57
N GLU A 60 4.89 11.01 -1.40
CA GLU A 60 4.71 9.58 -1.14
C GLU A 60 3.31 9.31 -0.59
N THR A 61 2.33 9.98 -1.18
CA THR A 61 0.95 9.82 -0.76
C THR A 61 0.33 8.57 -1.40
N HIS A 62 0.77 8.31 -2.62
CA HIS A 62 0.27 7.15 -3.36
C HIS A 62 1.21 5.96 -3.13
N PHE A 63 0.61 4.86 -2.70
CA PHE A 63 1.38 3.65 -2.44
C PHE A 63 0.63 2.42 -2.93
N ARG A 64 1.25 1.26 -2.76
CA ARG A 64 0.66 0.00 -3.17
C ARG A 64 1.20 -1.14 -2.32
N VAL A 65 0.32 -1.69 -1.50
CA VAL A 65 0.70 -2.79 -0.63
C VAL A 65 -0.02 -4.07 -1.09
N ALA A 66 0.66 -5.19 -0.92
CA ALA A 66 0.10 -6.48 -1.31
C ALA A 66 0.24 -7.46 -0.15
N VAL A 67 -0.85 -7.62 0.59
CA VAL A 67 -0.86 -8.53 1.73
C VAL A 67 -1.43 -9.88 1.29
N VAL A 68 -0.81 -10.94 1.80
CA VAL A 68 -1.24 -12.28 1.47
C VAL A 68 -1.33 -13.11 2.75
N SER A 69 -2.50 -13.06 3.37
CA SER A 69 -2.73 -13.79 4.60
C SER A 69 -4.10 -14.47 4.57
N SER A 70 -4.31 -15.38 5.50
CA SER A 70 -5.57 -16.11 5.59
C SER A 70 -6.60 -15.28 6.35
N ARG A 71 -6.11 -14.21 6.97
CA ARG A 71 -6.97 -13.33 7.73
C ARG A 71 -8.21 -12.96 6.92
N PHE A 72 -7.98 -12.65 5.65
CA PHE A 72 -9.08 -12.29 4.77
C PHE A 72 -9.62 -13.51 4.03
N GLU A 73 -9.82 -14.58 4.79
CA GLU A 73 -10.33 -15.82 4.22
C GLU A 73 -11.85 -15.77 4.11
N GLY A 74 -12.32 -15.11 3.05
CA GLY A 74 -13.75 -14.98 2.83
C GLY A 74 -14.32 -13.81 3.61
N MET A 75 -13.48 -12.82 3.86
CA MET A 75 -13.89 -11.64 4.60
C MET A 75 -14.47 -10.58 3.67
N SER A 76 -15.01 -9.54 4.28
CA SER A 76 -15.60 -8.46 3.51
C SER A 76 -14.50 -7.62 2.85
N PRO A 77 -14.93 -6.77 1.87
CA PRO A 77 -14.00 -5.93 1.16
C PRO A 77 -13.53 -4.76 2.03
N LEU A 78 -14.39 -4.38 2.96
CA LEU A 78 -14.07 -3.29 3.87
C LEU A 78 -13.16 -3.79 4.99
N GLN A 79 -13.65 -4.81 5.69
CA GLN A 79 -12.89 -5.39 6.79
C GLN A 79 -11.42 -5.56 6.38
N ARG A 80 -11.22 -6.01 5.15
CA ARG A 80 -9.88 -6.21 4.64
C ARG A 80 -9.06 -4.93 4.79
N HIS A 81 -9.44 -3.93 3.99
CA HIS A 81 -8.75 -2.64 4.03
C HIS A 81 -8.73 -2.11 5.46
N ARG A 82 -9.78 -2.43 6.19
CA ARG A 82 -9.88 -2.00 7.58
C ARG A 82 -8.81 -2.65 8.43
N LEU A 83 -8.61 -3.95 8.17
CA LEU A 83 -7.62 -4.71 8.92
C LEU A 83 -6.28 -3.97 8.89
N VAL A 84 -5.84 -3.64 7.67
CA VAL A 84 -4.59 -2.93 7.50
C VAL A 84 -4.72 -1.53 8.09
N HIS A 85 -5.77 -0.84 7.69
CA HIS A 85 -6.02 0.51 8.16
C HIS A 85 -5.95 0.53 9.70
N GLU A 86 -6.45 -0.55 10.28
CA GLU A 86 -6.46 -0.66 11.73
C GLU A 86 -5.03 -0.70 12.28
N ALA A 87 -4.19 -1.49 11.61
CA ALA A 87 -2.80 -1.61 12.01
C ALA A 87 -2.08 -0.30 11.74
N LEU A 88 -2.36 0.27 10.57
CA LEU A 88 -1.74 1.52 10.18
C LEU A 88 -2.83 2.58 9.99
N SER A 89 -3.53 2.86 11.07
CA SER A 89 -4.60 3.85 11.03
C SER A 89 -4.01 5.26 11.05
N GLU A 90 -2.83 5.37 11.64
CA GLU A 90 -2.15 6.64 11.73
C GLU A 90 -1.50 6.99 10.39
N GLU A 91 -1.40 5.98 9.53
CA GLU A 91 -0.80 6.16 8.22
C GLU A 91 -1.82 6.77 7.26
N LEU A 92 -2.86 6.01 6.98
CA LEU A 92 -3.91 6.47 6.09
C LEU A 92 -4.46 7.80 6.58
N ALA A 93 -4.24 8.06 7.86
CA ALA A 93 -4.71 9.29 8.47
C ALA A 93 -3.50 10.15 8.87
N GLY A 94 -2.78 10.60 7.86
CA GLY A 94 -1.60 11.43 8.09
C GLY A 94 -0.86 11.70 6.78
N PRO A 95 0.25 10.93 6.58
CA PRO A 95 1.05 11.08 5.38
C PRO A 95 0.35 10.47 4.17
N VAL A 96 0.01 9.20 4.31
CA VAL A 96 -0.67 8.48 3.24
C VAL A 96 -2.09 9.01 3.09
N HIS A 97 -2.40 9.45 1.88
CA HIS A 97 -3.71 9.98 1.58
C HIS A 97 -4.48 9.01 0.67
N ALA A 98 -3.72 8.11 0.06
CA ALA A 98 -4.31 7.13 -0.84
C ALA A 98 -3.32 5.99 -1.06
N LEU A 99 -3.75 4.79 -0.71
CA LEU A 99 -2.92 3.61 -0.87
C LEU A 99 -3.78 2.42 -1.27
N ALA A 100 -3.49 1.89 -2.45
CA ALA A 100 -4.24 0.76 -2.97
C ALA A 100 -3.77 -0.51 -2.25
N ILE A 101 -4.52 -0.88 -1.22
CA ILE A 101 -4.20 -2.06 -0.44
C ILE A 101 -4.71 -3.31 -1.18
N GLN A 102 -3.87 -4.33 -1.19
CA GLN A 102 -4.23 -5.57 -1.85
C GLN A 102 -4.43 -6.69 -0.82
N ALA A 103 -5.70 -6.89 -0.48
CA ALA A 103 -6.05 -7.91 0.49
C ALA A 103 -6.41 -9.20 -0.24
N LYS A 104 -5.53 -10.19 -0.13
CA LYS A 104 -5.76 -11.47 -0.77
C LYS A 104 -5.52 -12.60 0.23
N THR A 105 -5.65 -13.82 -0.26
CA THR A 105 -5.46 -14.98 0.59
C THR A 105 -4.33 -15.86 0.03
N PRO A 106 -3.85 -16.80 0.89
CA PRO A 106 -2.78 -17.70 0.49
C PRO A 106 -3.30 -18.78 -0.45
N ALA A 107 -4.60 -18.70 -0.74
CA ALA A 107 -5.23 -19.67 -1.63
C ALA A 107 -5.57 -18.99 -2.95
N GLN A 108 -5.59 -17.66 -2.91
CA GLN A 108 -5.91 -16.88 -4.09
C GLN A 108 -4.63 -16.35 -4.74
N TRP A 109 -3.67 -16.02 -3.89
CA TRP A 109 -2.39 -15.51 -4.37
C TRP A 109 -1.76 -16.57 -5.26
N ARG A 110 -2.08 -17.82 -4.96
CA ARG A 110 -1.55 -18.94 -5.73
C ARG A 110 -2.10 -18.89 -7.16
N GLU A 111 -3.36 -18.55 -7.28
CA GLU A 111 -4.01 -18.47 -8.58
C GLU A 111 -3.31 -17.41 -9.44
N ASN A 112 -3.15 -16.23 -8.87
CA ASN A 112 -2.51 -15.14 -9.57
C ASN A 112 -1.68 -14.32 -8.59
N PRO A 113 -0.42 -14.77 -8.37
CA PRO A 113 0.48 -14.08 -7.45
C PRO A 113 1.01 -12.79 -8.07
N GLN A 114 0.57 -12.54 -9.30
CA GLN A 114 1.00 -11.34 -10.01
C GLN A 114 0.19 -10.13 -9.55
N LEU A 115 0.91 -9.15 -9.02
CA LEU A 115 0.27 -7.94 -8.55
C LEU A 115 0.17 -6.93 -9.69
N ASP A 116 -0.32 -5.75 -9.36
CA ASP A 116 -0.47 -4.69 -10.35
C ASP A 116 0.27 -3.44 -9.88
N ILE A 117 1.59 -3.50 -9.97
CA ILE A 117 2.42 -2.38 -9.57
C ILE A 117 2.45 -1.33 -10.67
N SER A 118 2.96 -1.75 -11.83
CA SER A 118 3.05 -0.86 -12.97
C SER A 118 2.11 -1.34 -14.08
N PRO A 119 1.20 -0.42 -14.50
CA PRO A 119 0.24 -0.74 -15.55
C PRO A 119 0.92 -0.75 -16.92
N PRO A 120 0.15 -1.26 -17.93
CA PRO A 120 0.66 -1.32 -19.29
C PRO A 120 0.69 0.06 -19.95
N CYS A 121 1.69 0.84 -19.56
CA CYS A 121 1.84 2.18 -20.10
C CYS A 121 3.07 2.83 -19.46
N LEU A 122 3.99 3.24 -20.32
CA LEU A 122 5.21 3.87 -19.85
C LEU A 122 5.40 5.20 -20.58
N GLY A 123 5.57 5.10 -21.89
CA GLY A 123 5.76 6.29 -22.72
C GLY A 123 6.53 5.95 -23.99
N GLY A 1 -16.74 5.72 22.30
CA GLY A 1 -15.90 5.91 21.12
C GLY A 1 -16.71 5.67 19.84
N SER A 2 -16.02 5.10 18.85
CA SER A 2 -16.65 4.81 17.58
C SER A 2 -17.25 6.09 16.98
N SER A 3 -16.50 6.70 16.08
CA SER A 3 -16.94 7.92 15.42
C SER A 3 -16.61 7.87 13.94
N GLY A 4 -17.62 7.55 13.15
CA GLY A 4 -17.45 7.47 11.70
C GLY A 4 -18.76 7.71 10.98
N SER A 5 -19.51 6.64 10.79
CA SER A 5 -20.79 6.72 10.11
C SER A 5 -20.64 7.44 8.78
N SER A 6 -21.73 7.51 8.03
CA SER A 6 -21.73 8.17 6.74
C SER A 6 -20.57 7.63 5.89
N GLY A 7 -20.86 6.57 5.14
CA GLY A 7 -19.86 5.96 4.29
C GLY A 7 -20.27 6.06 2.82
N MET A 8 -19.28 6.25 1.97
CA MET A 8 -19.52 6.36 0.54
C MET A 8 -18.46 5.60 -0.25
N ALA A 9 -18.73 5.43 -1.54
CA ALA A 9 -17.81 4.73 -2.42
C ALA A 9 -16.62 5.64 -2.73
N THR A 10 -16.92 6.73 -3.42
CA THR A 10 -15.88 7.68 -3.79
C THR A 10 -14.66 6.96 -4.36
N ARG A 11 -13.57 7.69 -4.46
CA ARG A 11 -12.33 7.13 -4.98
C ARG A 11 -12.50 6.77 -6.46
N SER A 12 -11.38 6.69 -7.15
CA SER A 12 -11.39 6.35 -8.56
C SER A 12 -10.38 5.23 -8.83
N CYS A 13 -10.92 4.07 -9.20
CA CYS A 13 -10.09 2.92 -9.49
C CYS A 13 -9.30 3.20 -10.78
N VAL A 14 -8.29 2.38 -11.00
CA VAL A 14 -7.45 2.53 -12.18
C VAL A 14 -6.75 3.89 -12.12
N SER A 15 -5.48 3.87 -12.52
CA SER A 15 -4.68 5.09 -12.52
C SER A 15 -4.45 5.56 -13.96
N ARG A 16 -3.90 6.76 -14.08
CA ARG A 16 -3.61 7.33 -15.38
C ARG A 16 -2.12 7.65 -15.51
N GLY A 17 -1.66 8.50 -14.60
CA GLY A 17 -0.26 8.89 -14.59
C GLY A 17 0.66 7.68 -14.44
N SER A 18 0.87 7.30 -13.19
CA SER A 18 1.73 6.16 -12.89
C SER A 18 3.15 6.43 -13.40
N ALA A 19 4.06 6.60 -12.45
CA ALA A 19 5.45 6.86 -12.80
C ALA A 19 6.30 5.66 -12.39
N GLY A 20 6.43 5.48 -11.08
CA GLY A 20 7.21 4.37 -10.54
C GLY A 20 8.70 4.68 -10.60
N SER A 21 9.21 5.18 -9.47
CA SER A 21 10.62 5.52 -9.38
C SER A 21 10.99 5.83 -7.93
N ALA A 22 11.29 4.78 -7.19
CA ALA A 22 11.65 4.92 -5.79
C ALA A 22 12.05 3.55 -5.22
N ALA A 23 12.42 3.56 -3.95
CA ALA A 23 12.81 2.34 -3.28
C ALA A 23 12.29 2.35 -1.84
N ALA A 24 10.97 2.33 -1.72
CA ALA A 24 10.32 2.34 -0.42
C ALA A 24 10.80 3.57 0.36
N GLY A 25 10.47 3.57 1.64
CA GLY A 25 10.87 4.68 2.50
C GLY A 25 10.74 4.28 3.98
N PRO A 26 10.83 5.32 4.86
CA PRO A 26 10.74 5.10 6.29
C PRO A 26 9.29 4.81 6.71
N VAL A 27 8.37 5.35 5.92
CA VAL A 27 6.95 5.16 6.20
C VAL A 27 6.56 3.72 5.85
N GLU A 28 6.68 3.38 4.58
CA GLU A 28 6.34 2.05 4.12
C GLU A 28 6.96 1.00 5.03
N ALA A 29 8.16 1.30 5.50
CA ALA A 29 8.87 0.39 6.38
C ALA A 29 7.96 0.01 7.56
N ALA A 30 7.58 1.03 8.32
CA ALA A 30 6.71 0.82 9.47
C ALA A 30 5.40 0.18 9.01
N ILE A 31 4.89 0.69 7.90
CA ILE A 31 3.65 0.17 7.34
C ILE A 31 3.77 -1.33 7.15
N ARG A 32 4.87 -1.73 6.54
CA ARG A 32 5.12 -3.14 6.29
C ARG A 32 5.51 -3.86 7.59
N ALA A 33 6.64 -3.44 8.15
CA ALA A 33 7.13 -4.02 9.39
C ALA A 33 5.95 -4.24 10.34
N LYS A 34 5.00 -3.32 10.29
CA LYS A 34 3.83 -3.41 11.14
C LYS A 34 2.95 -4.57 10.67
N LEU A 35 2.35 -4.39 9.50
CA LEU A 35 1.49 -5.41 8.93
C LEU A 35 2.21 -6.76 8.99
N GLU A 36 3.53 -6.69 9.04
CA GLU A 36 4.34 -7.90 9.09
C GLU A 36 4.08 -8.65 10.39
N GLN A 37 3.99 -7.90 11.48
CA GLN A 37 3.75 -8.48 12.78
C GLN A 37 2.31 -8.23 13.22
N ALA A 38 1.60 -7.49 12.38
CA ALA A 38 0.21 -7.16 12.66
C ALA A 38 -0.70 -8.11 11.88
N LEU A 39 -0.09 -8.85 10.98
CA LEU A 39 -0.83 -9.79 10.16
C LEU A 39 0.02 -11.05 9.94
N SER A 40 1.27 -10.81 9.57
CA SER A 40 2.19 -11.91 9.33
C SER A 40 1.72 -12.75 8.14
N PRO A 41 1.57 -12.06 6.97
CA PRO A 41 1.13 -12.72 5.76
C PRO A 41 2.24 -13.58 5.15
N GLU A 42 1.92 -14.20 4.03
CA GLU A 42 2.88 -15.05 3.35
C GLU A 42 3.62 -14.25 2.27
N VAL A 43 2.98 -13.18 1.83
CA VAL A 43 3.57 -12.33 0.81
C VAL A 43 3.17 -10.88 1.08
N LEU A 44 4.15 -10.10 1.52
CA LEU A 44 3.92 -8.70 1.81
C LEU A 44 4.82 -7.84 0.93
N GLU A 45 4.23 -7.28 -0.12
CA GLU A 45 4.97 -6.45 -1.05
C GLU A 45 4.43 -5.02 -1.02
N LEU A 46 5.33 -4.08 -0.81
CA LEU A 46 4.96 -2.67 -0.75
C LEU A 46 5.82 -1.89 -1.75
N ARG A 47 5.18 -0.91 -2.37
CA ARG A 47 5.87 -0.07 -3.35
C ARG A 47 5.14 1.26 -3.51
N ASN A 48 5.89 2.26 -3.95
CA ASN A 48 5.33 3.58 -4.16
C ASN A 48 4.91 3.75 -5.62
N GLU A 49 3.81 4.44 -5.82
CA GLU A 49 3.30 4.68 -7.15
C GLU A 49 3.42 6.15 -7.52
N SER A 50 2.83 6.99 -6.67
CA SER A 50 2.87 8.42 -6.90
C SER A 50 2.50 8.74 -8.35
N GLY A 51 1.20 8.80 -8.60
CA GLY A 51 0.69 9.09 -9.93
C GLY A 51 1.10 10.50 -10.37
N GLY A 52 0.11 11.25 -10.81
CA GLY A 52 0.34 12.61 -11.27
C GLY A 52 -0.54 13.60 -10.50
N HIS A 53 -1.18 13.09 -9.46
CA HIS A 53 -2.05 13.91 -8.65
C HIS A 53 -1.34 15.22 -8.28
N ALA A 54 -2.08 16.11 -7.64
CA ALA A 54 -1.52 17.40 -7.24
C ALA A 54 -0.84 17.25 -5.89
N VAL A 55 0.45 16.93 -5.95
CA VAL A 55 1.23 16.75 -4.73
C VAL A 55 2.61 17.38 -4.93
N PRO A 56 3.23 17.77 -3.79
CA PRO A 56 4.55 18.37 -3.81
C PRO A 56 5.63 17.33 -4.09
N ALA A 57 6.61 17.74 -4.89
CA ALA A 57 7.71 16.85 -5.24
C ALA A 57 8.25 16.18 -3.97
N GLY A 58 8.44 14.87 -4.06
CA GLY A 58 8.93 14.11 -2.93
C GLY A 58 7.82 13.77 -1.96
N SER A 59 6.76 13.19 -2.50
CA SER A 59 5.61 12.80 -1.69
C SER A 59 5.49 11.28 -1.65
N GLU A 60 5.10 10.79 -0.48
CA GLU A 60 4.94 9.36 -0.29
C GLU A 60 3.52 9.04 0.20
N THR A 61 2.55 9.42 -0.63
CA THR A 61 1.15 9.18 -0.29
C THR A 61 0.61 7.99 -1.08
N HIS A 62 0.66 8.13 -2.40
CA HIS A 62 0.18 7.08 -3.28
C HIS A 62 1.09 5.86 -3.18
N PHE A 63 0.63 4.88 -2.42
CA PHE A 63 1.40 3.66 -2.23
C PHE A 63 0.62 2.44 -2.73
N ARG A 64 1.27 1.29 -2.64
CA ARG A 64 0.66 0.05 -3.08
C ARG A 64 1.27 -1.14 -2.34
N VAL A 65 0.47 -1.72 -1.47
CA VAL A 65 0.91 -2.86 -0.69
C VAL A 65 0.14 -4.11 -1.13
N ALA A 66 0.79 -5.25 -0.98
CA ALA A 66 0.18 -6.51 -1.36
C ALA A 66 0.33 -7.51 -0.21
N VAL A 67 -0.75 -7.66 0.54
CA VAL A 67 -0.76 -8.57 1.67
C VAL A 67 -1.34 -9.91 1.23
N VAL A 68 -0.73 -10.98 1.71
CA VAL A 68 -1.16 -12.32 1.37
C VAL A 68 -1.25 -13.16 2.65
N SER A 69 -2.42 -13.12 3.27
CA SER A 69 -2.64 -13.88 4.50
C SER A 69 -4.00 -14.58 4.44
N SER A 70 -4.19 -15.50 5.37
CA SER A 70 -5.43 -16.25 5.44
C SER A 70 -6.46 -15.48 6.27
N ARG A 71 -6.02 -14.36 6.81
CA ARG A 71 -6.88 -13.52 7.62
C ARG A 71 -8.08 -13.04 6.81
N PHE A 72 -7.82 -12.72 5.55
CA PHE A 72 -8.86 -12.25 4.67
C PHE A 72 -9.56 -13.43 3.97
N GLU A 73 -9.75 -14.50 4.73
CA GLU A 73 -10.39 -15.69 4.21
C GLU A 73 -11.91 -15.56 4.32
N GLY A 74 -12.50 -14.99 3.29
CA GLY A 74 -13.95 -14.80 3.25
C GLY A 74 -14.32 -13.39 3.69
N MET A 75 -13.59 -12.89 4.68
CA MET A 75 -13.84 -11.56 5.19
C MET A 75 -14.21 -10.59 4.06
N SER A 76 -14.95 -9.56 4.43
CA SER A 76 -15.39 -8.56 3.46
C SER A 76 -14.17 -7.91 2.81
N PRO A 77 -14.41 -7.31 1.60
CA PRO A 77 -13.35 -6.65 0.88
C PRO A 77 -13.00 -5.30 1.50
N LEU A 78 -13.99 -4.74 2.21
CA LEU A 78 -13.80 -3.46 2.86
C LEU A 78 -13.12 -3.68 4.22
N GLN A 79 -13.67 -4.62 4.97
CA GLN A 79 -13.14 -4.93 6.28
C GLN A 79 -11.65 -5.25 6.18
N ARG A 80 -11.30 -5.96 5.11
CA ARG A 80 -9.91 -6.33 4.89
C ARG A 80 -8.99 -5.12 5.06
N HIS A 81 -9.16 -4.15 4.17
CA HIS A 81 -8.36 -2.95 4.21
C HIS A 81 -8.43 -2.33 5.61
N ARG A 82 -9.64 -2.35 6.17
CA ARG A 82 -9.86 -1.80 7.50
C ARG A 82 -8.87 -2.42 8.49
N LEU A 83 -8.67 -3.72 8.36
CA LEU A 83 -7.76 -4.43 9.23
C LEU A 83 -6.35 -3.84 9.08
N VAL A 84 -6.01 -3.52 7.84
CA VAL A 84 -4.71 -2.96 7.54
C VAL A 84 -4.69 -1.49 7.96
N HIS A 85 -5.80 -0.82 7.69
CA HIS A 85 -5.92 0.58 8.04
C HIS A 85 -5.84 0.76 9.55
N GLU A 86 -6.53 -0.13 10.25
CA GLU A 86 -6.55 -0.08 11.71
C GLU A 86 -5.13 -0.07 12.25
N ALA A 87 -4.32 -0.98 11.73
CA ALA A 87 -2.93 -1.09 12.16
C ALA A 87 -2.22 0.25 11.91
N LEU A 88 -2.41 0.76 10.71
CA LEU A 88 -1.79 2.02 10.33
C LEU A 88 -2.89 3.06 10.09
N SER A 89 -3.66 3.32 11.14
CA SER A 89 -4.75 4.28 11.04
C SER A 89 -4.18 5.71 11.04
N GLU A 90 -2.94 5.81 11.48
CA GLU A 90 -2.26 7.10 11.54
C GLU A 90 -1.65 7.45 10.19
N GLU A 91 -1.24 6.39 9.48
CA GLU A 91 -0.63 6.57 8.17
C GLU A 91 -1.65 7.16 7.18
N LEU A 92 -2.75 6.44 7.03
CA LEU A 92 -3.80 6.88 6.13
C LEU A 92 -4.28 8.27 6.55
N ALA A 93 -4.19 8.53 7.84
CA ALA A 93 -4.61 9.82 8.38
C ALA A 93 -3.36 10.63 8.77
N GLY A 94 -2.60 11.00 7.75
CA GLY A 94 -1.40 11.78 7.98
C GLY A 94 -0.59 11.92 6.68
N PRO A 95 0.48 11.11 6.58
CA PRO A 95 1.35 11.14 5.41
C PRO A 95 0.67 10.45 4.22
N VAL A 96 0.12 9.27 4.50
CA VAL A 96 -0.55 8.50 3.47
C VAL A 96 -2.02 8.95 3.38
N HIS A 97 -2.44 9.23 2.15
CA HIS A 97 -3.80 9.66 1.90
C HIS A 97 -4.56 8.58 1.15
N ALA A 98 -3.95 8.10 0.07
CA ALA A 98 -4.56 7.07 -0.75
C ALA A 98 -3.55 5.93 -0.95
N LEU A 99 -3.81 4.82 -0.28
CA LEU A 99 -2.94 3.67 -0.38
C LEU A 99 -3.73 2.49 -0.96
N ALA A 100 -3.26 1.98 -2.08
CA ALA A 100 -3.91 0.86 -2.73
C ALA A 100 -3.40 -0.45 -2.13
N ILE A 101 -4.16 -0.95 -1.16
CA ILE A 101 -3.79 -2.18 -0.48
C ILE A 101 -4.35 -3.37 -1.27
N GLN A 102 -3.60 -4.46 -1.25
CA GLN A 102 -4.02 -5.66 -1.95
C GLN A 102 -4.23 -6.81 -0.96
N ALA A 103 -5.48 -7.00 -0.56
CA ALA A 103 -5.83 -8.05 0.38
C ALA A 103 -6.19 -9.32 -0.40
N LYS A 104 -5.31 -10.30 -0.32
CA LYS A 104 -5.54 -11.56 -1.00
C LYS A 104 -5.23 -12.72 -0.05
N THR A 105 -5.71 -13.90 -0.41
CA THR A 105 -5.50 -15.08 0.40
C THR A 105 -4.34 -15.91 -0.16
N PRO A 106 -3.84 -16.84 0.70
CA PRO A 106 -2.74 -17.71 0.30
C PRO A 106 -3.21 -18.79 -0.68
N ALA A 107 -4.50 -18.74 -0.98
CA ALA A 107 -5.08 -19.71 -1.90
C ALA A 107 -5.36 -19.03 -3.25
N GLN A 108 -5.44 -17.70 -3.19
CA GLN A 108 -5.70 -16.93 -4.39
C GLN A 108 -4.39 -16.42 -5.00
N TRP A 109 -3.50 -15.99 -4.11
CA TRP A 109 -2.21 -15.48 -4.55
C TRP A 109 -1.54 -16.56 -5.42
N ARG A 110 -1.80 -17.80 -5.06
CA ARG A 110 -1.25 -18.92 -5.81
C ARG A 110 -1.71 -18.88 -7.26
N GLU A 111 -3.02 -18.76 -7.42
CA GLU A 111 -3.61 -18.70 -8.75
C GLU A 111 -3.00 -17.56 -9.56
N ASN A 112 -3.11 -16.36 -9.02
CA ASN A 112 -2.57 -15.19 -9.67
C ASN A 112 -1.82 -14.33 -8.65
N PRO A 113 -0.54 -14.73 -8.40
CA PRO A 113 0.28 -14.01 -7.45
C PRO A 113 0.78 -12.68 -8.04
N GLN A 114 0.51 -12.50 -9.32
CA GLN A 114 0.91 -11.30 -10.01
C GLN A 114 0.07 -10.11 -9.55
N LEU A 115 0.76 -9.10 -9.04
CA LEU A 115 0.09 -7.91 -8.55
C LEU A 115 -0.12 -6.94 -9.71
N ASP A 116 -0.64 -5.76 -9.38
CA ASP A 116 -0.88 -4.75 -10.39
C ASP A 116 -0.40 -3.39 -9.86
N ILE A 117 0.89 -3.14 -10.04
CA ILE A 117 1.48 -1.90 -9.60
C ILE A 117 1.45 -0.89 -10.74
N SER A 118 2.26 -1.16 -11.75
CA SER A 118 2.34 -0.28 -12.91
C SER A 118 2.55 -1.11 -14.18
N PRO A 119 1.90 -0.65 -15.28
CA PRO A 119 2.02 -1.33 -16.56
C PRO A 119 3.38 -1.07 -17.20
N PRO A 120 3.79 -2.01 -18.09
CA PRO A 120 5.06 -1.90 -18.78
C PRO A 120 4.99 -0.84 -19.89
N CYS A 121 6.16 -0.51 -20.43
CA CYS A 121 6.24 0.47 -21.48
C CYS A 121 5.65 1.79 -20.97
N LEU A 122 6.47 2.52 -20.23
CA LEU A 122 6.03 3.79 -19.67
C LEU A 122 6.97 4.90 -20.17
N GLY A 123 8.21 4.84 -19.70
CA GLY A 123 9.21 5.83 -20.09
C GLY A 123 10.27 5.20 -20.99
N GLY A 1 -22.74 40.28 29.22
CA GLY A 1 -21.36 40.07 28.82
C GLY A 1 -21.03 38.58 28.74
N SER A 2 -19.79 38.30 28.38
CA SER A 2 -19.34 36.92 28.27
C SER A 2 -17.80 36.88 28.25
N SER A 3 -17.29 35.67 28.35
CA SER A 3 -15.84 35.46 28.34
C SER A 3 -15.50 34.12 27.72
N GLY A 4 -14.22 33.94 27.40
CA GLY A 4 -13.76 32.71 26.80
C GLY A 4 -12.30 32.44 27.17
N SER A 5 -11.76 31.38 26.59
CA SER A 5 -10.38 31.00 26.86
C SER A 5 -9.97 29.85 25.93
N SER A 6 -8.67 29.64 25.85
CA SER A 6 -8.13 28.58 25.00
C SER A 6 -6.62 28.48 25.19
N GLY A 7 -6.06 27.42 24.64
CA GLY A 7 -4.63 27.19 24.75
C GLY A 7 -4.22 26.87 26.18
N MET A 8 -3.29 25.92 26.31
CA MET A 8 -2.82 25.52 27.62
C MET A 8 -1.29 25.49 27.66
N ALA A 9 -0.71 24.75 26.72
CA ALA A 9 0.73 24.64 26.64
C ALA A 9 1.11 23.99 25.31
N THR A 10 1.44 24.84 24.35
CA THR A 10 1.83 24.35 23.03
C THR A 10 3.34 24.50 22.83
N ARG A 11 3.95 23.40 22.43
CA ARG A 11 5.39 23.38 22.20
C ARG A 11 5.71 22.65 20.90
N SER A 12 5.34 21.38 20.86
CA SER A 12 5.58 20.56 19.68
C SER A 12 7.01 20.78 19.18
N CYS A 13 7.91 19.94 19.66
CA CYS A 13 9.30 20.03 19.26
C CYS A 13 9.60 18.89 18.29
N VAL A 14 9.85 19.28 17.04
CA VAL A 14 10.14 18.31 16.00
C VAL A 14 10.60 19.04 14.74
N SER A 15 11.35 18.32 13.92
CA SER A 15 11.87 18.88 12.68
C SER A 15 11.62 17.92 11.53
N ARG A 16 11.01 18.44 10.48
CA ARG A 16 10.72 17.63 9.30
C ARG A 16 11.63 18.04 8.14
N GLY A 17 11.53 17.26 7.07
CA GLY A 17 12.34 17.54 5.89
C GLY A 17 12.44 16.29 4.99
N SER A 18 13.67 15.92 4.69
CA SER A 18 13.91 14.75 3.84
C SER A 18 13.48 15.05 2.40
N ALA A 19 14.30 14.61 1.47
CA ALA A 19 14.03 14.81 0.06
C ALA A 19 14.37 13.55 -0.72
N GLY A 20 13.96 13.54 -1.98
CA GLY A 20 14.22 12.40 -2.84
C GLY A 20 13.02 11.44 -2.86
N SER A 21 12.94 10.68 -3.95
CA SER A 21 11.85 9.73 -4.11
C SER A 21 12.23 8.67 -5.14
N ALA A 22 12.26 7.43 -4.67
CA ALA A 22 12.61 6.31 -5.54
C ALA A 22 12.51 5.01 -4.75
N ALA A 23 13.28 4.94 -3.67
CA ALA A 23 13.30 3.76 -2.83
C ALA A 23 12.30 3.94 -1.69
N ALA A 24 12.08 2.86 -0.95
CA ALA A 24 11.14 2.91 0.16
C ALA A 24 11.58 4.00 1.15
N GLY A 25 10.88 4.04 2.28
CA GLY A 25 11.19 5.03 3.30
C GLY A 25 10.91 4.48 4.69
N PRO A 26 10.94 5.40 5.70
CA PRO A 26 10.69 5.02 7.08
C PRO A 26 9.20 4.77 7.31
N VAL A 27 8.39 5.36 6.45
CA VAL A 27 6.95 5.20 6.55
C VAL A 27 6.54 3.87 5.94
N GLU A 28 6.77 3.74 4.64
CA GLU A 28 6.43 2.52 3.93
C GLU A 28 6.91 1.30 4.72
N ALA A 29 8.20 1.31 5.03
CA ALA A 29 8.79 0.21 5.78
C ALA A 29 7.91 -0.11 6.98
N ALA A 30 7.59 0.93 7.75
CA ALA A 30 6.76 0.77 8.92
C ALA A 30 5.42 0.14 8.52
N ILE A 31 4.82 0.69 7.48
CA ILE A 31 3.55 0.20 6.99
C ILE A 31 3.63 -1.32 6.82
N ARG A 32 4.78 -1.75 6.31
CA ARG A 32 4.99 -3.18 6.09
C ARG A 32 5.38 -3.87 7.39
N ALA A 33 6.52 -3.44 7.93
CA ALA A 33 7.01 -4.01 9.17
C ALA A 33 5.84 -4.23 10.14
N LYS A 34 4.89 -3.30 10.08
CA LYS A 34 3.72 -3.37 10.94
C LYS A 34 2.85 -4.54 10.49
N LEU A 35 2.23 -4.38 9.33
CA LEU A 35 1.36 -5.42 8.78
C LEU A 35 2.09 -6.75 8.82
N GLU A 36 3.42 -6.66 8.84
CA GLU A 36 4.25 -7.86 8.87
C GLU A 36 4.03 -8.62 10.19
N GLN A 37 3.95 -7.86 11.27
CA GLN A 37 3.75 -8.44 12.59
C GLN A 37 2.31 -8.23 13.04
N ALA A 38 1.55 -7.51 12.22
CA ALA A 38 0.17 -7.21 12.53
C ALA A 38 -0.74 -8.13 11.71
N LEU A 39 -0.09 -8.97 10.89
CA LEU A 39 -0.83 -9.89 10.05
C LEU A 39 0.03 -11.13 9.81
N SER A 40 1.29 -10.89 9.47
CA SER A 40 2.22 -11.97 9.20
C SER A 40 1.75 -12.79 8.00
N PRO A 41 1.60 -12.08 6.85
CA PRO A 41 1.16 -12.71 5.62
C PRO A 41 2.29 -13.54 5.00
N GLU A 42 1.93 -14.28 3.96
CA GLU A 42 2.90 -15.11 3.27
C GLU A 42 3.59 -14.33 2.15
N VAL A 43 2.95 -13.22 1.77
CA VAL A 43 3.49 -12.38 0.72
C VAL A 43 3.05 -10.94 0.96
N LEU A 44 4.00 -10.15 1.45
CA LEU A 44 3.73 -8.74 1.73
C LEU A 44 4.61 -7.87 0.84
N GLU A 45 4.05 -7.50 -0.31
CA GLU A 45 4.76 -6.67 -1.26
C GLU A 45 4.35 -5.21 -1.11
N LEU A 46 5.35 -4.34 -1.08
CA LEU A 46 5.10 -2.91 -0.94
C LEU A 46 6.13 -2.13 -1.75
N ARG A 47 5.64 -1.10 -2.42
CA ARG A 47 6.51 -0.27 -3.24
C ARG A 47 5.94 1.16 -3.33
N ASN A 48 6.85 2.09 -3.56
CA ASN A 48 6.47 3.50 -3.67
C ASN A 48 6.20 3.84 -5.13
N GLU A 49 4.98 4.30 -5.40
CA GLU A 49 4.60 4.66 -6.75
C GLU A 49 4.92 6.14 -7.01
N SER A 50 4.24 7.00 -6.28
CA SER A 50 4.44 8.43 -6.41
C SER A 50 4.61 8.79 -7.89
N GLY A 51 3.49 9.09 -8.53
CA GLY A 51 3.50 9.45 -9.94
C GLY A 51 2.13 9.25 -10.57
N GLY A 52 1.69 10.26 -11.30
CA GLY A 52 0.39 10.21 -11.96
C GLY A 52 -0.42 11.47 -11.70
N HIS A 53 -0.94 11.56 -10.48
CA HIS A 53 -1.73 12.72 -10.09
C HIS A 53 -0.94 14.00 -10.35
N ALA A 54 -1.50 15.11 -9.90
CA ALA A 54 -0.86 16.40 -10.07
C ALA A 54 -0.26 16.85 -8.73
N VAL A 55 0.85 16.23 -8.37
CA VAL A 55 1.53 16.56 -7.12
C VAL A 55 3.00 16.83 -7.41
N PRO A 56 3.61 17.68 -6.54
CA PRO A 56 5.01 18.01 -6.68
C PRO A 56 5.91 16.86 -6.23
N ALA A 57 7.18 16.95 -6.62
CA ALA A 57 8.14 15.92 -6.27
C ALA A 57 8.19 15.78 -4.75
N GLY A 58 8.77 14.67 -4.31
CA GLY A 58 8.89 14.39 -2.89
C GLY A 58 7.53 14.04 -2.28
N SER A 59 6.76 13.26 -3.04
CA SER A 59 5.45 12.84 -2.58
C SER A 59 5.38 11.32 -2.54
N GLU A 60 4.86 10.81 -1.43
CA GLU A 60 4.73 9.38 -1.24
C GLU A 60 3.35 9.04 -0.67
N THR A 61 2.36 9.76 -1.16
CA THR A 61 0.99 9.54 -0.70
C THR A 61 0.41 8.28 -1.34
N HIS A 62 0.52 8.21 -2.66
CA HIS A 62 0.01 7.06 -3.39
C HIS A 62 0.95 5.87 -3.20
N PHE A 63 0.41 4.82 -2.61
CA PHE A 63 1.18 3.62 -2.36
C PHE A 63 0.41 2.36 -2.79
N ARG A 64 1.08 1.23 -2.70
CA ARG A 64 0.48 -0.04 -3.06
C ARG A 64 1.10 -1.18 -2.26
N VAL A 65 0.26 -1.81 -1.45
CA VAL A 65 0.71 -2.92 -0.62
C VAL A 65 -0.09 -4.17 -0.97
N ALA A 66 0.63 -5.27 -1.18
CA ALA A 66 -0.01 -6.52 -1.53
C ALA A 66 0.18 -7.52 -0.37
N VAL A 67 -0.86 -7.63 0.44
CA VAL A 67 -0.84 -8.53 1.58
C VAL A 67 -1.41 -9.89 1.18
N VAL A 68 -0.79 -10.94 1.68
CA VAL A 68 -1.23 -12.29 1.38
C VAL A 68 -1.30 -13.09 2.68
N SER A 69 -2.50 -13.16 3.24
CA SER A 69 -2.72 -13.90 4.47
C SER A 69 -4.13 -14.50 4.48
N SER A 70 -4.34 -15.40 5.43
CA SER A 70 -5.63 -16.06 5.55
C SER A 70 -6.61 -15.14 6.29
N ARG A 71 -6.05 -14.13 6.94
CA ARG A 71 -6.86 -13.17 7.69
C ARG A 71 -8.06 -12.72 6.83
N PHE A 72 -7.80 -12.58 5.55
CA PHE A 72 -8.84 -12.16 4.62
C PHE A 72 -9.47 -13.35 3.91
N GLU A 73 -9.73 -14.39 4.69
CA GLU A 73 -10.33 -15.60 4.16
C GLU A 73 -11.85 -15.46 4.12
N GLY A 74 -12.35 -15.07 2.95
CA GLY A 74 -13.78 -14.90 2.76
C GLY A 74 -14.30 -13.69 3.55
N MET A 75 -13.37 -12.81 3.89
CA MET A 75 -13.71 -11.61 4.64
C MET A 75 -14.23 -10.51 3.71
N SER A 76 -14.92 -9.56 4.31
CA SER A 76 -15.47 -8.44 3.54
C SER A 76 -14.35 -7.64 2.90
N PRO A 77 -14.74 -6.78 1.91
CA PRO A 77 -13.78 -5.96 1.21
C PRO A 77 -13.31 -4.79 2.08
N LEU A 78 -14.25 -4.27 2.85
CA LEU A 78 -13.94 -3.15 3.74
C LEU A 78 -13.06 -3.65 4.89
N GLN A 79 -13.57 -4.64 5.62
CA GLN A 79 -12.85 -5.20 6.73
C GLN A 79 -11.38 -5.40 6.36
N ARG A 80 -11.18 -5.95 5.18
CA ARG A 80 -9.83 -6.21 4.70
C ARG A 80 -8.95 -4.97 4.89
N HIS A 81 -9.26 -3.93 4.13
CA HIS A 81 -8.51 -2.69 4.22
C HIS A 81 -8.56 -2.15 5.64
N ARG A 82 -9.70 -2.39 6.28
CA ARG A 82 -9.90 -1.93 7.65
C ARG A 82 -8.84 -2.56 8.57
N LEU A 83 -8.79 -3.88 8.55
CA LEU A 83 -7.84 -4.60 9.38
C LEU A 83 -6.47 -3.92 9.31
N VAL A 84 -6.15 -3.46 8.10
CA VAL A 84 -4.89 -2.78 7.89
C VAL A 84 -4.99 -1.34 8.39
N HIS A 85 -5.96 -0.62 7.82
CA HIS A 85 -6.17 0.77 8.20
C HIS A 85 -6.20 0.88 9.73
N GLU A 86 -6.60 -0.21 10.37
CA GLU A 86 -6.68 -0.23 11.83
C GLU A 86 -5.27 -0.24 12.43
N ALA A 87 -4.43 -1.10 11.86
CA ALA A 87 -3.06 -1.22 12.33
C ALA A 87 -2.28 0.03 11.93
N LEU A 88 -2.54 0.49 10.72
CA LEU A 88 -1.86 1.67 10.21
C LEU A 88 -2.90 2.76 9.93
N SER A 89 -3.58 3.17 10.99
CA SER A 89 -4.60 4.19 10.87
C SER A 89 -3.95 5.58 10.86
N GLU A 90 -2.75 5.64 11.42
CA GLU A 90 -2.01 6.89 11.47
C GLU A 90 -1.22 7.10 10.18
N GLU A 91 -1.11 6.02 9.41
CA GLU A 91 -0.39 6.08 8.15
C GLU A 91 -1.27 6.72 7.06
N LEU A 92 -2.56 6.43 7.15
CA LEU A 92 -3.50 6.96 6.19
C LEU A 92 -4.25 8.14 6.82
N ALA A 93 -3.82 8.51 8.01
CA ALA A 93 -4.43 9.62 8.73
C ALA A 93 -3.39 10.72 8.94
N GLY A 94 -2.53 10.88 7.95
CA GLY A 94 -1.48 11.89 8.03
C GLY A 94 -0.68 11.94 6.73
N PRO A 95 0.26 10.96 6.59
CA PRO A 95 1.09 10.89 5.40
C PRO A 95 0.31 10.35 4.20
N VAL A 96 0.12 9.05 4.20
CA VAL A 96 -0.62 8.40 3.12
C VAL A 96 -2.02 9.02 3.01
N HIS A 97 -2.38 9.39 1.79
CA HIS A 97 -3.67 10.00 1.55
C HIS A 97 -4.53 9.04 0.71
N ALA A 98 -3.87 8.07 0.13
CA ALA A 98 -4.56 7.09 -0.70
C ALA A 98 -3.59 5.95 -1.05
N LEU A 99 -3.73 4.86 -0.31
CA LEU A 99 -2.88 3.70 -0.53
C LEU A 99 -3.74 2.53 -1.00
N ALA A 100 -3.35 1.99 -2.15
CA ALA A 100 -4.08 0.86 -2.72
C ALA A 100 -3.57 -0.43 -2.10
N ILE A 101 -4.33 -0.94 -1.13
CA ILE A 101 -3.97 -2.17 -0.45
C ILE A 101 -4.57 -3.36 -1.20
N GLN A 102 -3.80 -4.44 -1.22
CA GLN A 102 -4.25 -5.65 -1.90
C GLN A 102 -4.43 -6.79 -0.90
N ALA A 103 -5.68 -6.97 -0.48
CA ALA A 103 -6.00 -8.01 0.48
C ALA A 103 -6.38 -9.29 -0.28
N LYS A 104 -5.52 -10.29 -0.15
CA LYS A 104 -5.75 -11.57 -0.81
C LYS A 104 -5.48 -12.70 0.18
N THR A 105 -5.60 -13.92 -0.32
CA THR A 105 -5.39 -15.09 0.51
C THR A 105 -4.23 -15.92 -0.05
N PRO A 106 -3.72 -16.85 0.82
CA PRO A 106 -2.61 -17.70 0.43
C PRO A 106 -3.08 -18.81 -0.52
N ALA A 107 -4.38 -18.78 -0.82
CA ALA A 107 -4.96 -19.77 -1.71
C ALA A 107 -5.28 -19.11 -3.05
N GLN A 108 -5.26 -17.78 -3.04
CA GLN A 108 -5.55 -17.02 -4.26
C GLN A 108 -4.24 -16.50 -4.86
N TRP A 109 -3.32 -16.13 -3.98
CA TRP A 109 -2.04 -15.61 -4.41
C TRP A 109 -1.35 -16.69 -5.26
N ARG A 110 -1.67 -17.93 -4.95
CA ARG A 110 -1.10 -19.06 -5.66
C ARG A 110 -1.49 -19.00 -7.14
N GLU A 111 -2.78 -18.84 -7.37
CA GLU A 111 -3.29 -18.77 -8.73
C GLU A 111 -2.64 -17.61 -9.49
N ASN A 112 -2.69 -16.45 -8.88
CA ASN A 112 -2.11 -15.26 -9.49
C ASN A 112 -1.33 -14.48 -8.42
N PRO A 113 -0.06 -14.89 -8.22
CA PRO A 113 0.79 -14.24 -7.24
C PRO A 113 1.28 -12.88 -7.75
N GLN A 114 0.82 -12.53 -8.94
CA GLN A 114 1.18 -11.26 -9.55
C GLN A 114 0.36 -10.12 -8.95
N LEU A 115 0.74 -8.90 -9.32
CA LEU A 115 0.05 -7.72 -8.82
C LEU A 115 -0.10 -6.71 -9.96
N ASP A 116 -1.01 -5.77 -9.75
CA ASP A 116 -1.26 -4.74 -10.75
C ASP A 116 -0.91 -3.37 -10.15
N ILE A 117 0.37 -3.05 -10.21
CA ILE A 117 0.84 -1.78 -9.67
C ILE A 117 0.79 -0.72 -10.78
N SER A 118 1.75 -0.81 -11.69
CA SER A 118 1.83 0.13 -12.80
C SER A 118 1.16 -0.48 -14.04
N PRO A 119 0.79 0.42 -14.98
CA PRO A 119 0.15 -0.01 -16.22
C PRO A 119 1.16 -0.64 -17.17
N PRO A 120 0.89 -1.92 -17.54
CA PRO A 120 1.77 -2.65 -18.44
C PRO A 120 1.60 -2.16 -19.89
N CYS A 121 2.35 -2.78 -20.77
CA CYS A 121 2.30 -2.42 -22.18
C CYS A 121 2.61 -3.67 -23.01
N LEU A 122 1.87 -3.82 -24.09
CA LEU A 122 2.05 -4.97 -24.96
C LEU A 122 2.60 -4.48 -26.32
N GLY A 123 3.62 -5.17 -26.79
CA GLY A 123 4.24 -4.82 -28.06
C GLY A 123 5.77 -4.79 -27.94
N GLY A 1 -11.89 12.38 18.45
CA GLY A 1 -11.24 11.94 17.22
C GLY A 1 -12.12 12.24 16.00
N SER A 2 -11.68 11.72 14.86
CA SER A 2 -12.42 11.93 13.63
C SER A 2 -12.88 10.58 13.06
N SER A 3 -13.87 10.66 12.18
CA SER A 3 -14.40 9.45 11.56
C SER A 3 -15.42 9.83 10.48
N GLY A 4 -15.14 9.39 9.26
CA GLY A 4 -16.02 9.67 8.15
C GLY A 4 -16.34 8.38 7.37
N SER A 5 -16.39 8.53 6.06
CA SER A 5 -16.69 7.40 5.19
C SER A 5 -16.13 7.65 3.79
N SER A 6 -16.10 6.59 3.00
CA SER A 6 -15.59 6.68 1.64
C SER A 6 -16.57 6.01 0.67
N GLY A 7 -16.80 6.69 -0.45
CA GLY A 7 -17.70 6.17 -1.46
C GLY A 7 -16.94 5.65 -2.67
N MET A 8 -17.61 5.65 -3.81
CA MET A 8 -17.01 5.19 -5.04
C MET A 8 -16.27 6.32 -5.75
N ALA A 9 -15.33 6.91 -5.03
CA ALA A 9 -14.55 8.00 -5.58
C ALA A 9 -13.39 7.43 -6.39
N THR A 10 -12.53 6.69 -5.71
CA THR A 10 -11.38 6.08 -6.35
C THR A 10 -11.79 4.83 -7.13
N ARG A 11 -11.87 4.97 -8.43
CA ARG A 11 -12.25 3.87 -9.29
C ARG A 11 -11.02 3.26 -9.96
N SER A 12 -10.61 2.11 -9.44
CA SER A 12 -9.46 1.41 -9.98
C SER A 12 -9.47 1.46 -11.52
N CYS A 13 -8.42 2.04 -12.07
CA CYS A 13 -8.31 2.16 -13.51
C CYS A 13 -6.83 2.20 -13.87
N VAL A 14 -6.54 1.83 -15.12
CA VAL A 14 -5.17 1.84 -15.59
C VAL A 14 -4.56 3.23 -15.42
N SER A 15 -3.27 3.25 -15.10
CA SER A 15 -2.57 4.50 -14.90
C SER A 15 -1.07 4.28 -15.02
N ARG A 16 -0.52 4.71 -16.15
CA ARG A 16 0.91 4.56 -16.40
C ARG A 16 1.70 4.86 -15.13
N GLY A 17 2.67 4.00 -14.86
CA GLY A 17 3.50 4.16 -13.67
C GLY A 17 4.38 5.40 -13.80
N SER A 18 5.63 5.25 -13.38
CA SER A 18 6.58 6.35 -13.43
C SER A 18 8.00 5.81 -13.67
N ALA A 19 8.74 6.53 -14.49
CA ALA A 19 10.10 6.13 -14.81
C ALA A 19 10.82 5.73 -13.52
N GLY A 20 10.98 6.70 -12.63
CA GLY A 20 11.64 6.46 -11.37
C GLY A 20 11.70 7.73 -10.52
N SER A 21 10.75 7.83 -9.60
CA SER A 21 10.67 8.99 -8.72
C SER A 21 11.09 8.60 -7.31
N ALA A 22 10.38 7.63 -6.75
CA ALA A 22 10.66 7.16 -5.41
C ALA A 22 10.25 5.68 -5.29
N ALA A 23 10.70 5.06 -4.21
CA ALA A 23 10.39 3.67 -3.97
C ALA A 23 10.54 3.37 -2.48
N ALA A 24 9.40 3.13 -1.84
CA ALA A 24 9.38 2.84 -0.42
C ALA A 24 10.05 3.98 0.35
N GLY A 25 10.27 3.75 1.63
CA GLY A 25 10.90 4.74 2.48
C GLY A 25 10.78 4.36 3.96
N PRO A 26 10.81 5.41 4.83
CA PRO A 26 10.71 5.20 6.26
C PRO A 26 9.27 4.87 6.66
N VAL A 27 8.34 5.39 5.87
CA VAL A 27 6.93 5.16 6.13
C VAL A 27 6.58 3.71 5.81
N GLU A 28 6.58 3.41 4.52
CA GLU A 28 6.26 2.07 4.07
C GLU A 28 6.90 1.03 4.99
N ALA A 29 8.19 1.22 5.26
CA ALA A 29 8.93 0.33 6.12
C ALA A 29 8.06 -0.03 7.33
N ALA A 30 7.72 1.00 8.10
CA ALA A 30 6.91 0.81 9.28
C ALA A 30 5.61 0.10 8.90
N ILE A 31 4.99 0.60 7.84
CA ILE A 31 3.75 0.02 7.36
C ILE A 31 3.91 -1.50 7.24
N ARG A 32 4.89 -1.90 6.45
CA ARG A 32 5.16 -3.31 6.24
C ARG A 32 5.57 -3.97 7.56
N ALA A 33 6.67 -3.51 8.10
CA ALA A 33 7.18 -4.04 9.36
C ALA A 33 6.00 -4.27 10.31
N LYS A 34 5.04 -3.36 10.25
CA LYS A 34 3.87 -3.46 11.11
C LYS A 34 3.02 -4.64 10.66
N LEU A 35 2.40 -4.48 9.50
CA LEU A 35 1.56 -5.53 8.94
C LEU A 35 2.30 -6.87 9.02
N GLU A 36 3.61 -6.78 9.05
CA GLU A 36 4.45 -7.96 9.12
C GLU A 36 4.20 -8.72 10.44
N GLN A 37 4.12 -7.95 11.51
CA GLN A 37 3.88 -8.52 12.82
C GLN A 37 2.44 -8.27 13.26
N ALA A 38 1.71 -7.55 12.42
CA ALA A 38 0.32 -7.23 12.71
C ALA A 38 -0.58 -8.24 11.99
N LEU A 39 -0.09 -8.75 10.87
CA LEU A 39 -0.83 -9.71 10.09
C LEU A 39 0.02 -10.95 9.88
N SER A 40 1.28 -10.73 9.55
CA SER A 40 2.22 -11.82 9.32
C SER A 40 1.73 -12.67 8.14
N PRO A 41 1.58 -12.00 6.96
CA PRO A 41 1.13 -12.68 5.77
C PRO A 41 2.25 -13.55 5.17
N GLU A 42 1.94 -14.16 4.04
CA GLU A 42 2.91 -15.01 3.36
C GLU A 42 3.63 -14.23 2.27
N VAL A 43 2.97 -13.16 1.82
CA VAL A 43 3.54 -12.32 0.78
C VAL A 43 3.18 -10.86 1.04
N LEU A 44 4.18 -10.11 1.48
CA LEU A 44 3.97 -8.70 1.78
C LEU A 44 4.89 -7.86 0.89
N GLU A 45 4.29 -7.29 -0.15
CA GLU A 45 5.03 -6.46 -1.09
C GLU A 45 4.47 -5.03 -1.11
N LEU A 46 5.34 -4.08 -0.86
CA LEU A 46 4.95 -2.68 -0.85
C LEU A 46 5.79 -1.91 -1.85
N ARG A 47 5.15 -0.95 -2.50
CA ARG A 47 5.83 -0.12 -3.50
C ARG A 47 5.15 1.24 -3.61
N ASN A 48 5.93 2.22 -4.04
CA ASN A 48 5.42 3.57 -4.20
C ASN A 48 4.75 3.70 -5.57
N GLU A 49 3.43 3.55 -5.56
CA GLU A 49 2.66 3.65 -6.79
C GLU A 49 3.10 4.88 -7.59
N SER A 50 2.75 6.04 -7.06
CA SER A 50 3.09 7.30 -7.70
C SER A 50 2.81 7.20 -9.20
N GLY A 51 1.57 6.85 -9.53
CA GLY A 51 1.17 6.72 -10.92
C GLY A 51 1.26 8.07 -11.64
N GLY A 52 0.11 8.53 -12.12
CA GLY A 52 0.05 9.79 -12.83
C GLY A 52 -0.29 10.94 -11.88
N HIS A 53 0.52 11.07 -10.84
CA HIS A 53 0.31 12.11 -9.85
C HIS A 53 1.19 13.32 -10.19
N ALA A 54 0.62 14.50 -10.01
CA ALA A 54 1.34 15.73 -10.28
C ALA A 54 1.94 16.27 -8.99
N VAL A 55 2.69 15.40 -8.32
CA VAL A 55 3.33 15.76 -7.07
C VAL A 55 4.85 15.64 -7.22
N PRO A 56 5.58 16.44 -6.41
CA PRO A 56 7.04 16.43 -6.45
C PRO A 56 7.59 15.17 -5.77
N ALA A 57 8.65 14.63 -6.35
CA ALA A 57 9.28 13.44 -5.82
C ALA A 57 9.49 13.62 -4.31
N GLY A 58 8.92 12.68 -3.55
CA GLY A 58 9.03 12.72 -2.10
C GLY A 58 7.71 12.36 -1.43
N SER A 59 6.63 12.71 -2.13
CA SER A 59 5.30 12.44 -1.61
C SER A 59 5.04 10.92 -1.61
N GLU A 60 4.66 10.42 -0.45
CA GLU A 60 4.38 9.01 -0.29
C GLU A 60 2.90 8.79 0.04
N THR A 61 2.05 9.41 -0.77
CA THR A 61 0.61 9.28 -0.57
C THR A 61 0.07 8.05 -1.30
N HIS A 62 0.27 8.05 -2.60
CA HIS A 62 -0.18 6.95 -3.43
C HIS A 62 0.74 5.74 -3.23
N PHE A 63 0.24 4.77 -2.48
CA PHE A 63 1.01 3.57 -2.21
C PHE A 63 0.26 2.32 -2.70
N ARG A 64 1.02 1.23 -2.82
CA ARG A 64 0.44 -0.03 -3.28
C ARG A 64 1.10 -1.20 -2.54
N VAL A 65 0.39 -1.72 -1.56
CA VAL A 65 0.88 -2.84 -0.78
C VAL A 65 0.14 -4.10 -1.20
N ALA A 66 0.84 -5.23 -1.08
CA ALA A 66 0.27 -6.51 -1.45
C ALA A 66 0.41 -7.48 -0.27
N VAL A 67 -0.69 -7.62 0.46
CA VAL A 67 -0.71 -8.51 1.62
C VAL A 67 -1.32 -9.85 1.21
N VAL A 68 -0.73 -10.92 1.75
CA VAL A 68 -1.20 -12.26 1.45
C VAL A 68 -1.27 -13.06 2.75
N SER A 69 -2.46 -13.07 3.33
CA SER A 69 -2.67 -13.79 4.57
C SER A 69 -4.05 -14.48 4.55
N SER A 70 -4.18 -15.50 5.39
CA SER A 70 -5.42 -16.24 5.47
C SER A 70 -6.44 -15.47 6.31
N ARG A 71 -6.02 -14.28 6.74
CA ARG A 71 -6.89 -13.44 7.55
C ARG A 71 -8.11 -12.99 6.74
N PHE A 72 -7.85 -12.65 5.48
CA PHE A 72 -8.91 -12.21 4.60
C PHE A 72 -9.53 -13.39 3.85
N GLU A 73 -9.74 -14.47 4.58
CA GLU A 73 -10.32 -15.67 4.00
C GLU A 73 -11.85 -15.63 4.12
N GLY A 74 -12.47 -15.01 3.12
CA GLY A 74 -13.91 -14.90 3.09
C GLY A 74 -14.36 -13.51 3.54
N MET A 75 -13.63 -12.97 4.50
CA MET A 75 -13.94 -11.65 5.02
C MET A 75 -14.31 -10.68 3.90
N SER A 76 -14.95 -9.59 4.29
CA SER A 76 -15.36 -8.58 3.33
C SER A 76 -14.14 -7.88 2.74
N PRO A 77 -14.35 -7.22 1.56
CA PRO A 77 -13.28 -6.50 0.89
C PRO A 77 -12.97 -5.20 1.61
N LEU A 78 -13.97 -4.68 2.30
CA LEU A 78 -13.81 -3.43 3.04
C LEU A 78 -13.13 -3.71 4.38
N GLN A 79 -13.73 -4.63 5.12
CA GLN A 79 -13.19 -5.00 6.42
C GLN A 79 -11.69 -5.28 6.31
N ARG A 80 -11.31 -5.85 5.18
CA ARG A 80 -9.91 -6.18 4.94
C ARG A 80 -9.03 -4.94 5.15
N HIS A 81 -9.18 -3.99 4.25
CA HIS A 81 -8.40 -2.76 4.33
C HIS A 81 -8.48 -2.20 5.75
N ARG A 82 -9.69 -2.21 6.29
CA ARG A 82 -9.91 -1.70 7.64
C ARG A 82 -8.90 -2.32 8.61
N LEU A 83 -8.81 -3.64 8.55
CA LEU A 83 -7.90 -4.37 9.43
C LEU A 83 -6.51 -3.74 9.33
N VAL A 84 -6.10 -3.47 8.10
CA VAL A 84 -4.79 -2.87 7.85
C VAL A 84 -4.82 -1.42 8.31
N HIS A 85 -5.77 -0.67 7.77
CA HIS A 85 -5.92 0.73 8.11
C HIS A 85 -5.88 0.89 9.62
N GLU A 86 -6.59 0.02 10.30
CA GLU A 86 -6.65 0.06 11.76
C GLU A 86 -5.24 -0.02 12.34
N ALA A 87 -4.46 -0.95 11.80
CA ALA A 87 -3.09 -1.13 12.25
C ALA A 87 -2.29 0.14 11.99
N LEU A 88 -2.43 0.64 10.77
CA LEU A 88 -1.72 1.84 10.37
C LEU A 88 -2.74 2.95 10.06
N SER A 89 -3.50 3.31 11.09
CA SER A 89 -4.51 4.35 10.95
C SER A 89 -3.83 5.71 10.71
N GLU A 90 -2.80 5.98 11.51
CA GLU A 90 -2.08 7.23 11.39
C GLU A 90 -1.52 7.38 9.97
N GLU A 91 -1.04 6.27 9.42
CA GLU A 91 -0.48 6.27 8.09
C GLU A 91 -1.51 6.78 7.08
N LEU A 92 -2.66 6.13 7.08
CA LEU A 92 -3.73 6.51 6.17
C LEU A 92 -4.30 7.87 6.59
N ALA A 93 -4.23 8.12 7.89
CA ALA A 93 -4.73 9.37 8.44
C ALA A 93 -3.54 10.25 8.84
N GLY A 94 -2.89 10.82 7.83
CA GLY A 94 -1.75 11.68 8.07
C GLY A 94 -0.90 11.81 6.80
N PRO A 95 0.14 10.94 6.72
CA PRO A 95 1.04 10.96 5.57
C PRO A 95 0.37 10.34 4.34
N VAL A 96 0.00 9.08 4.49
CA VAL A 96 -0.64 8.35 3.40
C VAL A 96 -2.11 8.77 3.32
N HIS A 97 -2.50 9.18 2.12
CA HIS A 97 -3.87 9.61 1.90
C HIS A 97 -4.66 8.50 1.21
N ALA A 98 -4.08 8.00 0.13
CA ALA A 98 -4.71 6.93 -0.63
C ALA A 98 -3.67 5.82 -0.91
N LEU A 99 -3.81 4.74 -0.16
CA LEU A 99 -2.90 3.61 -0.33
C LEU A 99 -3.68 2.40 -0.82
N ALA A 100 -3.38 2.01 -2.05
CA ALA A 100 -4.05 0.87 -2.66
C ALA A 100 -3.55 -0.42 -2.02
N ILE A 101 -4.32 -0.91 -1.06
CA ILE A 101 -3.96 -2.13 -0.37
C ILE A 101 -4.57 -3.34 -1.09
N GLN A 102 -3.83 -4.43 -1.07
CA GLN A 102 -4.27 -5.65 -1.71
C GLN A 102 -4.45 -6.77 -0.69
N ALA A 103 -5.69 -6.95 -0.26
CA ALA A 103 -6.01 -7.97 0.72
C ALA A 103 -6.38 -9.28 -0.01
N LYS A 104 -5.44 -10.21 0.02
CA LYS A 104 -5.65 -11.49 -0.63
C LYS A 104 -5.25 -12.62 0.32
N THR A 105 -5.59 -13.84 -0.06
CA THR A 105 -5.26 -15.01 0.74
C THR A 105 -4.20 -15.84 0.05
N PRO A 106 -3.63 -16.81 0.84
CA PRO A 106 -2.59 -17.68 0.32
C PRO A 106 -3.18 -18.73 -0.62
N ALA A 107 -4.50 -18.65 -0.79
CA ALA A 107 -5.19 -19.59 -1.66
C ALA A 107 -5.48 -18.92 -3.00
N GLN A 108 -5.77 -17.63 -2.94
CA GLN A 108 -6.07 -16.87 -4.15
C GLN A 108 -4.76 -16.37 -4.79
N TRP A 109 -3.83 -15.99 -3.93
CA TRP A 109 -2.54 -15.50 -4.40
C TRP A 109 -2.00 -16.49 -5.41
N ARG A 110 -2.20 -17.77 -5.12
CA ARG A 110 -1.73 -18.83 -6.00
C ARG A 110 -2.26 -18.62 -7.42
N GLU A 111 -3.54 -18.31 -7.49
CA GLU A 111 -4.19 -18.08 -8.77
C GLU A 111 -3.40 -17.04 -9.58
N ASN A 112 -3.26 -15.86 -8.99
CA ASN A 112 -2.54 -14.78 -9.65
C ASN A 112 -1.66 -14.07 -8.62
N PRO A 113 -0.45 -14.65 -8.38
CA PRO A 113 0.48 -14.08 -7.42
C PRO A 113 1.16 -12.83 -8.00
N GLN A 114 0.77 -12.49 -9.22
CA GLN A 114 1.31 -11.33 -9.88
C GLN A 114 0.51 -10.08 -9.54
N LEU A 115 1.23 -9.03 -9.17
CA LEU A 115 0.59 -7.77 -8.81
C LEU A 115 0.52 -6.88 -10.05
N ASP A 116 0.27 -5.60 -9.79
CA ASP A 116 0.18 -4.62 -10.87
C ASP A 116 0.88 -3.34 -10.46
N ILE A 117 2.20 -3.40 -10.42
CA ILE A 117 3.00 -2.26 -10.04
C ILE A 117 3.41 -1.49 -11.30
N SER A 118 4.11 -2.20 -12.19
CA SER A 118 4.56 -1.60 -13.42
C SER A 118 4.48 -2.62 -14.56
N PRO A 119 4.10 -2.11 -15.77
CA PRO A 119 3.98 -2.97 -16.93
C PRO A 119 5.35 -3.34 -17.49
N PRO A 120 5.41 -4.52 -18.16
CA PRO A 120 6.65 -4.99 -18.74
C PRO A 120 6.99 -4.21 -20.02
N CYS A 121 7.52 -3.00 -19.81
CA CYS A 121 7.89 -2.16 -20.92
C CYS A 121 9.41 -1.96 -20.90
N LEU A 122 10.11 -3.08 -20.93
CA LEU A 122 11.56 -3.05 -20.91
C LEU A 122 12.07 -2.19 -22.06
N GLY A 123 13.07 -1.37 -21.75
CA GLY A 123 13.64 -0.48 -22.75
C GLY A 123 14.71 -1.20 -23.57
N GLY A 1 -6.14 3.04 24.59
CA GLY A 1 -6.63 2.49 23.34
C GLY A 1 -7.63 3.44 22.68
N SER A 2 -7.47 3.61 21.37
CA SER A 2 -8.35 4.47 20.61
C SER A 2 -8.00 4.40 19.12
N SER A 3 -9.03 4.24 18.32
CA SER A 3 -8.86 4.15 16.87
C SER A 3 -10.16 3.69 16.21
N GLY A 4 -10.17 3.78 14.89
CA GLY A 4 -11.34 3.38 14.13
C GLY A 4 -11.70 4.43 13.07
N SER A 5 -12.14 3.94 11.92
CA SER A 5 -12.51 4.82 10.83
C SER A 5 -13.09 4.00 9.67
N SER A 6 -13.79 4.69 8.78
CA SER A 6 -14.40 4.05 7.64
C SER A 6 -14.67 5.08 6.54
N GLY A 7 -14.55 4.62 5.30
CA GLY A 7 -14.78 5.50 4.16
C GLY A 7 -13.48 5.73 3.37
N MET A 8 -13.28 6.96 2.96
CA MET A 8 -12.10 7.32 2.20
C MET A 8 -12.10 6.63 0.84
N ALA A 9 -12.30 7.44 -0.20
CA ALA A 9 -12.32 6.92 -1.56
C ALA A 9 -10.89 6.86 -2.10
N THR A 10 -10.65 5.88 -2.95
CA THR A 10 -9.33 5.69 -3.53
C THR A 10 -9.45 5.38 -5.03
N ARG A 11 -8.69 6.12 -5.82
CA ARG A 11 -8.71 5.93 -7.26
C ARG A 11 -7.32 5.51 -7.75
N SER A 12 -7.32 4.63 -8.74
CA SER A 12 -6.08 4.14 -9.31
C SER A 12 -5.66 5.01 -10.50
N CYS A 13 -4.41 4.88 -10.88
CA CYS A 13 -3.88 5.65 -12.00
C CYS A 13 -2.60 4.96 -12.49
N VAL A 14 -2.33 5.16 -13.78
CA VAL A 14 -1.15 4.56 -14.40
C VAL A 14 0.10 5.11 -13.71
N SER A 15 1.17 4.34 -13.81
CA SER A 15 2.44 4.73 -13.22
C SER A 15 3.32 5.41 -14.26
N ARG A 16 4.23 6.24 -13.77
CA ARG A 16 5.15 6.95 -14.65
C ARG A 16 6.50 7.13 -13.98
N GLY A 17 7.36 6.14 -14.16
CA GLY A 17 8.69 6.17 -13.58
C GLY A 17 9.77 6.07 -14.65
N SER A 18 11.01 6.30 -14.23
CA SER A 18 12.12 6.25 -15.15
C SER A 18 13.44 6.33 -14.38
N ALA A 19 13.60 7.42 -13.64
CA ALA A 19 14.79 7.63 -12.85
C ALA A 19 14.72 6.78 -11.59
N GLY A 20 15.85 6.71 -10.89
CA GLY A 20 15.93 5.93 -9.67
C GLY A 20 16.79 6.64 -8.62
N SER A 21 16.13 7.35 -7.73
CA SER A 21 16.82 8.08 -6.68
C SER A 21 16.75 7.29 -5.36
N ALA A 22 15.53 7.06 -4.91
CA ALA A 22 15.31 6.33 -3.68
C ALA A 22 13.97 5.61 -3.74
N ALA A 23 13.87 4.54 -2.98
CA ALA A 23 12.63 3.76 -2.94
C ALA A 23 12.25 3.50 -1.49
N ALA A 24 10.95 3.58 -1.23
CA ALA A 24 10.43 3.36 0.11
C ALA A 24 11.07 4.37 1.07
N GLY A 25 10.65 4.29 2.32
CA GLY A 25 11.18 5.18 3.34
C GLY A 25 10.90 4.64 4.74
N PRO A 26 10.92 5.57 5.74
CA PRO A 26 10.66 5.19 7.12
C PRO A 26 9.17 4.93 7.35
N VAL A 27 8.36 5.57 6.53
CA VAL A 27 6.92 5.42 6.64
C VAL A 27 6.51 4.07 6.05
N GLU A 28 6.79 3.91 4.77
CA GLU A 28 6.47 2.66 4.08
C GLU A 28 6.95 1.46 4.90
N ALA A 29 8.25 1.42 5.13
CA ALA A 29 8.85 0.34 5.89
C ALA A 29 7.93 -0.03 7.06
N ALA A 30 7.58 0.99 7.83
CA ALA A 30 6.72 0.79 8.99
C ALA A 30 5.43 0.09 8.52
N ILE A 31 4.77 0.71 7.56
CA ILE A 31 3.54 0.17 7.03
C ILE A 31 3.68 -1.35 6.88
N ARG A 32 4.77 -1.75 6.24
CA ARG A 32 5.02 -3.17 6.03
C ARG A 32 5.44 -3.83 7.34
N ALA A 33 6.58 -3.41 7.86
CA ALA A 33 7.09 -3.95 9.10
C ALA A 33 5.93 -4.16 10.08
N LYS A 34 4.95 -3.27 9.99
CA LYS A 34 3.79 -3.34 10.85
C LYS A 34 2.94 -4.54 10.45
N LEU A 35 2.30 -4.43 9.30
CA LEU A 35 1.46 -5.51 8.80
C LEU A 35 2.25 -6.82 8.83
N GLU A 36 3.57 -6.69 8.82
CA GLU A 36 4.43 -7.85 8.86
C GLU A 36 4.25 -8.62 10.16
N GLN A 37 4.19 -7.86 11.25
CA GLN A 37 4.02 -8.46 12.57
C GLN A 37 2.58 -8.25 13.06
N ALA A 38 1.82 -7.53 12.27
CA ALA A 38 0.43 -7.26 12.60
C ALA A 38 -0.48 -8.21 11.83
N LEU A 39 0.14 -9.00 10.97
CA LEU A 39 -0.60 -9.96 10.16
C LEU A 39 0.31 -11.16 9.86
N SER A 40 1.53 -10.86 9.44
CA SER A 40 2.48 -11.90 9.12
C SER A 40 1.94 -12.78 7.99
N PRO A 41 1.68 -12.12 6.83
CA PRO A 41 1.15 -12.82 5.67
C PRO A 41 2.25 -13.66 4.99
N GLU A 42 1.87 -14.30 3.91
CA GLU A 42 2.81 -15.13 3.16
C GLU A 42 3.50 -14.29 2.08
N VAL A 43 2.84 -13.20 1.72
CA VAL A 43 3.38 -12.32 0.70
C VAL A 43 2.93 -10.89 0.98
N LEU A 44 3.87 -10.10 1.51
CA LEU A 44 3.58 -8.72 1.84
C LEU A 44 4.46 -7.80 0.97
N GLU A 45 3.95 -7.51 -0.22
CA GLU A 45 4.67 -6.65 -1.15
C GLU A 45 4.23 -5.19 -0.97
N LEU A 46 5.22 -4.30 -1.05
CA LEU A 46 4.95 -2.89 -0.90
C LEU A 46 5.99 -2.09 -1.70
N ARG A 47 5.50 -1.08 -2.41
CA ARG A 47 6.38 -0.24 -3.21
C ARG A 47 5.76 1.15 -3.40
N ASN A 48 6.54 2.03 -3.99
CA ASN A 48 6.07 3.39 -4.24
C ASN A 48 5.68 3.53 -5.72
N GLU A 49 4.53 4.12 -5.93
CA GLU A 49 4.03 4.32 -7.28
C GLU A 49 4.35 5.73 -7.77
N SER A 50 3.80 6.71 -7.05
CA SER A 50 4.01 8.10 -7.40
C SER A 50 4.02 8.28 -8.92
N GLY A 51 2.83 8.47 -9.46
CA GLY A 51 2.68 8.66 -10.89
C GLY A 51 3.08 10.07 -11.31
N GLY A 52 2.25 10.66 -12.16
CA GLY A 52 2.51 12.00 -12.64
C GLY A 52 1.44 12.98 -12.15
N HIS A 53 0.79 12.60 -11.06
CA HIS A 53 -0.26 13.42 -10.49
C HIS A 53 0.25 14.85 -10.29
N ALA A 54 -0.62 15.69 -9.75
CA ALA A 54 -0.27 17.08 -9.52
C ALA A 54 0.19 17.24 -8.06
N VAL A 55 1.26 16.54 -7.73
CA VAL A 55 1.81 16.59 -6.39
C VAL A 55 3.24 17.14 -6.44
N PRO A 56 3.65 17.79 -5.31
CA PRO A 56 4.98 18.35 -5.22
C PRO A 56 6.03 17.26 -5.02
N ALA A 57 7.14 17.42 -5.72
CA ALA A 57 8.23 16.46 -5.64
C ALA A 57 8.50 16.13 -4.18
N GLY A 58 8.89 14.88 -3.93
CA GLY A 58 9.18 14.43 -2.59
C GLY A 58 7.89 14.17 -1.80
N SER A 59 6.99 13.45 -2.45
CA SER A 59 5.71 13.11 -1.83
C SER A 59 5.57 11.59 -1.72
N GLU A 60 4.94 11.17 -0.63
CA GLU A 60 4.73 9.75 -0.39
C GLU A 60 3.30 9.50 0.08
N THR A 61 2.36 9.83 -0.79
CA THR A 61 0.95 9.65 -0.48
C THR A 61 0.41 8.39 -1.17
N HIS A 62 0.64 8.33 -2.48
CA HIS A 62 0.18 7.20 -3.26
C HIS A 62 1.11 6.00 -3.02
N PHE A 63 0.51 4.89 -2.63
CA PHE A 63 1.27 3.67 -2.37
C PHE A 63 0.50 2.44 -2.85
N ARG A 64 1.19 1.31 -2.83
CA ARG A 64 0.60 0.05 -3.25
C ARG A 64 1.16 -1.11 -2.43
N VAL A 65 0.29 -1.69 -1.61
CA VAL A 65 0.68 -2.81 -0.78
C VAL A 65 -0.09 -4.05 -1.21
N ALA A 66 0.56 -5.20 -1.04
CA ALA A 66 -0.05 -6.46 -1.40
C ALA A 66 0.13 -7.46 -0.24
N VAL A 67 -0.93 -7.60 0.53
CA VAL A 67 -0.91 -8.51 1.66
C VAL A 67 -1.49 -9.87 1.24
N VAL A 68 -0.86 -10.93 1.72
CA VAL A 68 -1.31 -12.27 1.40
C VAL A 68 -1.36 -13.11 2.68
N SER A 69 -2.53 -13.10 3.30
CA SER A 69 -2.74 -13.86 4.53
C SER A 69 -4.10 -14.55 4.51
N SER A 70 -4.26 -15.50 5.42
CA SER A 70 -5.51 -16.23 5.52
C SER A 70 -6.50 -15.46 6.38
N ARG A 71 -6.05 -14.32 6.89
CA ARG A 71 -6.88 -13.49 7.74
C ARG A 71 -8.13 -13.05 6.97
N PHE A 72 -7.93 -12.69 5.72
CA PHE A 72 -9.03 -12.25 4.87
C PHE A 72 -9.68 -13.44 4.16
N GLU A 73 -9.80 -14.53 4.89
CA GLU A 73 -10.40 -15.73 4.35
C GLU A 73 -11.93 -15.61 4.32
N GLY A 74 -12.45 -15.41 3.11
CA GLY A 74 -13.88 -15.27 2.93
C GLY A 74 -14.43 -14.11 3.77
N MET A 75 -13.72 -12.99 3.70
CA MET A 75 -14.11 -11.81 4.44
C MET A 75 -14.65 -10.72 3.50
N SER A 76 -14.88 -9.56 4.07
CA SER A 76 -15.39 -8.44 3.31
C SER A 76 -14.23 -7.59 2.79
N PRO A 77 -14.56 -6.68 1.83
CA PRO A 77 -13.55 -5.81 1.24
C PRO A 77 -13.17 -4.69 2.21
N LEU A 78 -14.15 -4.26 2.99
CA LEU A 78 -13.92 -3.20 3.96
C LEU A 78 -13.05 -3.74 5.10
N GLN A 79 -13.63 -4.65 5.86
CA GLN A 79 -12.92 -5.26 6.98
C GLN A 79 -11.44 -5.42 6.64
N ARG A 80 -11.19 -6.01 5.47
CA ARG A 80 -9.83 -6.23 5.03
C ARG A 80 -8.99 -4.96 5.21
N HIS A 81 -9.33 -3.95 4.43
CA HIS A 81 -8.63 -2.68 4.50
C HIS A 81 -8.68 -2.14 5.93
N ARG A 82 -9.81 -2.38 6.58
CA ARG A 82 -9.98 -1.92 7.94
C ARG A 82 -8.93 -2.54 8.86
N LEU A 83 -8.69 -3.83 8.64
CA LEU A 83 -7.71 -4.55 9.44
C LEU A 83 -6.35 -3.84 9.33
N VAL A 84 -5.90 -3.67 8.11
CA VAL A 84 -4.63 -3.01 7.86
C VAL A 84 -4.68 -1.60 8.43
N HIS A 85 -5.68 -0.84 7.99
CA HIS A 85 -5.85 0.52 8.43
C HIS A 85 -5.82 0.57 9.96
N GLU A 86 -6.57 -0.35 10.56
CA GLU A 86 -6.64 -0.44 12.02
C GLU A 86 -5.23 -0.40 12.62
N ALA A 87 -4.32 -1.05 11.92
CA ALA A 87 -2.93 -1.11 12.38
C ALA A 87 -2.22 0.19 12.00
N LEU A 88 -2.56 0.69 10.82
CA LEU A 88 -1.97 1.92 10.32
C LEU A 88 -3.05 3.00 10.22
N SER A 89 -3.67 3.27 11.36
CA SER A 89 -4.72 4.28 11.42
C SER A 89 -4.11 5.68 11.37
N GLU A 90 -2.79 5.72 11.54
CA GLU A 90 -2.08 6.99 11.53
C GLU A 90 -1.54 7.27 10.13
N GLU A 91 -1.19 6.20 9.42
CA GLU A 91 -0.67 6.32 8.08
C GLU A 91 -1.72 6.95 7.16
N LEU A 92 -2.83 6.24 6.99
CA LEU A 92 -3.90 6.72 6.14
C LEU A 92 -4.34 8.10 6.61
N ALA A 93 -4.11 8.36 7.90
CA ALA A 93 -4.48 9.64 8.49
C ALA A 93 -3.21 10.45 8.75
N GLY A 94 -2.53 10.80 7.68
CA GLY A 94 -1.31 11.58 7.78
C GLY A 94 -0.64 11.74 6.42
N PRO A 95 0.43 10.93 6.22
CA PRO A 95 1.17 10.96 4.96
C PRO A 95 0.40 10.27 3.84
N VAL A 96 -0.07 9.07 4.14
CA VAL A 96 -0.83 8.30 3.18
C VAL A 96 -2.25 8.86 3.08
N HIS A 97 -2.58 9.34 1.89
CA HIS A 97 -3.89 9.91 1.65
C HIS A 97 -4.67 9.01 0.69
N ALA A 98 -3.94 8.12 0.04
CA ALA A 98 -4.56 7.20 -0.90
C ALA A 98 -3.58 6.05 -1.19
N LEU A 99 -3.85 4.91 -0.55
CA LEU A 99 -3.01 3.74 -0.72
C LEU A 99 -3.89 2.55 -1.10
N ALA A 100 -3.63 2.01 -2.29
CA ALA A 100 -4.37 0.88 -2.78
C ALA A 100 -3.87 -0.40 -2.10
N ILE A 101 -4.63 -0.85 -1.13
CA ILE A 101 -4.28 -2.06 -0.40
C ILE A 101 -4.83 -3.28 -1.13
N GLN A 102 -4.00 -4.31 -1.20
CA GLN A 102 -4.38 -5.53 -1.87
C GLN A 102 -4.55 -6.66 -0.86
N ALA A 103 -5.80 -6.86 -0.46
CA ALA A 103 -6.13 -7.91 0.51
C ALA A 103 -6.51 -9.18 -0.24
N LYS A 104 -5.64 -10.17 -0.14
CA LYS A 104 -5.88 -11.45 -0.80
C LYS A 104 -5.61 -12.58 0.19
N THR A 105 -5.80 -13.80 -0.30
CA THR A 105 -5.57 -14.98 0.52
C THR A 105 -4.43 -15.82 -0.04
N PRO A 106 -3.95 -16.77 0.80
CA PRO A 106 -2.86 -17.64 0.39
C PRO A 106 -3.35 -18.71 -0.59
N ALA A 107 -4.63 -18.64 -0.90
CA ALA A 107 -5.24 -19.59 -1.82
C ALA A 107 -5.51 -18.90 -3.15
N GLN A 108 -5.77 -17.60 -3.07
CA GLN A 108 -6.05 -16.82 -4.26
C GLN A 108 -4.74 -16.29 -4.86
N TRP A 109 -3.86 -15.84 -3.97
CA TRP A 109 -2.58 -15.31 -4.40
C TRP A 109 -1.93 -16.32 -5.34
N ARG A 110 -2.34 -17.58 -5.17
CA ARG A 110 -1.80 -18.65 -5.99
C ARG A 110 -2.20 -18.44 -7.46
N GLU A 111 -3.48 -18.21 -7.67
CA GLU A 111 -4.00 -17.99 -9.01
C GLU A 111 -3.06 -17.08 -9.80
N ASN A 112 -2.53 -16.09 -9.10
CA ASN A 112 -1.62 -15.14 -9.72
C ASN A 112 -0.84 -14.41 -8.63
N PRO A 113 0.38 -14.94 -8.35
CA PRO A 113 1.24 -14.35 -7.34
C PRO A 113 1.89 -13.06 -7.85
N GLN A 114 1.59 -12.74 -9.10
CA GLN A 114 2.13 -11.54 -9.72
C GLN A 114 1.18 -10.37 -9.52
N LEU A 115 1.71 -9.33 -8.89
CA LEU A 115 0.92 -8.14 -8.62
C LEU A 115 0.98 -7.21 -9.84
N ASP A 116 -0.10 -6.48 -10.03
CA ASP A 116 -0.17 -5.54 -11.15
C ASP A 116 0.06 -4.12 -10.65
N ILE A 117 1.32 -3.72 -10.66
CA ILE A 117 1.70 -2.40 -10.21
C ILE A 117 2.07 -1.54 -11.42
N SER A 118 3.02 -2.04 -12.19
CA SER A 118 3.47 -1.32 -13.38
C SER A 118 3.90 -2.32 -14.45
N PRO A 119 3.46 -2.04 -15.71
CA PRO A 119 3.79 -2.90 -16.82
C PRO A 119 5.25 -2.71 -17.25
N PRO A 120 5.96 -3.86 -17.39
CA PRO A 120 7.36 -3.83 -17.80
C PRO A 120 7.50 -3.53 -19.29
N CYS A 121 7.52 -2.23 -19.60
CA CYS A 121 7.64 -1.79 -20.97
C CYS A 121 9.09 -1.33 -21.20
N LEU A 122 9.99 -2.30 -21.22
CA LEU A 122 11.40 -2.01 -21.43
C LEU A 122 11.75 -2.22 -22.90
N GLY A 123 12.31 -1.18 -23.50
CA GLY A 123 12.70 -1.24 -24.90
C GLY A 123 14.22 -1.17 -25.06
N GLY A 1 7.28 52.52 16.94
CA GLY A 1 8.65 52.16 17.28
C GLY A 1 9.57 52.25 16.06
N SER A 2 10.80 51.79 16.26
CA SER A 2 11.78 51.81 15.18
C SER A 2 13.12 51.26 15.69
N SER A 3 13.54 50.17 15.08
CA SER A 3 14.79 49.53 15.46
C SER A 3 15.22 48.53 14.38
N GLY A 4 16.44 48.05 14.52
CA GLY A 4 16.98 47.09 13.58
C GLY A 4 18.05 46.21 14.22
N SER A 5 18.53 45.24 13.46
CA SER A 5 19.56 44.34 13.94
C SER A 5 19.93 43.33 12.86
N SER A 6 21.00 42.59 13.12
CA SER A 6 21.48 41.60 12.18
C SER A 6 21.82 40.30 12.91
N GLY A 7 22.10 39.27 12.12
CA GLY A 7 22.44 37.98 12.68
C GLY A 7 23.08 37.07 11.61
N MET A 8 23.93 36.18 12.08
CA MET A 8 24.61 35.25 11.18
C MET A 8 25.21 34.07 11.96
N ALA A 9 25.02 32.89 11.40
CA ALA A 9 25.52 31.68 12.02
C ALA A 9 25.27 30.49 11.09
N THR A 10 26.34 30.08 10.41
CA THR A 10 26.24 28.95 9.49
C THR A 10 27.21 27.85 9.91
N ARG A 11 26.73 26.61 9.79
CA ARG A 11 27.54 25.46 10.16
C ARG A 11 27.00 24.21 9.47
N SER A 12 27.92 23.44 8.90
CA SER A 12 27.55 22.21 8.21
C SER A 12 28.81 21.51 7.69
N CYS A 13 29.02 20.30 8.20
CA CYS A 13 30.18 19.52 7.79
C CYS A 13 30.08 18.14 8.46
N VAL A 14 31.00 17.27 8.09
CA VAL A 14 31.03 15.92 8.62
C VAL A 14 29.67 15.26 8.39
N SER A 15 29.60 14.49 7.31
CA SER A 15 28.38 13.79 6.97
C SER A 15 28.68 12.33 6.62
N ARG A 16 27.86 11.45 7.18
CA ARG A 16 28.04 10.02 6.95
C ARG A 16 27.24 9.59 5.71
N GLY A 17 27.95 9.01 4.76
CA GLY A 17 27.32 8.55 3.54
C GLY A 17 26.96 7.07 3.63
N SER A 18 25.68 6.78 3.42
CA SER A 18 25.20 5.41 3.48
C SER A 18 23.74 5.35 3.02
N ALA A 19 23.48 4.45 2.10
CA ALA A 19 22.14 4.28 1.57
C ALA A 19 21.55 2.97 2.09
N GLY A 20 20.23 2.93 2.12
CA GLY A 20 19.52 1.74 2.60
C GLY A 20 18.67 1.13 1.49
N SER A 21 17.39 0.96 1.80
CA SER A 21 16.45 0.38 0.85
C SER A 21 16.61 1.07 -0.51
N ALA A 22 16.10 0.40 -1.53
CA ALA A 22 16.18 0.92 -2.89
C ALA A 22 15.39 2.23 -2.96
N ALA A 23 14.09 2.13 -2.73
CA ALA A 23 13.23 3.29 -2.76
C ALA A 23 12.10 3.11 -1.73
N ALA A 24 12.25 3.82 -0.61
CA ALA A 24 11.26 3.75 0.45
C ALA A 24 11.66 4.70 1.57
N GLY A 25 10.93 4.60 2.68
CA GLY A 25 11.19 5.45 3.82
C GLY A 25 10.90 4.71 5.13
N PRO A 26 10.95 5.48 6.25
CA PRO A 26 10.68 4.91 7.56
C PRO A 26 9.19 4.66 7.76
N VAL A 27 8.39 5.37 6.97
CA VAL A 27 6.95 5.24 7.05
C VAL A 27 6.52 3.94 6.37
N GLU A 28 6.78 3.89 5.07
CA GLU A 28 6.43 2.71 4.28
C GLU A 28 6.92 1.44 4.99
N ALA A 29 8.22 1.37 5.17
CA ALA A 29 8.83 0.23 5.83
C ALA A 29 7.98 -0.18 7.02
N ALA A 30 7.65 0.81 7.84
CA ALA A 30 6.85 0.57 9.03
C ALA A 30 5.51 -0.05 8.61
N ILE A 31 4.82 0.65 7.71
CA ILE A 31 3.54 0.18 7.23
C ILE A 31 3.59 -1.34 7.03
N ARG A 32 4.71 -1.80 6.48
CA ARG A 32 4.89 -3.21 6.24
C ARG A 32 5.27 -3.93 7.54
N ALA A 33 6.40 -3.51 8.10
CA ALA A 33 6.87 -4.11 9.33
C ALA A 33 5.69 -4.36 10.27
N LYS A 34 4.73 -3.45 10.20
CA LYS A 34 3.54 -3.55 11.04
C LYS A 34 2.71 -4.74 10.57
N LEU A 35 2.09 -4.57 9.41
CA LEU A 35 1.25 -5.61 8.83
C LEU A 35 2.03 -6.93 8.85
N GLU A 36 3.34 -6.82 8.87
CA GLU A 36 4.20 -7.99 8.89
C GLU A 36 3.98 -8.80 10.17
N GLN A 37 3.85 -8.07 11.27
CA GLN A 37 3.63 -8.69 12.57
C GLN A 37 2.18 -8.53 13.00
N ALA A 38 1.43 -7.81 12.19
CA ALA A 38 0.02 -7.57 12.47
C ALA A 38 -0.84 -8.53 11.64
N LEU A 39 -0.16 -9.27 10.78
CA LEU A 39 -0.85 -10.23 9.92
C LEU A 39 0.09 -11.41 9.64
N SER A 40 1.32 -11.09 9.30
CA SER A 40 2.31 -12.11 9.01
C SER A 40 1.86 -12.95 7.82
N PRO A 41 1.62 -12.25 6.68
CA PRO A 41 1.19 -12.92 5.46
C PRO A 41 2.35 -13.68 4.80
N GLU A 42 2.02 -14.37 3.72
CA GLU A 42 3.02 -15.14 3.00
C GLU A 42 3.69 -14.26 1.93
N VAL A 43 3.03 -13.16 1.62
CA VAL A 43 3.55 -12.24 0.62
C VAL A 43 3.10 -10.82 0.98
N LEU A 44 4.05 -10.03 1.44
CA LEU A 44 3.77 -8.64 1.81
C LEU A 44 4.68 -7.72 1.02
N GLU A 45 4.20 -7.35 -0.17
CA GLU A 45 4.95 -6.46 -1.03
C GLU A 45 4.47 -5.01 -0.86
N LEU A 46 5.43 -4.09 -0.94
CA LEU A 46 5.13 -2.69 -0.79
C LEU A 46 6.17 -1.86 -1.53
N ARG A 47 5.70 -0.85 -2.24
CA ARG A 47 6.58 0.02 -2.99
C ARG A 47 5.90 1.36 -3.26
N ASN A 48 6.71 2.34 -3.64
CA ASN A 48 6.20 3.67 -3.94
C ASN A 48 5.95 3.80 -5.44
N GLU A 49 4.71 4.12 -5.78
CA GLU A 49 4.34 4.29 -7.16
C GLU A 49 4.13 5.76 -7.50
N SER A 50 3.34 6.42 -6.67
CA SER A 50 3.06 7.83 -6.86
C SER A 50 1.94 8.02 -7.89
N GLY A 51 2.23 7.60 -9.11
CA GLY A 51 1.26 7.70 -10.19
C GLY A 51 1.70 8.73 -11.22
N GLY A 52 1.23 9.95 -11.04
CA GLY A 52 1.56 11.04 -11.94
C GLY A 52 0.86 12.34 -11.53
N HIS A 53 1.62 13.23 -10.93
CA HIS A 53 1.09 14.50 -10.49
C HIS A 53 2.24 15.48 -10.22
N ALA A 54 1.87 16.62 -9.65
CA ALA A 54 2.86 17.64 -9.35
C ALA A 54 3.28 17.52 -7.88
N VAL A 55 3.72 16.33 -7.53
CA VAL A 55 4.15 16.07 -6.16
C VAL A 55 5.67 15.88 -6.14
N PRO A 56 6.26 16.14 -4.94
CA PRO A 56 7.70 16.01 -4.77
C PRO A 56 8.11 14.54 -4.68
N ALA A 57 9.34 14.27 -5.11
CA ALA A 57 9.87 12.92 -5.10
C ALA A 57 9.64 12.31 -3.71
N GLY A 58 9.01 11.13 -3.71
CA GLY A 58 8.72 10.43 -2.48
C GLY A 58 7.82 11.27 -1.57
N SER A 59 6.67 11.63 -2.12
CA SER A 59 5.71 12.43 -1.38
C SER A 59 4.88 11.52 -0.46
N GLU A 60 5.26 10.25 -0.43
CA GLU A 60 4.57 9.29 0.40
C GLU A 60 3.06 9.54 0.37
N THR A 61 2.46 9.23 -0.76
CA THR A 61 1.02 9.42 -0.93
C THR A 61 0.40 8.23 -1.63
N HIS A 62 0.73 8.09 -2.91
CA HIS A 62 0.22 6.99 -3.70
C HIS A 62 1.10 5.75 -3.51
N PHE A 63 0.66 4.89 -2.61
CA PHE A 63 1.39 3.67 -2.32
C PHE A 63 0.62 2.44 -2.80
N ARG A 64 1.26 1.29 -2.66
CA ARG A 64 0.64 0.04 -3.08
C ARG A 64 1.23 -1.13 -2.28
N VAL A 65 0.40 -1.68 -1.40
CA VAL A 65 0.83 -2.80 -0.57
C VAL A 65 0.04 -4.05 -0.98
N ALA A 66 0.75 -5.17 -1.04
CA ALA A 66 0.13 -6.43 -1.41
C ALA A 66 0.28 -7.42 -0.25
N VAL A 67 -0.80 -7.53 0.52
CA VAL A 67 -0.81 -8.43 1.66
C VAL A 67 -1.37 -9.78 1.23
N VAL A 68 -0.70 -10.84 1.66
CA VAL A 68 -1.13 -12.18 1.33
C VAL A 68 -1.18 -13.03 2.61
N SER A 69 -2.32 -12.94 3.29
CA SER A 69 -2.51 -13.69 4.52
C SER A 69 -3.86 -14.41 4.48
N SER A 70 -4.03 -15.32 5.42
CA SER A 70 -5.27 -16.09 5.52
C SER A 70 -6.26 -15.37 6.42
N ARG A 71 -5.80 -14.26 6.99
CA ARG A 71 -6.64 -13.46 7.87
C ARG A 71 -7.88 -12.97 7.12
N PHE A 72 -7.72 -12.80 5.81
CA PHE A 72 -8.81 -12.34 4.98
C PHE A 72 -9.51 -13.52 4.29
N GLU A 73 -9.67 -14.60 5.04
CA GLU A 73 -10.32 -15.79 4.52
C GLU A 73 -11.83 -15.68 4.69
N GLY A 74 -12.48 -15.21 3.63
CA GLY A 74 -13.93 -15.05 3.64
C GLY A 74 -14.32 -13.62 4.00
N MET A 75 -13.59 -13.06 4.96
CA MET A 75 -13.85 -11.70 5.40
C MET A 75 -14.24 -10.81 4.21
N SER A 76 -15.06 -9.81 4.50
CA SER A 76 -15.51 -8.89 3.48
C SER A 76 -14.31 -8.18 2.86
N PRO A 77 -14.60 -7.40 1.78
CA PRO A 77 -13.54 -6.66 1.09
C PRO A 77 -13.09 -5.44 1.90
N LEU A 78 -14.07 -4.80 2.54
CA LEU A 78 -13.78 -3.63 3.35
C LEU A 78 -13.03 -4.06 4.62
N GLN A 79 -13.69 -4.93 5.38
CA GLN A 79 -13.11 -5.43 6.61
C GLN A 79 -11.60 -5.66 6.43
N ARG A 80 -11.25 -6.15 5.25
CA ARG A 80 -9.85 -6.41 4.94
C ARG A 80 -9.02 -5.14 5.09
N HIS A 81 -9.26 -4.20 4.19
CA HIS A 81 -8.54 -2.94 4.21
C HIS A 81 -8.58 -2.35 5.62
N ARG A 82 -9.74 -2.47 6.25
CA ARG A 82 -9.94 -1.96 7.60
C ARG A 82 -8.85 -2.50 8.52
N LEU A 83 -8.75 -3.82 8.55
CA LEU A 83 -7.76 -4.48 9.39
C LEU A 83 -6.41 -3.80 9.20
N VAL A 84 -6.17 -3.33 7.98
CA VAL A 84 -4.93 -2.67 7.65
C VAL A 84 -5.01 -1.20 8.07
N HIS A 85 -6.04 -0.53 7.59
CA HIS A 85 -6.24 0.87 7.91
C HIS A 85 -6.17 1.06 9.43
N GLU A 86 -6.78 0.12 10.14
CA GLU A 86 -6.79 0.18 11.59
C GLU A 86 -5.37 0.10 12.14
N ALA A 87 -4.61 -0.83 11.59
CA ALA A 87 -3.24 -1.03 12.01
C ALA A 87 -2.41 0.19 11.60
N LEU A 88 -2.64 0.63 10.38
CA LEU A 88 -1.92 1.79 9.85
C LEU A 88 -2.91 2.91 9.55
N SER A 89 -3.58 3.36 10.61
CA SER A 89 -4.56 4.42 10.48
C SER A 89 -3.85 5.78 10.42
N GLU A 90 -2.83 5.92 11.25
CA GLU A 90 -2.07 7.14 11.30
C GLU A 90 -1.25 7.33 10.03
N GLU A 91 -1.15 6.23 9.28
CA GLU A 91 -0.39 6.25 8.03
C GLU A 91 -1.25 6.85 6.90
N LEU A 92 -2.54 6.57 6.98
CA LEU A 92 -3.47 7.07 5.98
C LEU A 92 -4.26 8.24 6.57
N ALA A 93 -3.86 8.64 7.76
CA ALA A 93 -4.52 9.74 8.45
C ALA A 93 -3.49 10.83 8.79
N GLY A 94 -2.60 11.05 7.84
CA GLY A 94 -1.55 12.05 8.01
C GLY A 94 -0.60 12.08 6.82
N PRO A 95 0.30 11.05 6.78
CA PRO A 95 1.26 10.94 5.71
C PRO A 95 0.60 10.46 4.42
N VAL A 96 0.43 9.14 4.34
CA VAL A 96 -0.18 8.54 3.17
C VAL A 96 -1.60 9.10 2.99
N HIS A 97 -1.99 9.25 1.73
CA HIS A 97 -3.30 9.78 1.42
C HIS A 97 -4.15 8.69 0.75
N ALA A 98 -3.61 8.16 -0.34
CA ALA A 98 -4.30 7.11 -1.08
C ALA A 98 -3.34 5.94 -1.30
N LEU A 99 -3.54 4.89 -0.51
CA LEU A 99 -2.70 3.71 -0.61
C LEU A 99 -3.56 2.52 -1.07
N ALA A 100 -3.27 2.06 -2.27
CA ALA A 100 -4.01 0.93 -2.83
C ALA A 100 -3.54 -0.36 -2.17
N ILE A 101 -4.31 -0.80 -1.19
CA ILE A 101 -3.98 -2.02 -0.46
C ILE A 101 -4.52 -3.23 -1.24
N GLN A 102 -3.78 -4.33 -1.16
CA GLN A 102 -4.17 -5.54 -1.85
C GLN A 102 -4.37 -6.68 -0.84
N ALA A 103 -5.63 -6.87 -0.46
CA ALA A 103 -5.98 -7.91 0.49
C ALA A 103 -6.34 -9.18 -0.26
N LYS A 104 -5.47 -10.18 -0.16
CA LYS A 104 -5.68 -11.45 -0.82
C LYS A 104 -5.35 -12.59 0.13
N THR A 105 -5.68 -13.80 -0.29
CA THR A 105 -5.43 -14.98 0.52
C THR A 105 -4.27 -15.79 -0.07
N PRO A 106 -3.74 -16.72 0.77
CA PRO A 106 -2.63 -17.56 0.35
C PRO A 106 -3.12 -18.65 -0.61
N ALA A 107 -4.42 -18.63 -0.88
CA ALA A 107 -5.01 -19.60 -1.77
C ALA A 107 -5.33 -18.94 -3.12
N GLN A 108 -5.33 -17.61 -3.09
CA GLN A 108 -5.63 -16.84 -4.29
C GLN A 108 -4.33 -16.33 -4.92
N TRP A 109 -3.40 -15.95 -4.05
CA TRP A 109 -2.11 -15.45 -4.50
C TRP A 109 -1.47 -16.51 -5.40
N ARG A 110 -1.77 -17.76 -5.08
CA ARG A 110 -1.24 -18.88 -5.84
C ARG A 110 -1.75 -18.83 -7.28
N GLU A 111 -3.06 -18.69 -7.40
CA GLU A 111 -3.69 -18.63 -8.72
C GLU A 111 -3.06 -17.51 -9.56
N ASN A 112 -3.02 -16.33 -8.97
CA ASN A 112 -2.46 -15.17 -9.65
C ASN A 112 -1.73 -14.28 -8.62
N PRO A 113 -0.44 -14.62 -8.39
CA PRO A 113 0.37 -13.86 -7.44
C PRO A 113 0.79 -12.51 -8.03
N GLN A 114 0.73 -12.44 -9.35
CA GLN A 114 1.09 -11.22 -10.05
C GLN A 114 0.13 -10.09 -9.69
N LEU A 115 0.66 -9.08 -9.02
CA LEU A 115 -0.15 -7.95 -8.61
C LEU A 115 -0.39 -7.04 -9.81
N ASP A 116 -1.18 -6.00 -9.59
CA ASP A 116 -1.50 -5.06 -10.64
C ASP A 116 -1.18 -3.64 -10.17
N ILE A 117 0.10 -3.31 -10.19
CA ILE A 117 0.55 -2.00 -9.77
C ILE A 117 0.70 -1.10 -10.99
N SER A 118 1.88 -1.17 -11.60
CA SER A 118 2.18 -0.37 -12.78
C SER A 118 2.83 -1.23 -13.85
N PRO A 119 2.53 -0.90 -15.13
CA PRO A 119 3.09 -1.63 -16.25
C PRO A 119 4.56 -1.27 -16.47
N PRO A 120 5.34 -2.30 -16.89
CA PRO A 120 6.76 -2.09 -17.14
C PRO A 120 6.98 -1.35 -18.45
N CYS A 121 8.26 -1.21 -18.81
CA CYS A 121 8.62 -0.51 -20.03
C CYS A 121 10.12 -0.70 -20.28
N LEU A 122 10.43 -1.84 -20.88
CA LEU A 122 11.83 -2.16 -21.17
C LEU A 122 12.54 -0.90 -21.65
N GLY A 123 12.16 -0.46 -22.84
CA GLY A 123 12.75 0.72 -23.44
C GLY A 123 14.28 0.64 -23.41
N GLY A 1 -18.80 -10.73 9.79
CA GLY A 1 -19.74 -10.24 8.79
C GLY A 1 -20.56 -9.08 9.36
N SER A 2 -20.90 -8.16 8.47
CA SER A 2 -21.69 -7.01 8.86
C SER A 2 -21.96 -6.11 7.65
N SER A 3 -23.21 -5.71 7.51
CA SER A 3 -23.61 -4.85 6.41
C SER A 3 -23.48 -3.39 6.81
N GLY A 4 -23.09 -2.57 5.83
CA GLY A 4 -22.93 -1.14 6.07
C GLY A 4 -23.21 -0.34 4.80
N SER A 5 -23.38 0.96 4.98
CA SER A 5 -23.66 1.85 3.87
C SER A 5 -22.37 2.51 3.40
N SER A 6 -21.92 2.09 2.22
CA SER A 6 -20.71 2.65 1.65
C SER A 6 -20.90 2.89 0.15
N GLY A 7 -19.88 3.50 -0.45
CA GLY A 7 -19.92 3.80 -1.88
C GLY A 7 -20.61 5.15 -2.13
N MET A 8 -19.89 6.21 -1.76
CA MET A 8 -20.41 7.55 -1.94
C MET A 8 -19.71 8.25 -3.12
N ALA A 9 -20.47 8.45 -4.18
CA ALA A 9 -19.94 9.10 -5.37
C ALA A 9 -18.76 8.29 -5.91
N THR A 10 -18.51 8.46 -7.20
CA THR A 10 -17.41 7.76 -7.84
C THR A 10 -16.06 8.26 -7.30
N ARG A 11 -15.04 7.44 -7.49
CA ARG A 11 -13.71 7.78 -7.03
C ARG A 11 -12.87 8.31 -8.21
N SER A 12 -11.91 9.15 -7.86
CA SER A 12 -11.03 9.73 -8.86
C SER A 12 -10.58 8.66 -9.85
N CYS A 13 -10.52 9.05 -11.11
CA CYS A 13 -10.10 8.13 -12.16
C CYS A 13 -9.04 8.82 -13.02
N VAL A 14 -8.32 8.02 -13.77
CA VAL A 14 -7.28 8.54 -14.65
C VAL A 14 -6.19 9.19 -13.79
N SER A 15 -4.94 8.90 -14.16
CA SER A 15 -3.81 9.45 -13.44
C SER A 15 -2.54 9.33 -14.28
N ARG A 16 -1.98 10.49 -14.61
CA ARG A 16 -0.78 10.52 -15.42
C ARG A 16 0.39 9.89 -14.66
N GLY A 17 1.36 9.39 -15.42
CA GLY A 17 2.53 8.76 -14.84
C GLY A 17 3.05 7.64 -15.74
N SER A 18 4.36 7.61 -15.89
CA SER A 18 5.00 6.61 -16.73
C SER A 18 6.49 6.48 -16.35
N ALA A 19 7.18 7.60 -16.43
CA ALA A 19 8.60 7.63 -16.11
C ALA A 19 8.80 8.37 -14.79
N GLY A 20 9.25 7.62 -13.79
CA GLY A 20 9.49 8.18 -12.48
C GLY A 20 9.36 7.13 -11.39
N SER A 21 10.51 6.65 -10.92
CA SER A 21 10.54 5.64 -9.88
C SER A 21 11.25 6.17 -8.64
N ALA A 22 10.55 6.11 -7.52
CA ALA A 22 11.10 6.58 -6.26
C ALA A 22 11.48 5.38 -5.39
N ALA A 23 12.10 5.69 -4.25
CA ALA A 23 12.52 4.66 -3.33
C ALA A 23 11.65 4.71 -2.08
N ALA A 24 11.49 3.56 -1.44
CA ALA A 24 10.70 3.47 -0.23
C ALA A 24 11.24 4.45 0.81
N GLY A 25 10.65 4.40 2.00
CA GLY A 25 11.07 5.27 3.08
C GLY A 25 10.84 4.60 4.43
N PRO A 26 10.97 5.42 5.51
CA PRO A 26 10.79 4.92 6.86
C PRO A 26 9.31 4.72 7.17
N VAL A 27 8.47 5.43 6.41
CA VAL A 27 7.04 5.34 6.60
C VAL A 27 6.52 4.06 5.92
N GLU A 28 6.74 4.01 4.62
CA GLU A 28 6.30 2.85 3.83
C GLU A 28 6.77 1.56 4.50
N ALA A 29 8.07 1.49 4.73
CA ALA A 29 8.66 0.32 5.36
C ALA A 29 7.83 -0.07 6.59
N ALA A 30 7.53 0.94 7.39
CA ALA A 30 6.76 0.72 8.59
C ALA A 30 5.40 0.10 8.22
N ILE A 31 4.72 0.76 7.29
CA ILE A 31 3.42 0.30 6.85
C ILE A 31 3.46 -1.23 6.67
N ARG A 32 4.58 -1.70 6.15
CA ARG A 32 4.76 -3.13 5.93
C ARG A 32 5.22 -3.80 7.23
N ALA A 33 6.37 -3.38 7.71
CA ALA A 33 6.92 -3.93 8.93
C ALA A 33 5.80 -4.16 9.94
N LYS A 34 4.81 -3.28 9.88
CA LYS A 34 3.67 -3.37 10.78
C LYS A 34 2.83 -4.60 10.40
N LEU A 35 2.16 -4.50 9.26
CA LEU A 35 1.32 -5.58 8.79
C LEU A 35 2.12 -6.88 8.81
N GLU A 36 3.44 -6.73 8.77
CA GLU A 36 4.32 -7.89 8.79
C GLU A 36 4.19 -8.64 10.13
N GLN A 37 4.12 -7.86 11.19
CA GLN A 37 4.00 -8.43 12.52
C GLN A 37 2.57 -8.27 13.04
N ALA A 38 1.76 -7.58 12.24
CA ALA A 38 0.38 -7.35 12.61
C ALA A 38 -0.52 -8.33 11.85
N LEU A 39 0.11 -9.11 10.98
CA LEU A 39 -0.61 -10.09 10.19
C LEU A 39 0.30 -11.27 9.87
N SER A 40 1.52 -10.93 9.45
CA SER A 40 2.50 -11.95 9.11
C SER A 40 1.96 -12.84 7.99
N PRO A 41 1.66 -12.20 6.84
CA PRO A 41 1.13 -12.92 5.69
C PRO A 41 2.25 -13.71 4.99
N GLU A 42 1.86 -14.36 3.91
CA GLU A 42 2.81 -15.15 3.14
C GLU A 42 3.50 -14.29 2.08
N VAL A 43 2.85 -13.18 1.77
CA VAL A 43 3.37 -12.26 0.78
C VAL A 43 2.89 -10.84 1.09
N LEU A 44 3.79 -10.05 1.66
CA LEU A 44 3.47 -8.68 2.02
C LEU A 44 4.34 -7.73 1.21
N GLU A 45 3.91 -7.48 -0.02
CA GLU A 45 4.64 -6.60 -0.90
C GLU A 45 4.18 -5.15 -0.71
N LEU A 46 5.14 -4.24 -0.83
CA LEU A 46 4.85 -2.83 -0.66
C LEU A 46 5.85 -2.01 -1.49
N ARG A 47 5.31 -1.01 -2.19
CA ARG A 47 6.14 -0.15 -3.01
C ARG A 47 5.46 1.21 -3.18
N ASN A 48 6.21 2.13 -3.80
CA ASN A 48 5.70 3.46 -4.03
C ASN A 48 5.36 3.62 -5.52
N GLU A 49 4.35 4.46 -5.78
CA GLU A 49 3.92 4.70 -7.14
C GLU A 49 4.12 6.17 -7.50
N SER A 50 3.47 7.03 -6.72
CA SER A 50 3.56 8.47 -6.95
C SER A 50 3.50 8.76 -8.44
N GLY A 51 2.29 8.96 -8.93
CA GLY A 51 2.09 9.24 -10.35
C GLY A 51 1.65 10.69 -10.55
N GLY A 52 0.43 10.84 -11.04
CA GLY A 52 -0.12 12.17 -11.29
C GLY A 52 -0.87 12.69 -10.06
N HIS A 53 -0.31 13.73 -9.46
CA HIS A 53 -0.92 14.32 -8.28
C HIS A 53 -0.05 15.47 -7.77
N ALA A 54 -0.70 16.49 -7.25
CA ALA A 54 0.01 17.64 -6.72
C ALA A 54 0.86 17.21 -5.52
N VAL A 55 2.00 16.61 -5.84
CA VAL A 55 2.91 16.15 -4.80
C VAL A 55 4.35 16.41 -5.24
N PRO A 56 5.27 16.40 -4.23
CA PRO A 56 6.68 16.64 -4.51
C PRO A 56 7.32 15.40 -5.15
N ALA A 57 8.65 15.42 -5.18
CA ALA A 57 9.40 14.31 -5.76
C ALA A 57 9.17 13.05 -4.92
N GLY A 58 8.64 12.03 -5.58
CA GLY A 58 8.38 10.76 -4.91
C GLY A 58 7.15 10.87 -4.01
N SER A 59 7.18 11.86 -3.13
CA SER A 59 6.07 12.09 -2.21
C SER A 59 5.74 10.79 -1.47
N GLU A 60 4.85 10.91 -0.50
CA GLU A 60 4.45 9.76 0.29
C GLU A 60 2.94 9.81 0.56
N THR A 61 2.18 10.01 -0.50
CA THR A 61 0.74 10.08 -0.39
C THR A 61 0.08 8.98 -1.20
N HIS A 62 0.90 8.29 -1.99
CA HIS A 62 0.41 7.20 -2.82
C HIS A 62 1.34 6.00 -2.68
N PHE A 63 0.75 4.86 -2.37
CA PHE A 63 1.51 3.64 -2.20
C PHE A 63 0.69 2.42 -2.64
N ARG A 64 1.37 1.28 -2.72
CA ARG A 64 0.73 0.05 -3.12
C ARG A 64 1.23 -1.12 -2.28
N VAL A 65 0.33 -1.64 -1.44
CA VAL A 65 0.68 -2.76 -0.57
C VAL A 65 -0.10 -3.99 -1.03
N ALA A 66 0.56 -5.14 -0.89
CA ALA A 66 -0.05 -6.40 -1.27
C ALA A 66 0.11 -7.41 -0.13
N VAL A 67 -0.94 -7.57 0.64
CA VAL A 67 -0.93 -8.49 1.75
C VAL A 67 -1.49 -9.84 1.30
N VAL A 68 -0.86 -10.90 1.77
CA VAL A 68 -1.28 -12.24 1.42
C VAL A 68 -1.34 -13.10 2.69
N SER A 69 -2.49 -13.02 3.35
CA SER A 69 -2.69 -13.78 4.57
C SER A 69 -4.05 -14.50 4.53
N SER A 70 -4.21 -15.45 5.44
CA SER A 70 -5.45 -16.20 5.52
C SER A 70 -6.49 -15.44 6.33
N ARG A 71 -6.05 -14.33 6.90
CA ARG A 71 -6.92 -13.50 7.71
C ARG A 71 -8.18 -13.14 6.93
N PHE A 72 -7.98 -12.81 5.65
CA PHE A 72 -9.09 -12.44 4.79
C PHE A 72 -9.59 -13.66 4.01
N GLU A 73 -9.78 -14.76 4.73
CA GLU A 73 -10.25 -15.98 4.11
C GLU A 73 -11.78 -15.97 4.03
N GLY A 74 -12.30 -15.01 3.29
CA GLY A 74 -13.74 -14.88 3.12
C GLY A 74 -14.24 -13.54 3.68
N MET A 75 -13.38 -12.90 4.45
CA MET A 75 -13.72 -11.63 5.04
C MET A 75 -14.33 -10.68 4.01
N SER A 76 -14.80 -9.54 4.50
CA SER A 76 -15.42 -8.55 3.62
C SER A 76 -14.33 -7.78 2.87
N PRO A 77 -14.77 -7.11 1.77
CA PRO A 77 -13.85 -6.34 0.95
C PRO A 77 -13.49 -5.02 1.65
N LEU A 78 -14.37 -4.59 2.53
CA LEU A 78 -14.14 -3.36 3.28
C LEU A 78 -13.29 -3.64 4.51
N GLN A 79 -13.69 -4.67 5.23
CA GLN A 79 -12.97 -5.06 6.43
C GLN A 79 -11.48 -5.23 6.13
N ARG A 80 -11.20 -6.00 5.09
CA ARG A 80 -9.83 -6.24 4.68
C ARG A 80 -8.99 -4.96 4.83
N HIS A 81 -9.37 -3.95 4.05
CA HIS A 81 -8.67 -2.69 4.09
C HIS A 81 -8.61 -2.17 5.52
N ARG A 82 -9.69 -2.44 6.25
CA ARG A 82 -9.77 -2.01 7.65
C ARG A 82 -8.68 -2.68 8.48
N LEU A 83 -8.55 -3.98 8.30
CA LEU A 83 -7.54 -4.75 9.02
C LEU A 83 -6.21 -4.01 8.96
N VAL A 84 -5.81 -3.67 7.74
CA VAL A 84 -4.56 -2.97 7.52
C VAL A 84 -4.65 -1.59 8.17
N HIS A 85 -5.63 -0.82 7.73
CA HIS A 85 -5.83 0.52 8.26
C HIS A 85 -5.71 0.49 9.78
N GLU A 86 -6.57 -0.32 10.39
CA GLU A 86 -6.57 -0.44 11.84
C GLU A 86 -5.14 -0.44 12.37
N ALA A 87 -4.27 -1.16 11.68
CA ALA A 87 -2.88 -1.25 12.07
C ALA A 87 -2.17 0.06 11.71
N LEU A 88 -2.49 0.56 10.52
CA LEU A 88 -1.88 1.78 10.05
C LEU A 88 -2.97 2.85 9.88
N SER A 89 -3.57 3.20 11.01
CA SER A 89 -4.62 4.20 11.01
C SER A 89 -4.02 5.61 10.89
N GLU A 90 -2.92 5.79 11.59
CA GLU A 90 -2.23 7.07 11.58
C GLU A 90 -1.62 7.33 10.20
N GLU A 91 -1.24 6.25 9.54
CA GLU A 91 -0.65 6.34 8.22
C GLU A 91 -1.64 6.97 7.24
N LEU A 92 -2.78 6.32 7.10
CA LEU A 92 -3.82 6.80 6.20
C LEU A 92 -4.26 8.21 6.64
N ALA A 93 -4.11 8.46 7.92
CA ALA A 93 -4.48 9.75 8.48
C ALA A 93 -3.21 10.54 8.82
N GLY A 94 -2.46 10.83 7.77
CA GLY A 94 -1.22 11.58 7.95
C GLY A 94 -0.48 11.72 6.61
N PRO A 95 0.59 10.88 6.46
CA PRO A 95 1.39 10.90 5.24
C PRO A 95 0.64 10.22 4.09
N VAL A 96 0.10 9.05 4.38
CA VAL A 96 -0.63 8.29 3.39
C VAL A 96 -2.04 8.87 3.26
N HIS A 97 -2.31 9.45 2.09
CA HIS A 97 -3.61 10.03 1.84
C HIS A 97 -4.48 9.03 1.06
N ALA A 98 -3.82 8.29 0.18
CA ALA A 98 -4.51 7.30 -0.63
C ALA A 98 -3.53 6.19 -1.02
N LEU A 99 -3.75 5.02 -0.43
CA LEU A 99 -2.90 3.87 -0.70
C LEU A 99 -3.78 2.69 -1.12
N ALA A 100 -3.46 2.14 -2.28
CA ALA A 100 -4.19 1.01 -2.81
C ALA A 100 -3.71 -0.27 -2.12
N ILE A 101 -4.50 -0.72 -1.15
CA ILE A 101 -4.17 -1.92 -0.42
C ILE A 101 -4.69 -3.14 -1.17
N GLN A 102 -3.90 -4.21 -1.15
CA GLN A 102 -4.27 -5.43 -1.83
C GLN A 102 -4.39 -6.58 -0.82
N ALA A 103 -5.64 -6.85 -0.44
CA ALA A 103 -5.92 -7.91 0.52
C ALA A 103 -6.34 -9.17 -0.24
N LYS A 104 -5.52 -10.21 -0.09
CA LYS A 104 -5.80 -11.47 -0.75
C LYS A 104 -5.57 -12.62 0.24
N THR A 105 -5.67 -13.84 -0.28
CA THR A 105 -5.48 -15.02 0.54
C THR A 105 -4.34 -15.88 -0.01
N PRO A 106 -3.85 -16.81 0.85
CA PRO A 106 -2.77 -17.70 0.46
C PRO A 106 -3.27 -18.79 -0.49
N ALA A 107 -4.57 -18.75 -0.75
CA ALA A 107 -5.19 -19.73 -1.62
C ALA A 107 -5.53 -19.07 -2.96
N GLN A 108 -5.61 -17.74 -2.93
CA GLN A 108 -5.93 -16.99 -4.13
C GLN A 108 -4.65 -16.42 -4.75
N TRP A 109 -3.73 -16.03 -3.88
CA TRP A 109 -2.46 -15.47 -4.32
C TRP A 109 -1.77 -16.51 -5.21
N ARG A 110 -2.09 -17.77 -4.95
CA ARG A 110 -1.52 -18.86 -5.71
C ARG A 110 -1.92 -18.76 -7.18
N GLU A 111 -3.21 -18.52 -7.38
CA GLU A 111 -3.74 -18.39 -8.74
C GLU A 111 -2.95 -17.34 -9.52
N ASN A 112 -2.93 -16.13 -8.98
CA ASN A 112 -2.22 -15.04 -9.62
C ASN A 112 -1.40 -14.28 -8.57
N PRO A 113 -0.21 -14.84 -8.25
CA PRO A 113 0.67 -14.24 -7.28
C PRO A 113 1.36 -12.99 -7.84
N GLN A 114 1.04 -12.70 -9.10
CA GLN A 114 1.62 -11.55 -9.78
C GLN A 114 0.80 -10.30 -9.48
N LEU A 115 1.47 -9.32 -8.90
CA LEU A 115 0.83 -8.06 -8.55
C LEU A 115 0.93 -7.09 -9.73
N ASP A 116 -0.04 -6.20 -9.82
CA ASP A 116 -0.06 -5.21 -10.89
C ASP A 116 0.03 -3.81 -10.28
N ILE A 117 1.23 -3.46 -9.84
CA ILE A 117 1.48 -2.17 -9.25
C ILE A 117 2.13 -1.25 -10.28
N SER A 118 3.05 -1.82 -11.04
CA SER A 118 3.74 -1.08 -12.07
C SER A 118 4.36 -2.03 -13.09
N PRO A 119 4.40 -1.57 -14.37
CA PRO A 119 4.96 -2.38 -15.44
C PRO A 119 6.49 -2.40 -15.37
N PRO A 120 7.07 -3.55 -15.80
CA PRO A 120 8.51 -3.72 -15.78
C PRO A 120 9.16 -2.93 -16.92
N CYS A 121 10.47 -3.09 -17.03
CA CYS A 121 11.22 -2.40 -18.07
C CYS A 121 11.18 -0.90 -17.78
N LEU A 122 12.34 -0.28 -17.86
CA LEU A 122 12.44 1.15 -17.62
C LEU A 122 13.67 1.71 -18.35
N GLY A 123 14.83 1.18 -17.98
CA GLY A 123 16.07 1.61 -18.59
C GLY A 123 16.96 0.41 -18.91
N GLY A 1 39.79 25.78 -43.47
CA GLY A 1 39.60 26.44 -42.18
C GLY A 1 38.21 26.17 -41.63
N SER A 2 38.08 26.33 -40.31
CA SER A 2 36.81 26.10 -39.65
C SER A 2 36.95 26.37 -38.15
N SER A 3 35.80 26.42 -37.48
CA SER A 3 35.79 26.67 -36.05
C SER A 3 34.88 25.65 -35.36
N GLY A 4 34.99 25.61 -34.04
CA GLY A 4 34.19 24.68 -33.25
C GLY A 4 33.86 25.29 -31.89
N SER A 5 33.27 24.45 -31.03
CA SER A 5 32.88 24.89 -29.70
C SER A 5 32.78 23.68 -28.77
N SER A 6 32.73 23.97 -27.48
CA SER A 6 32.62 22.92 -26.48
C SER A 6 31.75 23.40 -25.31
N GLY A 7 31.23 22.43 -24.58
CA GLY A 7 30.39 22.74 -23.43
C GLY A 7 30.12 21.48 -22.60
N MET A 8 30.06 21.67 -21.29
CA MET A 8 29.81 20.57 -20.37
C MET A 8 29.72 21.07 -18.93
N ALA A 9 29.12 20.24 -18.10
CA ALA A 9 28.95 20.58 -16.69
C ALA A 9 28.76 19.30 -15.88
N THR A 10 29.47 19.24 -14.76
CA THR A 10 29.40 18.08 -13.88
C THR A 10 29.74 18.48 -12.44
N ARG A 11 28.80 18.19 -11.54
CA ARG A 11 28.99 18.51 -10.14
C ARG A 11 27.84 17.94 -9.31
N SER A 12 26.64 18.05 -9.86
CA SER A 12 25.45 17.56 -9.19
C SER A 12 25.47 16.02 -9.15
N CYS A 13 25.28 15.49 -7.96
CA CYS A 13 25.28 14.05 -7.77
C CYS A 13 24.80 13.75 -6.35
N VAL A 14 24.01 12.69 -6.24
CA VAL A 14 23.48 12.29 -4.95
C VAL A 14 23.41 10.76 -4.88
N SER A 15 23.95 10.22 -3.79
CA SER A 15 23.96 8.79 -3.59
C SER A 15 24.83 8.12 -4.66
N ARG A 16 25.22 6.89 -4.37
CA ARG A 16 26.06 6.13 -5.29
C ARG A 16 26.58 4.86 -4.62
N GLY A 17 26.85 4.98 -3.34
CA GLY A 17 27.35 3.86 -2.57
C GLY A 17 26.22 3.17 -1.80
N SER A 18 26.36 1.86 -1.62
CA SER A 18 25.37 1.09 -0.91
C SER A 18 24.06 1.06 -1.70
N ALA A 19 23.31 -0.02 -1.53
CA ALA A 19 22.05 -0.17 -2.21
C ALA A 19 21.30 -1.38 -1.63
N GLY A 20 19.99 -1.21 -1.49
CA GLY A 20 19.15 -2.26 -0.95
C GLY A 20 17.71 -2.12 -1.44
N SER A 21 16.86 -1.66 -0.53
CA SER A 21 15.45 -1.46 -0.86
C SER A 21 15.28 -0.22 -1.72
N ALA A 22 15.73 0.91 -1.19
CA ALA A 22 15.63 2.17 -1.91
C ALA A 22 14.16 2.48 -2.17
N ALA A 23 13.94 3.67 -2.71
CA ALA A 23 12.58 4.10 -3.01
C ALA A 23 11.65 3.71 -1.86
N ALA A 24 11.87 4.35 -0.72
CA ALA A 24 11.06 4.08 0.45
C ALA A 24 11.49 5.01 1.59
N GLY A 25 10.86 4.82 2.74
CA GLY A 25 11.16 5.64 3.90
C GLY A 25 10.85 4.90 5.20
N PRO A 26 10.83 5.66 6.31
CA PRO A 26 10.55 5.08 7.62
C PRO A 26 9.05 4.77 7.76
N VAL A 27 8.27 5.40 6.90
CA VAL A 27 6.83 5.20 6.93
C VAL A 27 6.49 3.87 6.27
N GLU A 28 6.71 3.82 4.96
CA GLU A 28 6.43 2.62 4.20
C GLU A 28 6.97 1.39 4.93
N ALA A 29 8.26 1.42 5.22
CA ALA A 29 8.90 0.32 5.91
C ALA A 29 8.03 -0.11 7.09
N ALA A 30 7.64 0.87 7.88
CA ALA A 30 6.79 0.60 9.04
C ALA A 30 5.49 -0.06 8.58
N ILE A 31 4.86 0.57 7.61
CA ILE A 31 3.61 0.06 7.08
C ILE A 31 3.72 -1.45 6.87
N ARG A 32 4.90 -1.86 6.41
CA ARG A 32 5.16 -3.26 6.16
C ARG A 32 5.52 -3.97 7.47
N ALA A 33 6.66 -3.59 8.03
CA ALA A 33 7.13 -4.17 9.26
C ALA A 33 5.95 -4.37 10.22
N LYS A 34 4.98 -3.46 10.10
CA LYS A 34 3.79 -3.52 10.94
C LYS A 34 2.95 -4.73 10.53
N LEU A 35 2.34 -4.61 9.36
CA LEU A 35 1.50 -5.68 8.83
C LEU A 35 2.26 -7.00 8.90
N GLU A 36 3.58 -6.88 8.93
CA GLU A 36 4.44 -8.06 9.00
C GLU A 36 4.17 -8.83 10.29
N GLN A 37 4.10 -8.09 11.39
CA GLN A 37 3.86 -8.70 12.68
C GLN A 37 2.42 -8.43 13.13
N ALA A 38 1.71 -7.66 12.31
CA ALA A 38 0.33 -7.32 12.61
C ALA A 38 -0.60 -8.21 11.77
N LEU A 39 0.02 -9.06 10.97
CA LEU A 39 -0.74 -9.96 10.12
C LEU A 39 0.08 -11.23 9.86
N SER A 40 1.35 -11.02 9.54
CA SER A 40 2.24 -12.13 9.27
C SER A 40 1.78 -12.89 8.03
N PRO A 41 1.68 -12.14 6.90
CA PRO A 41 1.24 -12.74 5.64
C PRO A 41 2.36 -13.59 5.03
N GLU A 42 1.99 -14.30 3.97
CA GLU A 42 2.94 -15.16 3.29
C GLU A 42 3.70 -14.36 2.21
N VAL A 43 3.07 -13.28 1.78
CA VAL A 43 3.66 -12.42 0.77
C VAL A 43 3.25 -10.97 1.02
N LEU A 44 4.20 -10.19 1.49
CA LEU A 44 3.95 -8.78 1.78
C LEU A 44 4.78 -7.91 0.83
N GLU A 45 4.16 -7.52 -0.26
CA GLU A 45 4.82 -6.69 -1.26
C GLU A 45 4.41 -5.23 -1.09
N LEU A 46 5.41 -4.37 -1.05
CA LEU A 46 5.17 -2.94 -0.90
C LEU A 46 6.20 -2.16 -1.71
N ARG A 47 5.71 -1.16 -2.42
CA ARG A 47 6.59 -0.33 -3.25
C ARG A 47 6.04 1.10 -3.32
N ASN A 48 6.81 1.96 -3.98
CA ASN A 48 6.41 3.35 -4.13
C ASN A 48 5.92 3.58 -5.56
N GLU A 49 4.86 4.37 -5.67
CA GLU A 49 4.28 4.68 -6.97
C GLU A 49 4.29 6.20 -7.20
N SER A 50 3.68 6.91 -6.27
CA SER A 50 3.60 8.36 -6.35
C SER A 50 4.94 8.91 -6.84
N GLY A 51 4.85 10.04 -7.54
CA GLY A 51 6.04 10.68 -8.07
C GLY A 51 5.88 10.99 -9.57
N GLY A 52 4.97 11.91 -9.85
CA GLY A 52 4.71 12.30 -11.22
C GLY A 52 3.21 12.25 -11.54
N HIS A 53 2.47 13.12 -10.86
CA HIS A 53 1.03 13.19 -11.06
C HIS A 53 0.47 14.39 -10.30
N ALA A 54 0.79 15.57 -10.80
CA ALA A 54 0.32 16.79 -10.18
C ALA A 54 0.55 16.73 -8.67
N VAL A 55 1.77 16.37 -8.31
CA VAL A 55 2.14 16.26 -6.91
C VAL A 55 3.46 17.00 -6.67
N PRO A 56 3.66 17.41 -5.39
CA PRO A 56 4.86 18.14 -5.01
C PRO A 56 6.06 17.20 -4.93
N ALA A 57 7.24 17.80 -4.88
CA ALA A 57 8.48 17.02 -4.80
C ALA A 57 8.43 16.12 -3.57
N GLY A 58 9.06 14.97 -3.70
CA GLY A 58 9.10 14.02 -2.60
C GLY A 58 7.71 13.76 -2.04
N SER A 59 6.84 13.24 -2.89
CA SER A 59 5.48 12.94 -2.50
C SER A 59 5.35 11.46 -2.12
N GLU A 60 4.35 11.18 -1.29
CA GLU A 60 4.10 9.82 -0.86
C GLU A 60 2.65 9.65 -0.42
N THR A 61 1.75 10.11 -1.28
CA THR A 61 0.33 10.03 -1.01
C THR A 61 -0.29 8.86 -1.76
N HIS A 62 0.51 8.29 -2.67
CA HIS A 62 0.05 7.16 -3.46
C HIS A 62 0.99 5.98 -3.26
N PHE A 63 0.44 4.93 -2.69
CA PHE A 63 1.22 3.72 -2.43
C PHE A 63 0.48 2.48 -2.94
N ARG A 64 1.19 1.36 -2.90
CA ARG A 64 0.61 0.10 -3.35
C ARG A 64 1.21 -1.06 -2.55
N VAL A 65 0.37 -1.62 -1.68
CA VAL A 65 0.79 -2.74 -0.86
C VAL A 65 0.04 -4.00 -1.29
N ALA A 66 0.75 -5.12 -1.21
CA ALA A 66 0.17 -6.40 -1.58
C ALA A 66 0.41 -7.42 -0.46
N VAL A 67 -0.62 -7.63 0.35
CA VAL A 67 -0.53 -8.56 1.44
C VAL A 67 -1.13 -9.90 1.01
N VAL A 68 -0.60 -10.97 1.61
CA VAL A 68 -1.06 -12.31 1.30
C VAL A 68 -1.18 -13.11 2.59
N SER A 69 -2.37 -13.08 3.17
CA SER A 69 -2.63 -13.81 4.41
C SER A 69 -4.04 -14.40 4.38
N SER A 70 -4.26 -15.33 5.30
CA SER A 70 -5.56 -15.98 5.39
C SER A 70 -6.54 -15.08 6.16
N ARG A 71 -5.98 -14.14 6.89
CA ARG A 71 -6.79 -13.21 7.67
C ARG A 71 -7.99 -12.75 6.85
N PHE A 72 -7.74 -12.53 5.57
CA PHE A 72 -8.80 -12.09 4.67
C PHE A 72 -9.46 -13.27 3.96
N GLU A 73 -9.73 -14.30 4.75
CA GLU A 73 -10.35 -15.50 4.21
C GLU A 73 -11.88 -15.33 4.17
N GLY A 74 -12.37 -14.96 3.00
CA GLY A 74 -13.80 -14.77 2.82
C GLY A 74 -14.30 -13.58 3.64
N MET A 75 -13.38 -12.67 3.94
CA MET A 75 -13.71 -11.49 4.71
C MET A 75 -14.24 -10.37 3.82
N SER A 76 -14.98 -9.46 4.44
CA SER A 76 -15.53 -8.34 3.70
C SER A 76 -14.42 -7.55 3.03
N PRO A 77 -14.83 -6.74 2.00
CA PRO A 77 -13.87 -5.93 1.28
C PRO A 77 -13.44 -4.71 2.10
N LEU A 78 -14.33 -4.28 2.96
CA LEU A 78 -14.06 -3.13 3.82
C LEU A 78 -13.21 -3.58 5.01
N GLN A 79 -13.59 -4.73 5.57
CA GLN A 79 -12.87 -5.28 6.70
C GLN A 79 -11.40 -5.46 6.37
N ARG A 80 -11.15 -5.95 5.15
CA ARG A 80 -9.79 -6.16 4.70
C ARG A 80 -8.94 -4.91 4.92
N HIS A 81 -9.26 -3.88 4.15
CA HIS A 81 -8.54 -2.63 4.25
C HIS A 81 -8.59 -2.12 5.69
N ARG A 82 -9.69 -2.45 6.36
CA ARG A 82 -9.87 -2.04 7.74
C ARG A 82 -8.78 -2.64 8.63
N LEU A 83 -8.71 -3.96 8.62
CA LEU A 83 -7.72 -4.67 9.41
C LEU A 83 -6.37 -3.95 9.29
N VAL A 84 -6.12 -3.43 8.10
CA VAL A 84 -4.88 -2.73 7.82
C VAL A 84 -5.00 -1.28 8.32
N HIS A 85 -5.99 -0.59 7.79
CA HIS A 85 -6.22 0.79 8.17
C HIS A 85 -6.19 0.92 9.69
N GLU A 86 -6.70 -0.10 10.36
CA GLU A 86 -6.74 -0.11 11.81
C GLU A 86 -5.32 -0.19 12.37
N ALA A 87 -4.53 -1.07 11.77
CA ALA A 87 -3.15 -1.25 12.20
C ALA A 87 -2.33 -0.02 11.80
N LEU A 88 -2.58 0.45 10.59
CA LEU A 88 -1.87 1.61 10.08
C LEU A 88 -2.89 2.71 9.73
N SER A 89 -3.58 3.18 10.77
CA SER A 89 -4.57 4.22 10.59
C SER A 89 -3.89 5.59 10.53
N GLU A 90 -2.80 5.71 11.27
CA GLU A 90 -2.04 6.95 11.31
C GLU A 90 -1.32 7.18 9.98
N GLU A 91 -1.09 6.09 9.27
CA GLU A 91 -0.41 6.15 8.00
C GLU A 91 -1.31 6.79 6.94
N LEU A 92 -2.59 6.43 7.01
CA LEU A 92 -3.56 6.95 6.07
C LEU A 92 -4.34 8.09 6.73
N ALA A 93 -3.88 8.46 7.92
CA ALA A 93 -4.52 9.53 8.67
C ALA A 93 -3.50 10.62 8.98
N GLY A 94 -2.69 10.94 7.97
CA GLY A 94 -1.67 11.96 8.12
C GLY A 94 -0.80 12.04 6.87
N PRO A 95 0.15 11.07 6.76
CA PRO A 95 1.05 11.03 5.61
C PRO A 95 0.33 10.51 4.37
N VAL A 96 0.14 9.20 4.32
CA VAL A 96 -0.53 8.58 3.20
C VAL A 96 -1.98 9.08 3.12
N HIS A 97 -2.43 9.32 1.90
CA HIS A 97 -3.78 9.80 1.68
C HIS A 97 -4.61 8.71 1.01
N ALA A 98 -4.09 8.22 -0.11
CA ALA A 98 -4.77 7.18 -0.86
C ALA A 98 -3.78 6.06 -1.20
N LEU A 99 -3.88 4.98 -0.45
CA LEU A 99 -3.00 3.84 -0.66
C LEU A 99 -3.83 2.63 -1.10
N ALA A 100 -3.51 2.14 -2.28
CA ALA A 100 -4.21 0.99 -2.84
C ALA A 100 -3.70 -0.29 -2.17
N ILE A 101 -4.47 -0.75 -1.19
CA ILE A 101 -4.10 -1.97 -0.47
C ILE A 101 -4.63 -3.19 -1.22
N GLN A 102 -3.81 -4.23 -1.24
CA GLN A 102 -4.18 -5.46 -1.92
C GLN A 102 -4.28 -6.61 -0.91
N ALA A 103 -5.52 -6.86 -0.48
CA ALA A 103 -5.76 -7.92 0.48
C ALA A 103 -6.17 -9.19 -0.27
N LYS A 104 -5.32 -10.20 -0.16
CA LYS A 104 -5.57 -11.47 -0.82
C LYS A 104 -5.34 -12.61 0.16
N THR A 105 -5.53 -13.82 -0.33
CA THR A 105 -5.35 -15.01 0.50
C THR A 105 -4.23 -15.88 -0.07
N PRO A 106 -3.75 -16.83 0.79
CA PRO A 106 -2.68 -17.74 0.39
C PRO A 106 -3.22 -18.81 -0.55
N ALA A 107 -4.51 -18.73 -0.84
CA ALA A 107 -5.15 -19.68 -1.73
C ALA A 107 -5.49 -19.00 -3.06
N GLN A 108 -5.41 -17.68 -3.04
CA GLN A 108 -5.70 -16.90 -4.23
C GLN A 108 -4.39 -16.41 -4.88
N TRP A 109 -3.44 -16.10 -4.02
CA TRP A 109 -2.14 -15.62 -4.48
C TRP A 109 -1.52 -16.70 -5.36
N ARG A 110 -1.77 -17.95 -4.97
CA ARG A 110 -1.23 -19.08 -5.70
C ARG A 110 -1.78 -19.09 -7.14
N GLU A 111 -3.07 -18.79 -7.25
CA GLU A 111 -3.71 -18.75 -8.55
C GLU A 111 -3.10 -17.65 -9.42
N ASN A 112 -3.03 -16.46 -8.85
CA ASN A 112 -2.47 -15.32 -9.55
C ASN A 112 -1.64 -14.47 -8.57
N PRO A 113 -0.38 -14.92 -8.35
CA PRO A 113 0.52 -14.22 -7.45
C PRO A 113 1.05 -12.94 -8.09
N GLN A 114 0.66 -12.74 -9.34
CA GLN A 114 1.09 -11.56 -10.08
C GLN A 114 0.24 -10.35 -9.70
N LEU A 115 0.90 -9.33 -9.19
CA LEU A 115 0.21 -8.12 -8.80
C LEU A 115 0.05 -7.19 -10.01
N ASP A 116 -0.81 -6.20 -9.86
CA ASP A 116 -1.06 -5.26 -10.93
C ASP A 116 -0.83 -3.84 -10.42
N ILE A 117 0.35 -3.65 -9.84
CA ILE A 117 0.73 -2.35 -9.31
C ILE A 117 1.61 -1.62 -10.32
N SER A 118 2.60 -2.33 -10.83
CA SER A 118 3.51 -1.77 -11.80
C SER A 118 4.39 -2.87 -12.39
N PRO A 119 4.66 -2.74 -13.72
CA PRO A 119 5.48 -3.72 -14.42
C PRO A 119 6.96 -3.52 -14.07
N PRO A 120 7.62 -4.67 -13.73
CA PRO A 120 9.03 -4.64 -13.38
C PRO A 120 9.90 -4.47 -14.62
N CYS A 121 9.86 -3.26 -15.18
CA CYS A 121 10.63 -2.95 -16.37
C CYS A 121 10.52 -4.13 -17.33
N LEU A 122 11.51 -4.21 -18.23
CA LEU A 122 11.53 -5.28 -19.21
C LEU A 122 12.71 -6.21 -18.90
N GLY A 123 13.90 -5.63 -18.90
CA GLY A 123 15.11 -6.39 -18.62
C GLY A 123 15.40 -7.37 -19.76
#